data_9KBN
#
_entry.id   9KBN
#
_cell.length_a   159.810
_cell.length_b   174.680
_cell.length_c   104.490
_cell.angle_alpha   90.000
_cell.angle_beta   90.000
_cell.angle_gamma   90.000
#
_symmetry.space_group_name_H-M   'P 21 21 21'
#
loop_
_entity.id
_entity.type
_entity.pdbx_description
1 polymer 'Detyrosinated tubulin alpha-1B chain'
2 polymer 'Tubulin beta chain'
3 polymer Stathmin-4
4 polymer 'Tubulin tyrosine ligase'
5 non-polymer "GUANOSINE-5'-TRIPHOSPHATE"
6 non-polymer 'MAGNESIUM ION'
7 non-polymer 'CALCIUM ION'
8 non-polymer '2-(N-MORPHOLINO)-ETHANESULFONIC ACID'
9 non-polymer 1-(2-chloranyl-3,5-dimethoxy-phenyl)-2-(4-fluorophenyl)-3-methyl-6-phenyl-pyridin-4-one
10 non-polymer N-[(7S)-1,2,3,10-tetramethoxy-9-oxo-6,7-dihydro-5H-benzo[d]heptalen-7-yl]ethanamide
11 non-polymer "GUANOSINE-5'-DIPHOSPHATE"
12 non-polymer 'PHOSPHOMETHYLPHOSPHONIC ACID ADENYLATE ESTER'
13 water water
#
loop_
_entity_poly.entity_id
_entity_poly.type
_entity_poly.pdbx_seq_one_letter_code
_entity_poly.pdbx_strand_id
1 'polypeptide(L)'
;MRECISIHVGQAGVQIGNACWELYCLEHGIQPDGQMPSDKTIGGGDDSFNTFFSETGAGKHVPRAVFVDLEPTVIDEVRT
GTYRQLFHPEQLITGKEDAANNYARGHYTIGKEIIDLVLDRIRKLADQCTGLQGFLVFHSFGGGTGSGFTSLLMERLSVD
YGKKSKLEFSIYPAPQVSTAVVEPYNSILTTHTTLEHSDCAFMVDNEAIYDICRRNLDIERPTYTNLNRLISQIVSSITA
SLRFDGALNVDLTEFQTNLVPYPRIHFPLATYAPVISAEKAYHEQLSVAEITNACFEPANQMVKCDPRHGKYMACCLLYR
GDVVPKDVNAAIATIKTKRSIQFVDWCPTGFKVGINYQPPTVVPGGDLAKVQRAVCMLSNTTAIAEAWARLDHKFDLMYA
KRAFVHWYVGEGMEEGEFSEAREDMAALEKDYEEVGVDSVEGEGEEEGEE
;
A,C
2 'polypeptide(L)'
;MREIVHIQAGQCGNQIGAKFWEVISDEHGIDPTGSYHGDSDLQLERINVYYNEATGNKYVPRAILVDLEPGTMDSVRSGP
FGQIFRPDNFVFGQSGAGNNWAKGHYTEGAELVDSVLDVVRKESESCDCLQGFQLTHSLGGGTGSGMGTLLISKIREEYP
DRIMNTFSVMPSPKVSDTVVEPYNATLSVHQLVENTDETYCIDNEALYDICFRTLKLTTPTYGDLNHLVSATMSGVTTCL
RFPGQLNADLRKLAVNMVPFPRLHFFMPGFAPLTSRGSQQYRALTVPELTQQMFDSKNMMAACDPRHGRYLTVAAIFRGR
MSMKEVDEQMLNVQNKNSSYFVEWIPNNVKTAVCDIPPRGLKMSATFIGNSTAIQELFKRISEQFTAMFRRKAFLHWYTG
EGMDEMEFTEAESNMNDLVSEYQQYQDATAD
;
B,D
3 'polypeptide(L)'
;MADMEVIELNKCTSGQSFEVILKPPSFDGVPEFNASLPRRRDPSLEEIQKKLEAAEERRKYQEAELLKHLAEKREHEREV
IQKAIEENNNFIKMAKEKLAQKMESNKENREAHLAAMLERLQEKDKHAEEVRKNKELKEEASR
;
E
4 'polypeptide(L)'
;MYTFVVRDENSSVYAEVSRLLLATGQWKRLRKDNPRFNLMLGERNRLPFGRLGHEPGLVQLVNYYRGADKLCRKASLVKL
IKTSPELSESCTWFPESYVIYPTNLKTPVAPAQNGIRHLINNTRTDEREVFLAAYNRRREGREGNVWIAKSSAGAKGEGI
LISSEASELLDFIDEQGQVHVIQKYLEKPLLLEPGHRKFDIRSWVLVDHLYNIYLYREGVLRTSSEPYNSANFQDKTCHL
TNHCIQKEYSKNYGRYEEGNEMFFEEFNQYLMDALNTTLENSILLQIKHIIRSCLMCIEPAISTKHLHYQSFQLFGFDFM
VDEELKVWLIEVNGAPACAQKLYAELCQGIVDVAISSVFPLADTGQKTSQPTSIFIKLHHHHHH
;
F
#
loop_
_chem_comp.id
_chem_comp.type
_chem_comp.name
_chem_comp.formula
ACP non-polymer 'PHOSPHOMETHYLPHOSPHONIC ACID ADENYLATE ESTER' 'C11 H18 N5 O12 P3'
CA non-polymer 'CALCIUM ION' 'Ca 2'
GDP RNA linking GUANOSINE-5'-DIPHOSPHATE 'C10 H15 N5 O11 P2'
GTP non-polymer GUANOSINE-5'-TRIPHOSPHATE 'C10 H16 N5 O14 P3'
LOC non-polymer N-[(7S)-1,2,3,10-tetramethoxy-9-oxo-6,7-dihydro-5H-benzo[d]heptalen-7-yl]ethanamide 'C22 H25 N O6'
MES non-polymer '2-(N-MORPHOLINO)-ETHANESULFONIC ACID' 'C6 H13 N O4 S'
MG non-polymer 'MAGNESIUM ION' 'Mg 2'
W4Q non-polymer 1-(2-chloranyl-3,5-dimethoxy-phenyl)-2-(4-fluorophenyl)-3-methyl-6-phenyl-pyridin-4-one 'C26 H21 Cl F N O3'
#
# COMPACT_ATOMS: atom_id res chain seq x y z
N MET A 1 -53.94 -17.39 -45.92
CA MET A 1 -52.73 -17.76 -45.13
C MET A 1 -52.27 -16.60 -44.25
N ARG A 2 -52.17 -16.86 -42.95
CA ARG A 2 -51.76 -15.87 -41.97
C ARG A 2 -50.31 -16.14 -41.56
N GLU A 3 -49.50 -15.09 -41.54
CA GLU A 3 -48.07 -15.23 -41.32
C GLU A 3 -47.71 -15.11 -39.85
N CYS A 4 -46.51 -15.62 -39.51
CA CYS A 4 -45.98 -15.55 -38.15
C CYS A 4 -44.53 -15.06 -38.22
N ILE A 5 -44.23 -14.00 -37.48
CA ILE A 5 -42.90 -13.42 -37.43
C ILE A 5 -42.20 -13.89 -36.17
N SER A 6 -40.93 -14.28 -36.30
CA SER A 6 -40.11 -14.74 -35.19
C SER A 6 -39.07 -13.68 -34.87
N ILE A 7 -38.92 -13.38 -33.58
CA ILE A 7 -37.97 -12.37 -33.10
C ILE A 7 -37.08 -13.04 -32.06
N HIS A 8 -35.78 -13.04 -32.30
CA HIS A 8 -34.80 -13.66 -31.43
C HIS A 8 -33.92 -12.58 -30.81
N VAL A 9 -33.89 -12.53 -29.47
CA VAL A 9 -33.28 -11.44 -28.72
C VAL A 9 -32.17 -12.02 -27.84
N GLY A 10 -30.95 -11.53 -28.06
CA GLY A 10 -29.83 -11.92 -27.23
C GLY A 10 -29.13 -13.17 -27.73
N GLN A 11 -28.16 -13.61 -26.95
CA GLN A 11 -27.36 -14.77 -27.35
C GLN A 11 -28.21 -16.03 -27.42
N ALA A 12 -28.92 -16.34 -26.32
CA ALA A 12 -29.70 -17.58 -26.28
C ALA A 12 -30.76 -17.61 -27.36
N GLY A 13 -31.51 -16.51 -27.51
CA GLY A 13 -32.55 -16.49 -28.52
C GLY A 13 -32.01 -16.62 -29.93
N VAL A 14 -30.86 -15.99 -30.20
CA VAL A 14 -30.27 -16.06 -31.53
C VAL A 14 -29.74 -17.47 -31.81
N GLN A 15 -29.00 -18.03 -30.86
CA GLN A 15 -28.40 -19.35 -31.08
C GLN A 15 -29.47 -20.43 -31.14
N ILE A 16 -30.50 -20.32 -30.31
CA ILE A 16 -31.66 -21.20 -30.44
C ILE A 16 -32.39 -20.91 -31.75
N GLY A 17 -32.50 -19.64 -32.11
CA GLY A 17 -33.16 -19.29 -33.36
C GLY A 17 -32.55 -20.00 -34.55
N ASN A 18 -31.22 -20.09 -34.58
CA ASN A 18 -30.57 -20.77 -35.70
C ASN A 18 -30.91 -22.25 -35.71
N ALA A 19 -30.78 -22.92 -34.57
CA ALA A 19 -31.12 -24.34 -34.52
C ALA A 19 -32.53 -24.58 -35.00
N CYS A 20 -33.46 -23.66 -34.69
CA CYS A 20 -34.83 -23.81 -35.14
C CYS A 20 -34.96 -23.63 -36.64
N TRP A 21 -34.39 -22.56 -37.18
CA TRP A 21 -34.46 -22.34 -38.62
C TRP A 21 -33.60 -23.33 -39.39
N GLU A 22 -32.56 -23.89 -38.76
CA GLU A 22 -31.84 -25.00 -39.37
C GLU A 22 -32.78 -26.19 -39.55
N LEU A 23 -33.54 -26.51 -38.49
CA LEU A 23 -34.44 -27.66 -38.54
C LEU A 23 -35.61 -27.40 -39.48
N TYR A 24 -36.17 -26.18 -39.43
CA TYR A 24 -37.28 -25.85 -40.32
C TYR A 24 -36.92 -26.11 -41.78
N CYS A 25 -35.71 -25.72 -42.18
CA CYS A 25 -35.30 -25.93 -43.57
C CYS A 25 -35.26 -27.41 -43.91
N LEU A 26 -34.75 -28.25 -43.00
CA LEU A 26 -34.72 -29.68 -43.26
C LEU A 26 -36.12 -30.27 -43.30
N GLU A 27 -37.00 -29.85 -42.39
CA GLU A 27 -38.35 -30.40 -42.36
C GLU A 27 -39.12 -30.06 -43.62
N HIS A 28 -38.80 -28.93 -44.25
CA HIS A 28 -39.50 -28.48 -45.45
C HIS A 28 -38.69 -28.72 -46.72
N GLY A 29 -37.47 -29.20 -46.61
CA GLY A 29 -36.64 -29.42 -47.79
C GLY A 29 -36.05 -28.17 -48.37
N ILE A 30 -35.98 -27.09 -47.61
CA ILE A 30 -35.38 -25.84 -48.08
C ILE A 30 -33.88 -25.96 -47.95
N GLN A 31 -33.18 -25.70 -49.05
CA GLN A 31 -31.73 -25.81 -49.06
C GLN A 31 -31.10 -24.61 -48.37
N PRO A 32 -29.82 -24.70 -48.00
CA PRO A 32 -29.17 -23.56 -47.34
C PRO A 32 -29.22 -22.28 -48.17
N ASP A 33 -29.15 -22.38 -49.49
CA ASP A 33 -29.21 -21.22 -50.36
C ASP A 33 -30.59 -20.57 -50.39
N GLY A 34 -31.62 -21.24 -49.85
CA GLY A 34 -32.95 -20.71 -49.81
C GLY A 34 -33.89 -21.27 -50.87
N GLN A 35 -33.37 -22.00 -51.85
CA GLN A 35 -34.19 -22.57 -52.90
C GLN A 35 -34.57 -24.00 -52.52
N MET A 36 -35.87 -24.27 -52.44
CA MET A 36 -36.38 -25.61 -52.14
C MET A 36 -36.95 -26.22 -53.41
N PRO A 37 -36.41 -27.33 -53.91
CA PRO A 37 -36.99 -27.93 -55.13
C PRO A 37 -38.44 -28.36 -54.94
N SER A 38 -38.87 -28.65 -53.72
CA SER A 38 -40.20 -29.17 -53.48
C SER A 38 -41.30 -28.15 -53.77
N ASP A 39 -40.96 -26.86 -53.86
CA ASP A 39 -41.97 -25.83 -54.01
C ASP A 39 -42.35 -25.69 -55.48
N LYS A 40 -43.65 -25.81 -55.76
CA LYS A 40 -44.16 -25.59 -57.11
C LYS A 40 -44.66 -24.15 -57.30
N THR A 41 -45.16 -23.52 -56.24
CA THR A 41 -45.61 -22.14 -56.29
C THR A 41 -44.40 -21.24 -56.06
N ILE A 42 -43.84 -20.68 -57.14
CA ILE A 42 -42.67 -19.82 -57.05
C ILE A 42 -43.10 -18.39 -56.80
N GLY A 43 -42.23 -17.65 -56.12
CA GLY A 43 -42.52 -16.25 -55.86
C GLY A 43 -43.73 -15.96 -55.00
N GLY A 44 -44.28 -16.97 -54.33
CA GLY A 44 -45.43 -16.78 -53.46
C GLY A 44 -46.19 -18.08 -53.32
N GLY A 45 -47.34 -17.97 -52.68
CA GLY A 45 -48.21 -19.12 -52.45
C GLY A 45 -48.93 -18.95 -51.13
N ASP A 46 -50.03 -19.70 -51.00
CA ASP A 46 -50.82 -19.74 -49.78
C ASP A 46 -50.61 -21.04 -49.02
N ASP A 47 -49.46 -21.67 -49.19
CA ASP A 47 -49.15 -22.90 -48.48
C ASP A 47 -48.99 -22.63 -46.97
N SER A 48 -49.14 -23.68 -46.18
CA SER A 48 -49.00 -23.54 -44.74
C SER A 48 -47.56 -23.26 -44.33
N PHE A 49 -46.59 -23.78 -45.08
CA PHE A 49 -45.20 -23.53 -44.76
C PHE A 49 -44.78 -22.11 -45.08
N ASN A 50 -45.60 -21.37 -45.83
CA ASN A 50 -45.34 -19.96 -46.06
C ASN A 50 -45.63 -19.11 -44.83
N THR A 51 -46.29 -19.67 -43.81
CA THR A 51 -46.53 -18.90 -42.59
CA THR A 51 -46.53 -18.92 -42.59
C THR A 51 -45.22 -18.48 -41.93
N PHE A 52 -44.15 -19.27 -42.11
CA PHE A 52 -42.85 -18.97 -41.55
C PHE A 52 -41.83 -18.52 -42.58
N PHE A 53 -42.12 -18.68 -43.87
CA PHE A 53 -41.19 -18.31 -44.93
C PHE A 53 -41.89 -17.41 -45.93
N SER A 54 -41.20 -16.38 -46.37
CA SER A 54 -41.59 -15.59 -47.52
C SER A 54 -40.84 -16.10 -48.74
N GLU A 55 -41.36 -15.74 -49.92
CA GLU A 55 -40.78 -16.17 -51.18
C GLU A 55 -40.39 -14.97 -52.02
N THR A 56 -39.30 -15.12 -52.76
CA THR A 56 -38.83 -14.13 -53.71
C THR A 56 -38.92 -14.69 -55.13
N GLY A 57 -39.00 -13.78 -56.10
CA GLY A 57 -39.07 -14.20 -57.49
C GLY A 57 -37.91 -15.08 -57.92
N ALA A 58 -36.78 -15.00 -57.22
CA ALA A 58 -35.63 -15.83 -57.55
C ALA A 58 -35.75 -17.25 -57.03
N GLY A 59 -36.77 -17.55 -56.23
CA GLY A 59 -36.95 -18.87 -55.65
C GLY A 59 -36.45 -18.99 -54.23
N LYS A 60 -35.82 -17.95 -53.68
CA LYS A 60 -35.34 -18.01 -52.31
C LYS A 60 -36.53 -17.91 -51.34
N HIS A 61 -36.54 -18.79 -50.34
CA HIS A 61 -37.55 -18.77 -49.30
C HIS A 61 -36.94 -18.11 -48.07
N VAL A 62 -37.35 -16.87 -47.80
CA VAL A 62 -36.72 -16.03 -46.80
C VAL A 62 -37.50 -16.19 -45.49
N PRO A 63 -36.87 -16.61 -44.39
CA PRO A 63 -37.60 -16.70 -43.12
C PRO A 63 -38.20 -15.37 -42.71
N ARG A 64 -39.36 -15.43 -42.06
CA ARG A 64 -40.00 -14.24 -41.49
C ARG A 64 -39.48 -14.01 -40.07
N ALA A 65 -38.17 -13.77 -39.97
CA ALA A 65 -37.48 -13.73 -38.70
C ALA A 65 -36.58 -12.50 -38.60
N VAL A 66 -36.38 -12.05 -37.36
CA VAL A 66 -35.46 -10.97 -37.04
C VAL A 66 -34.60 -11.42 -35.86
N PHE A 67 -33.28 -11.33 -36.03
CA PHE A 67 -32.33 -11.53 -34.94
C PHE A 67 -31.84 -10.18 -34.46
N VAL A 68 -31.79 -10.00 -33.14
CA VAL A 68 -31.34 -8.75 -32.55
C VAL A 68 -30.46 -9.06 -31.34
N ASP A 69 -29.30 -8.40 -31.28
CA ASP A 69 -28.41 -8.51 -30.14
C ASP A 69 -27.67 -7.19 -29.99
N LEU A 70 -27.28 -6.87 -28.76
CA LEU A 70 -26.61 -5.61 -28.46
C LEU A 70 -25.10 -5.68 -28.66
N GLU A 71 -24.56 -6.84 -29.01
CA GLU A 71 -23.17 -6.97 -29.44
C GLU A 71 -23.13 -7.95 -30.60
N PRO A 72 -22.18 -7.82 -31.51
CA PRO A 72 -22.23 -8.54 -32.79
C PRO A 72 -21.61 -9.93 -32.81
N THR A 73 -21.07 -10.42 -31.70
CA THR A 73 -20.34 -11.69 -31.74
C THR A 73 -21.22 -12.83 -32.22
N VAL A 74 -22.43 -12.95 -31.67
CA VAL A 74 -23.27 -14.12 -31.97
C VAL A 74 -23.86 -14.01 -33.37
N ILE A 75 -24.42 -12.84 -33.70
CA ILE A 75 -25.06 -12.69 -35.00
C ILE A 75 -24.06 -12.63 -36.14
N ASP A 76 -22.79 -12.31 -35.86
CA ASP A 76 -21.78 -12.38 -36.90
C ASP A 76 -21.65 -13.81 -37.43
N GLU A 77 -21.70 -14.79 -36.54
CA GLU A 77 -21.64 -16.18 -36.98
C GLU A 77 -22.81 -16.52 -37.89
N VAL A 78 -24.00 -16.00 -37.58
CA VAL A 78 -25.15 -16.17 -38.49
C VAL A 78 -24.80 -15.63 -39.88
N ARG A 79 -24.27 -14.40 -39.93
CA ARG A 79 -23.94 -13.77 -41.20
C ARG A 79 -22.90 -14.55 -41.99
N THR A 80 -22.13 -15.42 -41.33
CA THR A 80 -21.09 -16.20 -42.00
C THR A 80 -21.26 -17.70 -41.77
N GLY A 81 -22.47 -18.12 -41.37
CA GLY A 81 -22.72 -19.53 -41.13
C GLY A 81 -23.12 -20.27 -42.39
N THR A 82 -23.36 -21.58 -42.21
CA THR A 82 -23.77 -22.41 -43.34
C THR A 82 -25.02 -21.87 -44.00
N TYR A 83 -25.87 -21.16 -43.24
CA TYR A 83 -27.13 -20.62 -43.73
C TYR A 83 -27.06 -19.12 -43.93
N ARG A 84 -25.86 -18.58 -44.15
CA ARG A 84 -25.72 -17.13 -44.29
C ARG A 84 -26.61 -16.60 -45.39
N GLN A 85 -26.66 -17.29 -46.53
CA GLN A 85 -27.45 -16.82 -47.67
C GLN A 85 -28.94 -16.74 -47.37
N LEU A 86 -29.40 -17.31 -46.26
CA LEU A 86 -30.83 -17.57 -46.11
C LEU A 86 -31.63 -16.31 -45.80
N PHE A 87 -31.05 -15.39 -45.01
CA PHE A 87 -31.70 -14.15 -44.59
C PHE A 87 -31.03 -12.98 -45.29
N HIS A 88 -31.82 -11.97 -45.64
CA HIS A 88 -31.26 -10.72 -46.10
C HIS A 88 -30.56 -10.03 -44.92
N PRO A 89 -29.40 -9.43 -45.14
CA PRO A 89 -28.67 -8.82 -44.01
C PRO A 89 -29.51 -7.90 -43.13
N GLU A 90 -30.54 -7.25 -43.67
CA GLU A 90 -31.34 -6.31 -42.88
C GLU A 90 -32.01 -6.98 -41.70
N GLN A 91 -32.33 -8.27 -41.81
CA GLN A 91 -33.01 -8.99 -40.72
C GLN A 91 -32.11 -9.20 -39.51
N LEU A 92 -30.82 -8.92 -39.62
CA LEU A 92 -29.85 -9.17 -38.57
C LEU A 92 -29.36 -7.82 -38.02
N ILE A 93 -29.77 -7.49 -36.80
CA ILE A 93 -29.46 -6.23 -36.15
C ILE A 93 -28.45 -6.50 -35.05
N THR A 94 -27.42 -5.68 -34.96
CA THR A 94 -26.39 -5.82 -33.92
C THR A 94 -25.97 -4.45 -33.40
N GLY A 95 -25.70 -4.39 -32.10
CA GLY A 95 -25.17 -3.20 -31.47
C GLY A 95 -23.65 -3.26 -31.37
N LYS A 96 -23.12 -2.41 -30.49
CA LYS A 96 -21.68 -2.30 -30.29
C LYS A 96 -21.22 -2.98 -29.00
N GLU A 97 -21.83 -2.61 -27.86
CA GLU A 97 -21.52 -3.23 -26.58
C GLU A 97 -22.81 -3.73 -25.94
N ASP A 98 -22.72 -4.85 -25.24
CA ASP A 98 -23.90 -5.56 -24.77
C ASP A 98 -24.45 -4.93 -23.49
N ALA A 99 -25.50 -5.56 -22.96
CA ALA A 99 -26.15 -5.11 -21.73
C ALA A 99 -25.43 -5.60 -20.48
N ALA A 100 -24.37 -6.39 -20.63
CA ALA A 100 -23.52 -6.79 -19.50
C ALA A 100 -24.35 -7.42 -18.38
N ASN A 101 -25.21 -8.35 -18.74
CA ASN A 101 -26.03 -9.10 -17.79
C ASN A 101 -26.89 -8.19 -16.91
N ASN A 102 -27.14 -6.96 -17.36
CA ASN A 102 -27.88 -5.97 -16.58
C ASN A 102 -29.22 -5.71 -17.27
N TYR A 103 -30.30 -6.15 -16.63
CA TYR A 103 -31.64 -5.92 -17.19
C TYR A 103 -31.87 -4.45 -17.48
N ALA A 104 -31.39 -3.57 -16.60
CA ALA A 104 -31.60 -2.14 -16.77
C ALA A 104 -30.84 -1.62 -17.98
N ARG A 105 -29.63 -2.11 -18.20
CA ARG A 105 -28.84 -1.66 -19.34
C ARG A 105 -29.51 -2.04 -20.65
N GLY A 106 -30.11 -3.23 -20.71
CA GLY A 106 -30.78 -3.66 -21.93
C GLY A 106 -32.14 -3.03 -22.12
N HIS A 107 -32.82 -2.70 -21.02
CA HIS A 107 -34.17 -2.14 -21.10
C HIS A 107 -34.16 -0.62 -21.21
N TYR A 108 -33.46 0.07 -20.31
CA TYR A 108 -33.48 1.52 -20.25
C TYR A 108 -32.35 2.14 -21.06
N THR A 109 -31.11 1.89 -20.67
CA THR A 109 -29.96 2.54 -21.28
C THR A 109 -29.89 2.25 -22.78
N ILE A 110 -29.66 1.00 -23.14
CA ILE A 110 -29.44 0.66 -24.55
C ILE A 110 -30.75 0.37 -25.29
N GLY A 111 -31.78 -0.09 -24.58
CA GLY A 111 -33.05 -0.36 -25.24
C GLY A 111 -33.62 0.86 -25.93
N LYS A 112 -33.55 2.02 -25.28
CA LYS A 112 -34.08 3.23 -25.88
C LYS A 112 -33.32 3.61 -27.15
N GLU A 113 -32.04 3.25 -27.23
CA GLU A 113 -31.22 3.67 -28.36
C GLU A 113 -31.41 2.79 -29.59
N ILE A 114 -32.07 1.64 -29.47
CA ILE A 114 -32.13 0.69 -30.57
C ILE A 114 -33.56 0.23 -30.84
N ILE A 115 -34.48 0.59 -29.95
CA ILE A 115 -35.86 0.09 -30.08
C ILE A 115 -36.47 0.54 -31.40
N ASP A 116 -36.25 1.80 -31.78
CA ASP A 116 -36.88 2.33 -32.99
C ASP A 116 -36.39 1.61 -34.23
N LEU A 117 -35.09 1.33 -34.32
CA LEU A 117 -34.57 0.60 -35.46
C LEU A 117 -35.16 -0.81 -35.54
N VAL A 118 -35.25 -1.49 -34.39
CA VAL A 118 -35.77 -2.86 -34.38
C VAL A 118 -37.22 -2.88 -34.84
N LEU A 119 -38.04 -1.96 -34.31
CA LEU A 119 -39.45 -1.94 -34.70
C LEU A 119 -39.63 -1.62 -36.18
N ASP A 120 -38.73 -0.80 -36.74
CA ASP A 120 -38.81 -0.52 -38.17
C ASP A 120 -38.54 -1.77 -38.99
N ARG A 121 -37.54 -2.55 -38.60
CA ARG A 121 -37.22 -3.77 -39.34
C ARG A 121 -38.31 -4.82 -39.16
N ILE A 122 -38.93 -4.89 -37.98
CA ILE A 122 -40.09 -5.74 -37.81
C ILE A 122 -41.23 -5.28 -38.71
N ARG A 123 -41.47 -3.97 -38.76
CA ARG A 123 -42.55 -3.46 -39.58
C ARG A 123 -42.29 -3.69 -41.07
N LYS A 124 -41.02 -3.77 -41.48
CA LYS A 124 -40.72 -4.12 -42.87
C LYS A 124 -41.21 -5.51 -43.21
N LEU A 125 -41.05 -6.45 -42.28
CA LEU A 125 -41.55 -7.80 -42.52
C LEU A 125 -43.07 -7.84 -42.44
N ALA A 126 -43.66 -7.06 -41.53
CA ALA A 126 -45.12 -7.01 -41.42
C ALA A 126 -45.75 -6.48 -42.71
N ASP A 127 -45.08 -5.54 -43.38
CA ASP A 127 -45.61 -5.01 -44.63
C ASP A 127 -45.66 -6.08 -45.72
N GLN A 128 -44.80 -7.08 -45.63
CA GLN A 128 -44.83 -8.22 -46.53
C GLN A 128 -45.83 -9.30 -46.10
N CYS A 129 -46.70 -8.99 -45.14
CA CYS A 129 -47.67 -9.94 -44.60
C CYS A 129 -49.08 -9.48 -44.95
N THR A 130 -49.92 -10.41 -45.41
CA THR A 130 -51.31 -10.12 -45.72
C THR A 130 -52.23 -10.36 -44.53
N GLY A 131 -51.93 -11.38 -43.73
CA GLY A 131 -52.75 -11.69 -42.57
C GLY A 131 -51.92 -12.06 -41.34
N LEU A 132 -50.98 -11.18 -40.98
CA LEU A 132 -50.09 -11.43 -39.86
C LEU A 132 -50.86 -11.82 -38.61
N GLN A 133 -50.42 -12.92 -37.97
CA GLN A 133 -51.07 -13.43 -36.77
C GLN A 133 -50.46 -12.81 -35.51
N GLY A 134 -49.16 -12.92 -35.36
CA GLY A 134 -48.52 -12.48 -34.13
C GLY A 134 -47.03 -12.73 -34.19
N PHE A 135 -46.40 -12.78 -33.01
CA PHE A 135 -44.96 -12.89 -32.91
C PHE A 135 -44.58 -14.05 -31.99
N LEU A 136 -43.49 -14.72 -32.36
CA LEU A 136 -42.84 -15.73 -31.51
C LEU A 136 -41.49 -15.17 -31.09
N VAL A 137 -41.33 -14.94 -29.79
CA VAL A 137 -40.17 -14.24 -29.24
C VAL A 137 -39.30 -15.24 -28.49
N PHE A 138 -38.08 -15.45 -28.98
CA PHE A 138 -37.11 -16.33 -28.34
C PHE A 138 -36.11 -15.48 -27.58
N HIS A 139 -35.88 -15.81 -26.31
CA HIS A 139 -34.98 -15.02 -25.48
C HIS A 139 -34.67 -15.78 -24.20
N SER A 140 -33.62 -15.34 -23.51
CA SER A 140 -33.26 -15.88 -22.21
C SER A 140 -33.78 -14.97 -21.11
N PHE A 141 -34.08 -15.58 -19.95
CA PHE A 141 -34.43 -14.81 -18.77
C PHE A 141 -33.22 -14.15 -18.13
N GLY A 142 -32.01 -14.67 -18.37
CA GLY A 142 -30.84 -14.26 -17.61
C GLY A 142 -30.03 -13.14 -18.23
N GLY A 143 -29.82 -13.20 -19.54
CA GLY A 143 -29.02 -12.19 -20.20
C GLY A 143 -29.58 -10.79 -20.02
N GLY A 144 -28.67 -9.81 -20.06
CA GLY A 144 -29.11 -8.42 -19.98
C GLY A 144 -29.95 -8.00 -21.17
N THR A 145 -29.56 -8.45 -22.37
CA THR A 145 -30.37 -8.19 -23.56
C THR A 145 -31.62 -9.08 -23.54
N GLY A 146 -31.44 -10.38 -23.31
CA GLY A 146 -32.58 -11.29 -23.34
C GLY A 146 -33.68 -10.91 -22.38
N SER A 147 -33.31 -10.34 -21.23
CA SER A 147 -34.30 -9.96 -20.22
C SER A 147 -34.73 -8.50 -20.36
N GLY A 148 -33.77 -7.59 -20.51
CA GLY A 148 -34.05 -6.18 -20.53
C GLY A 148 -34.68 -5.68 -21.82
N PHE A 149 -34.02 -5.93 -22.95
CA PHE A 149 -34.55 -5.45 -24.22
C PHE A 149 -35.85 -6.15 -24.59
N THR A 150 -35.94 -7.45 -24.32
CA THR A 150 -37.15 -8.19 -24.69
C THR A 150 -38.38 -7.58 -24.04
N SER A 151 -38.30 -7.28 -22.75
CA SER A 151 -39.46 -6.69 -22.07
C SER A 151 -39.84 -5.36 -22.71
N LEU A 152 -38.85 -4.60 -23.16
CA LEU A 152 -39.15 -3.35 -23.84
C LEU A 152 -39.82 -3.60 -25.17
N LEU A 153 -39.30 -4.54 -25.95
CA LEU A 153 -39.90 -4.85 -27.25
C LEU A 153 -41.33 -5.35 -27.08
N MET A 154 -41.56 -6.25 -26.12
CA MET A 154 -42.91 -6.76 -25.92
C MET A 154 -43.89 -5.64 -25.58
N GLU A 155 -43.45 -4.64 -24.83
CA GLU A 155 -44.31 -3.49 -24.54
C GLU A 155 -44.64 -2.72 -25.81
N ARG A 156 -43.64 -2.49 -26.66
CA ARG A 156 -43.88 -1.74 -27.90
C ARG A 156 -44.72 -2.54 -28.88
N LEU A 157 -44.52 -3.87 -28.94
CA LEU A 157 -45.33 -4.68 -29.83
C LEU A 157 -46.79 -4.65 -29.44
N SER A 158 -47.08 -4.68 -28.13
CA SER A 158 -48.45 -4.50 -27.69
C SER A 158 -49.03 -3.15 -28.09
N VAL A 159 -48.18 -2.18 -28.41
CA VAL A 159 -48.64 -0.86 -28.85
C VAL A 159 -48.78 -0.81 -30.37
N ASP A 160 -47.74 -1.20 -31.11
CA ASP A 160 -47.76 -1.11 -32.56
C ASP A 160 -48.61 -2.19 -33.21
N TYR A 161 -48.84 -3.31 -32.54
CA TYR A 161 -49.65 -4.42 -33.05
C TYR A 161 -50.62 -4.88 -31.99
N GLY A 162 -51.40 -3.93 -31.44
CA GLY A 162 -52.21 -4.23 -30.26
C GLY A 162 -53.03 -5.51 -30.38
N LYS A 163 -53.65 -5.73 -31.54
CA LYS A 163 -54.56 -6.86 -31.70
C LYS A 163 -53.82 -8.18 -31.86
N LYS A 164 -52.53 -8.15 -32.18
CA LYS A 164 -51.82 -9.36 -32.55
C LYS A 164 -51.32 -10.12 -31.32
N SER A 165 -51.15 -11.42 -31.49
CA SER A 165 -50.75 -12.31 -30.40
C SER A 165 -49.23 -12.42 -30.31
N LYS A 166 -48.75 -12.71 -29.10
CA LYS A 166 -47.31 -12.80 -28.85
C LYS A 166 -47.04 -14.03 -27.99
N LEU A 167 -46.15 -14.90 -28.48
CA LEU A 167 -45.74 -16.09 -27.78
C LEU A 167 -44.26 -16.02 -27.41
N GLU A 168 -43.92 -16.50 -26.23
CA GLU A 168 -42.56 -16.47 -25.72
C GLU A 168 -41.98 -17.87 -25.66
N PHE A 169 -40.68 -17.96 -25.96
CA PHE A 169 -39.86 -19.15 -25.71
C PHE A 169 -38.70 -18.69 -24.86
N SER A 170 -38.80 -18.92 -23.55
CA SER A 170 -37.92 -18.32 -22.56
C SER A 170 -37.00 -19.37 -21.95
N ILE A 171 -35.70 -19.04 -21.88
CA ILE A 171 -34.70 -19.93 -21.31
C ILE A 171 -34.54 -19.58 -19.83
N TYR A 172 -34.97 -20.48 -18.97
CA TYR A 172 -34.90 -20.30 -17.52
C TYR A 172 -33.49 -20.61 -17.04
N PRO A 173 -32.88 -19.75 -16.22
CA PRO A 173 -31.46 -19.92 -15.89
C PRO A 173 -31.21 -21.11 -15.00
N ALA A 174 -30.05 -21.74 -15.19
CA ALA A 174 -29.67 -22.92 -14.43
C ALA A 174 -28.19 -22.84 -14.06
N PRO A 175 -27.84 -23.07 -12.79
CA PRO A 175 -26.41 -22.97 -12.41
C PRO A 175 -25.51 -23.86 -13.24
N GLN A 176 -26.01 -25.03 -13.69
CA GLN A 176 -25.16 -25.96 -14.43
C GLN A 176 -24.71 -25.39 -15.76
N VAL A 177 -25.50 -24.48 -16.35
CA VAL A 177 -25.27 -24.01 -17.72
C VAL A 177 -25.01 -22.50 -17.65
N SER A 178 -23.76 -22.15 -17.40
CA SER A 178 -23.26 -20.79 -17.59
C SER A 178 -24.27 -19.72 -17.20
N THR A 179 -24.52 -19.57 -15.92
CA THR A 179 -25.38 -18.50 -15.45
C THR A 179 -24.54 -17.37 -14.87
N ALA A 180 -25.22 -16.37 -14.28
CA ALA A 180 -24.57 -15.27 -13.60
C ALA A 180 -25.31 -15.04 -12.28
N VAL A 181 -24.58 -14.51 -11.29
CA VAL A 181 -25.15 -14.37 -9.96
C VAL A 181 -26.42 -13.53 -10.00
N VAL A 182 -26.53 -12.62 -10.97
CA VAL A 182 -27.65 -11.67 -11.03
C VAL A 182 -28.76 -12.15 -11.95
N GLU A 183 -28.66 -13.34 -12.53
CA GLU A 183 -29.73 -13.80 -13.41
C GLU A 183 -31.06 -13.94 -12.69
N PRO A 184 -31.13 -14.35 -11.42
CA PRO A 184 -32.42 -14.30 -10.72
C PRO A 184 -33.04 -12.92 -10.73
N TYR A 185 -32.24 -11.87 -10.61
CA TYR A 185 -32.78 -10.51 -10.72
C TYR A 185 -33.38 -10.28 -12.10
N ASN A 186 -32.61 -10.58 -13.15
CA ASN A 186 -33.09 -10.31 -14.51
C ASN A 186 -34.33 -11.13 -14.83
N SER A 187 -34.37 -12.38 -14.39
CA SER A 187 -35.51 -13.24 -14.70
C SER A 187 -36.78 -12.71 -14.07
N ILE A 188 -36.70 -12.18 -12.85
CA ILE A 188 -37.90 -11.68 -12.18
C ILE A 188 -38.35 -10.37 -12.83
N LEU A 189 -37.41 -9.48 -13.13
CA LEU A 189 -37.78 -8.19 -13.70
C LEU A 189 -38.44 -8.35 -15.06
N THR A 190 -37.89 -9.21 -15.92
CA THR A 190 -38.43 -9.33 -17.28
C THR A 190 -39.76 -10.06 -17.28
N THR A 191 -39.97 -10.98 -16.35
CA THR A 191 -41.28 -11.64 -16.23
C THR A 191 -42.35 -10.63 -15.83
N HIS A 192 -42.05 -9.79 -14.83
CA HIS A 192 -43.02 -8.81 -14.37
C HIS A 192 -43.41 -7.84 -15.48
N THR A 193 -42.43 -7.34 -16.23
CA THR A 193 -42.72 -6.35 -17.26
C THR A 193 -43.36 -6.98 -18.49
N THR A 194 -43.12 -8.27 -18.72
CA THR A 194 -43.61 -8.95 -19.91
C THR A 194 -44.90 -9.73 -19.67
N LEU A 195 -45.32 -9.89 -18.42
CA LEU A 195 -46.41 -10.80 -18.11
C LEU A 195 -47.70 -10.41 -18.82
N GLU A 196 -48.05 -9.11 -18.79
CA GLU A 196 -49.31 -8.66 -19.37
C GLU A 196 -49.25 -8.55 -20.89
N HIS A 197 -48.08 -8.70 -21.50
CA HIS A 197 -47.94 -8.60 -22.94
C HIS A 197 -47.72 -9.95 -23.62
N SER A 198 -47.68 -11.03 -22.86
CA SER A 198 -47.40 -12.37 -23.38
C SER A 198 -48.64 -13.24 -23.25
N ASP A 199 -49.15 -13.71 -24.39
CA ASP A 199 -50.35 -14.55 -24.37
C ASP A 199 -50.05 -15.98 -23.95
N CYS A 200 -48.86 -16.49 -24.31
CA CYS A 200 -48.47 -17.85 -23.95
C CYS A 200 -46.95 -17.94 -24.01
N ALA A 201 -46.35 -18.45 -22.95
CA ALA A 201 -44.89 -18.51 -22.84
C ALA A 201 -44.47 -19.93 -22.48
N PHE A 202 -43.56 -20.49 -23.28
CA PHE A 202 -43.04 -21.83 -23.04
C PHE A 202 -41.65 -21.71 -22.43
N MET A 203 -41.56 -21.93 -21.12
CA MET A 203 -40.28 -21.91 -20.43
C MET A 203 -39.51 -23.20 -20.71
N VAL A 204 -38.19 -23.06 -20.79
CA VAL A 204 -37.28 -24.18 -20.96
C VAL A 204 -36.15 -23.99 -19.94
N ASP A 205 -36.09 -24.90 -18.97
CA ASP A 205 -35.06 -24.83 -17.94
C ASP A 205 -33.80 -25.53 -18.42
N ASN A 206 -32.69 -24.80 -18.48
CA ASN A 206 -31.44 -25.39 -18.94
C ASN A 206 -31.02 -26.56 -18.05
N GLU A 207 -31.44 -26.57 -16.79
CA GLU A 207 -31.19 -27.74 -15.95
C GLU A 207 -31.81 -28.99 -16.56
N ALA A 208 -33.10 -28.93 -16.91
CA ALA A 208 -33.77 -30.08 -17.50
C ALA A 208 -33.15 -30.46 -18.83
N ILE A 209 -32.88 -29.48 -19.70
CA ILE A 209 -32.25 -29.77 -20.98
C ILE A 209 -30.88 -30.38 -20.76
N TYR A 210 -30.14 -29.87 -19.77
CA TYR A 210 -28.82 -30.38 -19.46
C TYR A 210 -28.88 -31.83 -19.02
N ASP A 211 -29.78 -32.15 -18.08
CA ASP A 211 -29.86 -33.52 -17.56
C ASP A 211 -30.36 -34.48 -18.64
N ILE A 212 -31.34 -34.06 -19.43
CA ILE A 212 -31.80 -34.91 -20.53
C ILE A 212 -30.66 -35.23 -21.47
N CYS A 213 -29.88 -34.20 -21.84
CA CYS A 213 -28.74 -34.41 -22.73
C CYS A 213 -27.71 -35.33 -22.10
N ARG A 214 -27.39 -35.12 -20.83
CA ARG A 214 -26.32 -35.88 -20.20
C ARG A 214 -26.74 -37.31 -19.85
N ARG A 215 -28.04 -37.55 -19.67
CA ARG A 215 -28.54 -38.87 -19.30
C ARG A 215 -28.98 -39.69 -20.52
N ASN A 216 -29.85 -39.13 -21.36
CA ASN A 216 -30.40 -39.86 -22.49
C ASN A 216 -29.52 -39.85 -23.73
N LEU A 217 -28.60 -38.89 -23.85
CA LEU A 217 -27.70 -38.82 -24.99
C LEU A 217 -26.26 -39.15 -24.64
N ASP A 218 -25.96 -39.41 -23.37
CA ASP A 218 -24.62 -39.81 -22.94
C ASP A 218 -23.57 -38.78 -23.37
N ILE A 219 -23.87 -37.51 -23.08
CA ILE A 219 -22.97 -36.41 -23.34
C ILE A 219 -22.49 -35.89 -22.00
N GLU A 220 -21.23 -36.17 -21.66
CA GLU A 220 -20.71 -35.85 -20.34
C GLU A 220 -20.90 -34.37 -20.01
N ARG A 221 -20.47 -33.49 -20.92
CA ARG A 221 -20.56 -32.04 -20.71
C ARG A 221 -21.30 -31.44 -21.90
N PRO A 222 -22.64 -31.36 -21.82
CA PRO A 222 -23.39 -30.78 -22.93
C PRO A 222 -22.95 -29.35 -23.24
N THR A 223 -22.84 -29.05 -24.53
CA THR A 223 -22.55 -27.71 -25.01
C THR A 223 -23.83 -27.03 -25.44
N TYR A 224 -23.73 -25.74 -25.75
CA TYR A 224 -24.89 -25.00 -26.23
C TYR A 224 -25.42 -25.59 -27.53
N THR A 225 -24.56 -26.21 -28.33
CA THR A 225 -25.04 -26.89 -29.53
C THR A 225 -25.92 -28.06 -29.17
N ASN A 226 -25.50 -28.88 -28.20
CA ASN A 226 -26.30 -30.02 -27.79
C ASN A 226 -27.67 -29.57 -27.29
N LEU A 227 -27.69 -28.55 -26.43
CA LEU A 227 -28.96 -28.12 -25.84
C LEU A 227 -29.85 -27.48 -26.89
N ASN A 228 -29.28 -26.62 -27.74
CA ASN A 228 -30.10 -25.90 -28.71
C ASN A 228 -30.72 -26.87 -29.73
N ARG A 229 -29.97 -27.87 -30.15
CA ARG A 229 -30.53 -28.86 -31.09
C ARG A 229 -31.69 -29.60 -30.45
N LEU A 230 -31.58 -29.96 -29.17
CA LEU A 230 -32.70 -30.57 -28.48
C LEU A 230 -33.84 -29.58 -28.30
N ILE A 231 -33.53 -28.34 -27.90
CA ILE A 231 -34.55 -27.32 -27.73
C ILE A 231 -35.31 -27.11 -29.04
N SER A 232 -34.59 -27.14 -30.16
CA SER A 232 -35.25 -26.93 -31.45
C SER A 232 -36.26 -28.02 -31.75
N GLN A 233 -36.01 -29.25 -31.31
CA GLN A 233 -36.96 -30.32 -31.53
C GLN A 233 -38.29 -30.02 -30.83
N ILE A 234 -38.24 -29.55 -29.58
CA ILE A 234 -39.47 -29.23 -28.87
C ILE A 234 -40.16 -28.04 -29.50
N VAL A 235 -39.38 -27.02 -29.88
CA VAL A 235 -39.97 -25.85 -30.54
C VAL A 235 -40.61 -26.24 -31.86
N SER A 236 -39.90 -27.05 -32.66
CA SER A 236 -40.45 -27.46 -33.95
C SER A 236 -41.75 -28.22 -33.78
N SER A 237 -41.81 -29.14 -32.81
CA SER A 237 -43.04 -29.88 -32.57
C SER A 237 -44.16 -28.95 -32.09
N ILE A 238 -43.81 -27.88 -31.37
CA ILE A 238 -44.83 -26.94 -30.90
C ILE A 238 -45.32 -26.07 -32.04
N THR A 239 -44.43 -25.73 -32.98
CA THR A 239 -44.77 -24.85 -34.09
C THR A 239 -45.14 -25.60 -35.37
N ALA A 240 -45.13 -26.94 -35.33
CA ALA A 240 -45.45 -27.70 -36.53
C ALA A 240 -46.87 -27.42 -36.99
N SER A 241 -47.80 -27.24 -36.06
CA SER A 241 -49.18 -26.99 -36.42
C SER A 241 -49.33 -25.74 -37.28
N LEU A 242 -48.41 -24.78 -37.13
CA LEU A 242 -48.47 -23.55 -37.91
C LEU A 242 -47.86 -23.72 -39.29
N ARG A 243 -46.95 -24.68 -39.47
CA ARG A 243 -46.20 -24.85 -40.70
C ARG A 243 -46.70 -26.00 -41.54
N PHE A 244 -47.71 -26.75 -41.07
CA PHE A 244 -48.25 -27.89 -41.79
C PHE A 244 -49.77 -27.84 -41.72
N ASP A 245 -50.40 -28.52 -42.68
CA ASP A 245 -51.86 -28.58 -42.70
C ASP A 245 -52.37 -29.32 -41.48
N GLY A 246 -53.43 -28.81 -40.89
CA GLY A 246 -53.99 -29.41 -39.69
C GLY A 246 -55.13 -28.58 -39.17
N ALA A 247 -55.82 -29.14 -38.18
CA ALA A 247 -56.97 -28.49 -37.56
C ALA A 247 -56.73 -28.18 -36.09
N LEU A 248 -55.52 -28.39 -35.58
CA LEU A 248 -55.18 -28.14 -34.18
C LEU A 248 -54.03 -27.14 -34.10
N ASN A 249 -54.18 -26.16 -33.21
CA ASN A 249 -53.16 -25.13 -32.99
C ASN A 249 -52.68 -24.54 -34.32
N VAL A 250 -53.63 -24.28 -35.22
CA VAL A 250 -53.29 -23.72 -36.52
C VAL A 250 -53.10 -22.21 -36.45
N ASP A 251 -53.69 -21.55 -35.47
CA ASP A 251 -53.59 -20.12 -35.29
C ASP A 251 -52.92 -19.81 -33.95
N LEU A 252 -52.08 -18.77 -33.93
CA LEU A 252 -51.45 -18.38 -32.67
C LEU A 252 -52.47 -18.09 -31.59
N THR A 253 -53.64 -17.57 -31.97
CA THR A 253 -54.68 -17.29 -30.99
C THR A 253 -55.19 -18.58 -30.35
N GLU A 254 -55.20 -19.67 -31.10
CA GLU A 254 -55.68 -20.94 -30.58
C GLU A 254 -54.79 -21.49 -29.48
N PHE A 255 -53.53 -21.04 -29.40
CA PHE A 255 -52.58 -21.63 -28.47
C PHE A 255 -53.04 -21.43 -27.02
N GLN A 256 -53.47 -20.22 -26.67
CA GLN A 256 -53.89 -19.95 -25.30
C GLN A 256 -55.34 -20.33 -25.04
N THR A 257 -56.20 -20.23 -26.06
CA THR A 257 -57.57 -20.68 -25.88
C THR A 257 -57.62 -22.18 -25.60
N ASN A 258 -56.64 -22.93 -26.08
CA ASN A 258 -56.56 -24.36 -25.80
C ASN A 258 -55.68 -24.69 -24.60
N LEU A 259 -54.86 -23.75 -24.12
CA LEU A 259 -53.92 -24.02 -23.06
C LEU A 259 -54.03 -23.07 -21.87
N VAL A 260 -54.78 -21.98 -21.97
CA VAL A 260 -54.75 -20.93 -20.95
C VAL A 260 -56.16 -20.41 -20.67
N PRO A 261 -56.89 -20.96 -19.70
CA PRO A 261 -58.14 -20.33 -19.29
C PRO A 261 -57.95 -19.07 -18.45
N TYR A 262 -56.79 -18.92 -17.80
CA TYR A 262 -56.50 -17.76 -16.97
C TYR A 262 -55.40 -16.93 -17.61
N PRO A 263 -55.64 -15.65 -17.92
CA PRO A 263 -54.61 -14.85 -18.62
C PRO A 263 -53.22 -14.93 -18.01
N ARG A 264 -53.10 -14.71 -16.69
CA ARG A 264 -51.77 -14.63 -16.09
C ARG A 264 -51.07 -15.98 -16.01
N ILE A 265 -51.84 -17.07 -15.93
CA ILE A 265 -51.25 -18.42 -15.82
C ILE A 265 -51.11 -18.94 -17.25
N HIS A 266 -50.10 -18.43 -17.95
CA HIS A 266 -49.90 -18.75 -19.37
C HIS A 266 -48.52 -19.34 -19.61
N PHE A 267 -48.09 -20.24 -18.73
CA PHE A 267 -46.78 -20.89 -18.82
C PHE A 267 -47.01 -22.40 -18.90
N PRO A 268 -47.30 -22.93 -20.09
CA PRO A 268 -47.53 -24.37 -20.22
C PRO A 268 -46.24 -25.16 -20.07
N LEU A 269 -46.34 -26.30 -19.39
CA LEU A 269 -45.22 -27.21 -19.26
C LEU A 269 -45.13 -28.09 -20.50
N ALA A 270 -43.92 -28.20 -21.04
CA ALA A 270 -43.65 -29.03 -22.20
C ALA A 270 -42.90 -30.28 -21.78
N THR A 271 -43.35 -31.42 -22.28
CA THR A 271 -42.68 -32.70 -22.07
C THR A 271 -42.48 -33.35 -23.43
N TYR A 272 -41.31 -33.96 -23.63
CA TYR A 272 -40.92 -34.49 -24.93
C TYR A 272 -40.40 -35.92 -24.77
N ALA A 273 -40.78 -36.77 -25.73
CA ALA A 273 -40.36 -38.16 -25.72
C ALA A 273 -40.55 -38.75 -27.11
N PRO A 274 -39.66 -39.62 -27.57
CA PRO A 274 -38.46 -40.13 -26.92
C PRO A 274 -37.20 -39.37 -27.30
N VAL A 275 -36.26 -39.29 -26.37
CA VAL A 275 -34.94 -38.73 -26.62
C VAL A 275 -33.96 -39.90 -26.62
N ILE A 276 -33.44 -40.24 -27.80
CA ILE A 276 -32.62 -41.42 -27.99
C ILE A 276 -31.28 -40.99 -28.59
N SER A 277 -30.20 -41.57 -28.08
CA SER A 277 -28.88 -41.29 -28.61
C SER A 277 -28.70 -41.96 -29.96
N ALA A 278 -28.19 -41.20 -30.93
CA ALA A 278 -27.80 -41.81 -32.20
C ALA A 278 -26.69 -42.83 -32.02
N GLU A 279 -25.80 -42.59 -31.04
CA GLU A 279 -24.78 -43.58 -30.71
C GLU A 279 -25.39 -44.91 -30.28
N LYS A 280 -26.62 -44.89 -29.78
CA LYS A 280 -27.32 -46.14 -29.47
C LYS A 280 -27.31 -47.05 -30.69
N ALA A 281 -26.88 -48.30 -30.48
CA ALA A 281 -26.61 -49.22 -31.59
C ALA A 281 -27.82 -49.36 -32.52
N TYR A 282 -28.86 -50.04 -32.07
CA TYR A 282 -30.06 -50.28 -32.87
C TYR A 282 -31.29 -50.13 -31.98
N HIS A 283 -31.42 -48.96 -31.36
CA HIS A 283 -32.48 -48.68 -30.40
C HIS A 283 -33.82 -49.23 -30.87
N GLU A 284 -34.38 -50.13 -30.07
CA GLU A 284 -35.67 -50.72 -30.41
C GLU A 284 -36.74 -49.65 -30.49
N GLN A 285 -37.56 -49.71 -31.54
CA GLN A 285 -38.62 -48.73 -31.71
C GLN A 285 -39.58 -48.78 -30.53
N LEU A 286 -39.92 -47.61 -29.99
CA LEU A 286 -40.86 -47.51 -28.90
C LEU A 286 -42.28 -47.48 -29.41
N SER A 287 -43.23 -47.65 -28.50
CA SER A 287 -44.64 -47.73 -28.82
C SER A 287 -45.35 -46.42 -28.48
N VAL A 288 -46.57 -46.28 -28.99
CA VAL A 288 -47.35 -45.08 -28.70
C VAL A 288 -47.62 -44.97 -27.21
N ALA A 289 -47.99 -46.08 -26.58
CA ALA A 289 -48.28 -46.04 -25.15
C ALA A 289 -47.03 -45.74 -24.33
N GLU A 290 -45.87 -46.26 -24.77
CA GLU A 290 -44.64 -46.05 -24.02
C GLU A 290 -44.23 -44.58 -24.05
N ILE A 291 -44.23 -43.95 -25.22
CA ILE A 291 -43.81 -42.56 -25.30
C ILE A 291 -44.85 -41.64 -24.67
N THR A 292 -46.13 -42.00 -24.78
CA THR A 292 -47.16 -41.19 -24.15
C THR A 292 -47.07 -41.24 -22.64
N ASN A 293 -46.66 -42.38 -22.08
CA ASN A 293 -46.47 -42.46 -20.63
C ASN A 293 -45.26 -41.63 -20.20
N ALA A 294 -44.23 -41.60 -21.04
CA ALA A 294 -43.05 -40.80 -20.74
C ALA A 294 -43.37 -39.31 -20.64
N CYS A 295 -44.49 -38.87 -21.20
CA CYS A 295 -44.89 -37.47 -21.09
C CYS A 295 -45.26 -37.07 -19.67
N PHE A 296 -45.41 -38.04 -18.76
CA PHE A 296 -45.73 -37.76 -17.37
C PHE A 296 -44.57 -38.08 -16.43
N GLU A 297 -43.46 -38.58 -16.95
CA GLU A 297 -42.25 -38.74 -16.14
C GLU A 297 -41.59 -37.38 -15.96
N PRO A 298 -41.35 -36.94 -14.72
CA PRO A 298 -40.71 -35.62 -14.54
C PRO A 298 -39.37 -35.48 -15.24
N ALA A 299 -38.65 -36.57 -15.47
CA ALA A 299 -37.33 -36.50 -16.07
C ALA A 299 -37.35 -36.12 -17.54
N ASN A 300 -38.53 -36.05 -18.17
CA ASN A 300 -38.62 -35.66 -19.57
C ASN A 300 -39.14 -34.25 -19.76
N GLN A 301 -39.56 -33.58 -18.70
CA GLN A 301 -40.14 -32.26 -18.79
C GLN A 301 -39.07 -31.21 -19.10
N MET A 302 -39.51 -30.09 -19.67
CA MET A 302 -38.63 -28.95 -19.86
C MET A 302 -38.38 -28.19 -18.55
N VAL A 303 -39.23 -28.39 -17.54
CA VAL A 303 -39.03 -27.80 -16.23
C VAL A 303 -39.21 -28.90 -15.20
N LYS A 304 -38.16 -29.18 -14.43
CA LYS A 304 -38.23 -30.23 -13.42
C LYS A 304 -39.20 -29.81 -12.31
N CYS A 305 -40.38 -30.42 -12.31
CA CYS A 305 -41.39 -30.19 -11.29
C CYS A 305 -42.23 -31.45 -11.18
N ASP A 306 -43.21 -31.43 -10.28
CA ASP A 306 -44.05 -32.60 -9.98
C ASP A 306 -45.51 -32.27 -10.25
N PRO A 307 -46.02 -32.56 -11.45
CA PRO A 307 -47.43 -32.28 -11.75
C PRO A 307 -48.40 -33.06 -10.88
N ARG A 308 -47.96 -34.15 -10.25
CA ARG A 308 -48.85 -34.91 -9.36
C ARG A 308 -49.34 -34.05 -8.21
N HIS A 309 -48.57 -33.04 -7.81
CA HIS A 309 -48.92 -32.18 -6.70
C HIS A 309 -49.45 -30.83 -7.15
N GLY A 310 -49.86 -30.73 -8.40
CA GLY A 310 -50.58 -29.57 -8.88
C GLY A 310 -51.89 -30.00 -9.51
N LYS A 311 -52.54 -29.09 -10.21
CA LYS A 311 -53.75 -29.40 -10.98
C LYS A 311 -53.55 -28.98 -12.42
N TYR A 312 -54.11 -29.76 -13.34
CA TYR A 312 -54.11 -29.42 -14.75
C TYR A 312 -55.32 -28.56 -15.08
N MET A 313 -55.12 -27.60 -15.99
CA MET A 313 -56.21 -26.83 -16.56
C MET A 313 -56.35 -27.03 -18.06
N ALA A 314 -55.44 -27.75 -18.69
CA ALA A 314 -55.46 -28.02 -20.12
C ALA A 314 -54.28 -28.92 -20.43
N CYS A 315 -54.47 -29.78 -21.42
CA CYS A 315 -53.43 -30.71 -21.84
C CYS A 315 -53.55 -31.00 -23.32
N CYS A 316 -52.42 -30.93 -24.02
N CYS A 316 -52.41 -30.95 -24.02
CA CYS A 316 -52.34 -31.20 -25.46
CA CYS A 316 -52.35 -31.20 -25.45
C CYS A 316 -51.24 -32.21 -25.73
C CYS A 316 -51.24 -32.20 -25.75
N LEU A 317 -51.48 -33.06 -26.73
CA LEU A 317 -50.52 -34.07 -27.16
C LEU A 317 -50.27 -33.88 -28.64
N LEU A 318 -49.00 -33.74 -29.01
CA LEU A 318 -48.58 -33.44 -30.38
C LEU A 318 -47.67 -34.57 -30.84
N TYR A 319 -48.21 -35.48 -31.64
CA TYR A 319 -47.45 -36.63 -32.13
C TYR A 319 -46.86 -36.31 -33.51
N ARG A 320 -45.65 -36.80 -33.75
CA ARG A 320 -44.99 -36.74 -35.05
C ARG A 320 -44.68 -38.16 -35.50
N GLY A 321 -45.18 -38.53 -36.67
CA GLY A 321 -44.85 -39.83 -37.24
C GLY A 321 -46.01 -40.79 -37.31
N ASP A 322 -45.70 -42.09 -37.30
CA ASP A 322 -46.70 -43.15 -37.47
C ASP A 322 -47.46 -43.33 -36.17
N VAL A 323 -48.57 -42.61 -36.04
CA VAL A 323 -49.43 -42.69 -34.86
C VAL A 323 -50.89 -42.68 -35.31
N VAL A 324 -51.66 -43.66 -34.85
CA VAL A 324 -53.07 -43.76 -35.22
C VAL A 324 -53.91 -43.32 -34.03
N PRO A 325 -55.07 -42.69 -34.25
CA PRO A 325 -55.89 -42.25 -33.10
C PRO A 325 -56.26 -43.36 -32.15
N LYS A 326 -56.41 -44.60 -32.63
CA LYS A 326 -56.78 -45.70 -31.74
C LYS A 326 -55.70 -45.94 -30.69
N ASP A 327 -54.43 -45.95 -31.09
CA ASP A 327 -53.36 -46.19 -30.14
C ASP A 327 -53.28 -45.07 -29.09
N VAL A 328 -53.43 -43.83 -29.52
CA VAL A 328 -53.39 -42.70 -28.58
C VAL A 328 -54.50 -42.84 -27.56
N ASN A 329 -55.73 -43.11 -28.02
CA ASN A 329 -56.86 -43.21 -27.10
C ASN A 329 -56.67 -44.38 -26.15
N ALA A 330 -56.13 -45.50 -26.63
CA ALA A 330 -55.84 -46.63 -25.76
C ALA A 330 -54.83 -46.25 -24.69
N ALA A 331 -53.75 -45.58 -25.09
CA ALA A 331 -52.70 -45.20 -24.15
C ALA A 331 -53.25 -44.27 -23.07
N ILE A 332 -54.08 -43.31 -23.45
CA ILE A 332 -54.63 -42.38 -22.47
C ILE A 332 -55.45 -43.13 -21.43
N ALA A 333 -56.32 -44.03 -21.88
CA ALA A 333 -57.18 -44.76 -20.96
C ALA A 333 -56.35 -45.48 -19.90
N THR A 334 -55.29 -46.17 -20.33
CA THR A 334 -54.51 -46.97 -19.41
C THR A 334 -53.79 -46.10 -18.38
N ILE A 335 -53.30 -44.93 -18.79
CA ILE A 335 -52.46 -44.13 -17.91
C ILE A 335 -53.27 -43.18 -17.03
N LYS A 336 -54.54 -42.93 -17.35
CA LYS A 336 -55.40 -42.24 -16.41
C LYS A 336 -55.55 -43.03 -15.12
N THR A 337 -55.52 -44.37 -15.22
CA THR A 337 -55.69 -45.21 -14.04
C THR A 337 -54.41 -45.26 -13.20
N LYS A 338 -53.24 -45.25 -13.84
CA LYS A 338 -51.98 -45.39 -13.14
C LYS A 338 -51.45 -44.06 -12.60
N ARG A 339 -51.43 -43.03 -13.44
CA ARG A 339 -50.83 -41.76 -13.06
C ARG A 339 -51.81 -40.92 -12.23
N SER A 340 -51.24 -39.99 -11.46
CA SER A 340 -52.01 -39.02 -10.67
C SER A 340 -52.22 -37.79 -11.54
N ILE A 341 -53.44 -37.62 -12.05
CA ILE A 341 -53.77 -36.55 -12.98
C ILE A 341 -55.07 -35.92 -12.49
N GLN A 342 -54.96 -34.78 -11.81
CA GLN A 342 -56.10 -34.09 -11.22
C GLN A 342 -56.32 -32.78 -11.97
N PHE A 343 -57.49 -32.65 -12.59
CA PHE A 343 -57.88 -31.40 -13.21
C PHE A 343 -58.63 -30.53 -12.22
N VAL A 344 -58.66 -29.23 -12.50
CA VAL A 344 -59.49 -28.33 -11.73
C VAL A 344 -60.96 -28.64 -11.97
N ASP A 345 -61.77 -28.58 -10.92
CA ASP A 345 -63.17 -28.99 -11.01
C ASP A 345 -63.94 -28.21 -12.06
N TRP A 346 -63.47 -27.02 -12.42
CA TRP A 346 -64.17 -26.15 -13.38
C TRP A 346 -63.65 -26.31 -14.81
N CYS A 347 -62.83 -27.30 -15.07
CA CYS A 347 -62.39 -27.65 -16.41
C CYS A 347 -62.66 -29.12 -16.65
N PRO A 348 -62.78 -29.54 -17.92
CA PRO A 348 -62.95 -30.95 -18.22
C PRO A 348 -61.62 -31.69 -18.26
N THR A 349 -61.65 -32.94 -17.83
CA THR A 349 -60.47 -33.81 -17.87
C THR A 349 -60.37 -34.37 -19.29
N GLY A 350 -59.68 -33.64 -20.16
CA GLY A 350 -59.60 -34.01 -21.56
C GLY A 350 -58.21 -33.76 -22.13
N PHE A 351 -57.98 -34.32 -23.31
CA PHE A 351 -56.72 -34.21 -24.01
C PHE A 351 -56.99 -33.85 -25.45
N LYS A 352 -56.44 -32.72 -25.91
CA LYS A 352 -56.51 -32.33 -27.31
C LYS A 352 -55.29 -32.91 -28.03
N VAL A 353 -55.55 -33.75 -29.02
CA VAL A 353 -54.49 -34.51 -29.68
C VAL A 353 -54.30 -34.00 -31.10
N GLY A 354 -53.07 -34.14 -31.59
CA GLY A 354 -52.75 -33.82 -32.96
C GLY A 354 -51.67 -34.74 -33.48
N ILE A 355 -51.77 -35.15 -34.74
CA ILE A 355 -50.83 -36.08 -35.34
C ILE A 355 -50.37 -35.51 -36.68
N ASN A 356 -49.06 -35.47 -36.88
CA ASN A 356 -48.47 -35.12 -38.16
C ASN A 356 -47.68 -36.33 -38.65
N TYR A 357 -48.08 -36.86 -39.80
CA TYR A 357 -47.53 -38.14 -40.25
C TYR A 357 -46.04 -38.05 -40.55
N GLN A 358 -45.50 -36.87 -40.78
CA GLN A 358 -44.08 -36.74 -41.06
C GLN A 358 -43.28 -37.10 -39.82
N PRO A 359 -42.42 -38.13 -39.86
CA PRO A 359 -41.63 -38.46 -38.67
C PRO A 359 -40.68 -37.33 -38.31
N PRO A 360 -40.24 -37.25 -37.06
CA PRO A 360 -39.33 -36.16 -36.67
C PRO A 360 -38.07 -36.16 -37.50
N THR A 361 -37.54 -34.97 -37.74
CA THR A 361 -36.29 -34.81 -38.48
C THR A 361 -35.13 -34.65 -37.50
N VAL A 362 -33.95 -35.07 -37.94
CA VAL A 362 -32.73 -34.99 -37.15
C VAL A 362 -31.65 -34.34 -37.99
N VAL A 363 -30.92 -33.43 -37.39
CA VAL A 363 -29.81 -32.77 -38.10
C VAL A 363 -28.74 -33.80 -38.43
N PRO A 364 -28.13 -33.77 -39.61
CA PRO A 364 -27.03 -34.70 -39.90
C PRO A 364 -25.87 -34.48 -38.93
N GLY A 365 -25.36 -35.59 -38.40
CA GLY A 365 -24.31 -35.51 -37.39
C GLY A 365 -24.76 -35.06 -36.03
N GLY A 366 -26.06 -34.82 -35.84
CA GLY A 366 -26.57 -34.46 -34.55
C GLY A 366 -26.61 -35.64 -33.61
N ASP A 367 -26.80 -35.34 -32.33
CA ASP A 367 -26.76 -36.37 -31.29
C ASP A 367 -28.09 -37.12 -31.16
N LEU A 368 -29.19 -36.57 -31.67
CA LEU A 368 -30.49 -37.23 -31.58
C LEU A 368 -30.59 -38.34 -32.62
N ALA A 369 -31.18 -39.45 -32.22
CA ALA A 369 -31.40 -40.58 -33.11
C ALA A 369 -32.67 -40.39 -33.92
N LYS A 370 -32.64 -40.87 -35.15
CA LYS A 370 -33.79 -40.82 -36.04
C LYS A 370 -34.83 -41.83 -35.55
N VAL A 371 -35.87 -41.32 -34.89
CA VAL A 371 -36.96 -42.15 -34.40
C VAL A 371 -38.14 -42.00 -35.35
N GLN A 372 -39.04 -42.98 -35.28
CA GLN A 372 -40.19 -43.01 -36.19
C GLN A 372 -41.42 -42.32 -35.61
N ARG A 373 -41.61 -42.37 -34.30
CA ARG A 373 -42.74 -41.70 -33.65
C ARG A 373 -42.23 -40.94 -32.44
N ALA A 374 -42.65 -39.68 -32.32
CA ALA A 374 -42.31 -38.84 -31.19
C ALA A 374 -43.53 -38.05 -30.79
N VAL A 375 -43.55 -37.61 -29.53
CA VAL A 375 -44.69 -36.87 -28.98
C VAL A 375 -44.17 -35.74 -28.11
N CYS A 376 -44.86 -34.61 -28.16
CA CYS A 376 -44.63 -33.49 -27.26
C CYS A 376 -45.94 -33.13 -26.60
N MET A 377 -45.96 -33.18 -25.27
CA MET A 377 -47.16 -32.86 -24.50
C MET A 377 -47.02 -31.45 -23.94
N LEU A 378 -48.09 -30.66 -24.08
CA LEU A 378 -48.15 -29.31 -23.55
C LEU A 378 -49.29 -29.29 -22.54
N SER A 379 -48.95 -29.08 -21.26
CA SER A 379 -49.94 -29.12 -20.19
C SER A 379 -49.77 -27.89 -19.30
N ASN A 380 -50.87 -27.21 -19.03
CA ASN A 380 -50.87 -26.06 -18.13
C ASN A 380 -51.15 -26.58 -16.73
N THR A 381 -50.09 -26.96 -16.02
CA THR A 381 -50.20 -27.48 -14.66
C THR A 381 -49.66 -26.45 -13.67
N THR A 382 -50.33 -26.36 -12.52
CA THR A 382 -49.87 -25.42 -11.51
C THR A 382 -48.49 -25.79 -10.96
N ALA A 383 -48.03 -27.01 -11.19
CA ALA A 383 -46.74 -27.44 -10.67
C ALA A 383 -45.58 -26.66 -11.26
N ILE A 384 -45.77 -25.98 -12.39
CA ILE A 384 -44.69 -25.21 -12.96
C ILE A 384 -44.32 -24.03 -12.06
N ALA A 385 -45.23 -23.63 -11.16
CA ALA A 385 -44.91 -22.57 -10.22
C ALA A 385 -43.75 -22.92 -9.31
N GLU A 386 -43.41 -24.20 -9.19
CA GLU A 386 -42.19 -24.58 -8.48
C GLU A 386 -40.99 -23.82 -9.03
N ALA A 387 -40.98 -23.55 -10.32
CA ALA A 387 -39.86 -22.80 -10.91
C ALA A 387 -39.83 -21.37 -10.41
N TRP A 388 -41.01 -20.73 -10.30
CA TRP A 388 -41.04 -19.35 -9.82
C TRP A 388 -40.54 -19.26 -8.38
N ALA A 389 -40.98 -20.20 -7.53
CA ALA A 389 -40.55 -20.17 -6.13
C ALA A 389 -39.04 -20.28 -6.02
N ARG A 390 -38.44 -21.23 -6.75
CA ARG A 390 -36.99 -21.35 -6.76
C ARG A 390 -36.34 -20.03 -7.15
N LEU A 391 -36.78 -19.45 -8.27
CA LEU A 391 -36.22 -18.19 -8.72
C LEU A 391 -36.48 -17.08 -7.70
N ASP A 392 -37.71 -17.03 -7.17
CA ASP A 392 -38.06 -15.98 -6.21
C ASP A 392 -37.25 -16.10 -4.92
N HIS A 393 -36.95 -17.32 -4.49
CA HIS A 393 -36.17 -17.48 -3.26
C HIS A 393 -34.75 -16.93 -3.46
N LYS A 394 -34.12 -17.26 -4.59
CA LYS A 394 -32.80 -16.72 -4.88
C LYS A 394 -32.84 -15.20 -4.96
N PHE A 395 -33.87 -14.66 -5.59
CA PHE A 395 -34.07 -13.22 -5.61
C PHE A 395 -34.10 -12.64 -4.20
N ASP A 396 -34.81 -13.31 -3.30
CA ASP A 396 -34.97 -12.79 -1.95
C ASP A 396 -33.63 -12.75 -1.20
N LEU A 397 -32.85 -13.82 -1.31
CA LEU A 397 -31.58 -13.88 -0.57
C LEU A 397 -30.70 -12.69 -0.91
N MET A 398 -30.56 -12.38 -2.21
CA MET A 398 -29.69 -11.29 -2.61
C MET A 398 -30.32 -9.94 -2.30
N TYR A 399 -31.60 -9.76 -2.60
CA TYR A 399 -32.21 -8.44 -2.46
C TYR A 399 -32.33 -8.03 -1.01
N ALA A 400 -32.41 -8.99 -0.09
CA ALA A 400 -32.42 -8.63 1.33
C ALA A 400 -31.20 -7.82 1.71
N LYS A 401 -30.06 -8.10 1.09
CA LYS A 401 -28.81 -7.39 1.32
C LYS A 401 -28.48 -6.42 0.19
N ARG A 402 -29.40 -6.24 -0.75
CA ARG A 402 -29.24 -5.29 -1.86
C ARG A 402 -27.97 -5.57 -2.67
N ALA A 403 -27.50 -6.82 -2.67
CA ALA A 403 -26.33 -7.16 -3.47
C ALA A 403 -26.62 -6.94 -4.95
N PHE A 404 -25.71 -6.21 -5.61
CA PHE A 404 -25.73 -5.93 -7.05
C PHE A 404 -26.80 -4.92 -7.44
N VAL A 405 -27.62 -4.45 -6.50
CA VAL A 405 -28.69 -3.51 -6.86
C VAL A 405 -28.11 -2.23 -7.46
N HIS A 406 -26.93 -1.81 -6.99
CA HIS A 406 -26.36 -0.57 -7.47
C HIS A 406 -26.11 -0.60 -8.97
N TRP A 407 -25.84 -1.77 -9.53
CA TRP A 407 -25.62 -1.87 -10.97
C TRP A 407 -26.88 -1.51 -11.74
N TYR A 408 -28.04 -1.91 -11.23
CA TYR A 408 -29.31 -1.59 -11.89
C TYR A 408 -29.69 -0.14 -11.67
N VAL A 409 -29.50 0.38 -10.46
CA VAL A 409 -29.83 1.78 -10.18
C VAL A 409 -28.97 2.70 -11.03
N GLY A 410 -27.68 2.37 -11.19
CA GLY A 410 -26.80 3.19 -11.98
C GLY A 410 -27.25 3.39 -13.41
N GLU A 411 -28.07 2.48 -13.93
CA GLU A 411 -28.56 2.55 -15.30
C GLU A 411 -29.90 3.28 -15.41
N GLY A 412 -30.44 3.79 -14.31
CA GLY A 412 -31.66 4.58 -14.33
C GLY A 412 -32.85 3.93 -13.67
N MET A 413 -32.73 2.69 -13.20
CA MET A 413 -33.84 2.04 -12.53
C MET A 413 -33.89 2.45 -11.07
N GLU A 414 -35.08 2.37 -10.49
CA GLU A 414 -35.28 2.63 -9.07
C GLU A 414 -35.44 1.32 -8.34
N GLU A 415 -34.99 1.31 -7.07
CA GLU A 415 -35.21 0.13 -6.23
C GLU A 415 -36.69 -0.24 -6.15
N GLY A 416 -37.59 0.71 -6.37
CA GLY A 416 -39.01 0.38 -6.34
C GLY A 416 -39.38 -0.70 -7.34
N GLU A 417 -38.74 -0.69 -8.51
CA GLU A 417 -39.04 -1.69 -9.53
C GLU A 417 -38.64 -3.09 -9.07
N PHE A 418 -37.58 -3.19 -8.27
CA PHE A 418 -37.23 -4.49 -7.69
C PHE A 418 -38.36 -5.02 -6.83
N SER A 419 -38.86 -4.21 -5.89
CA SER A 419 -39.92 -4.68 -5.00
C SER A 419 -41.26 -4.78 -5.73
N GLU A 420 -41.53 -3.89 -6.68
CA GLU A 420 -42.77 -3.97 -7.44
C GLU A 420 -42.85 -5.30 -8.20
N ALA A 421 -41.76 -5.69 -8.86
CA ALA A 421 -41.79 -6.92 -9.65
C ALA A 421 -41.81 -8.15 -8.76
N ARG A 422 -41.10 -8.11 -7.62
CA ARG A 422 -41.17 -9.22 -6.68
C ARG A 422 -42.58 -9.38 -6.13
N GLU A 423 -43.23 -8.25 -5.81
CA GLU A 423 -44.62 -8.32 -5.39
C GLU A 423 -45.49 -8.97 -6.45
N ASP A 424 -45.25 -8.65 -7.72
CA ASP A 424 -46.01 -9.26 -8.81
C ASP A 424 -45.81 -10.78 -8.82
N MET A 425 -44.57 -11.23 -8.64
CA MET A 425 -44.28 -12.67 -8.61
C MET A 425 -44.89 -13.33 -7.38
N ALA A 426 -44.95 -12.62 -6.25
CA ALA A 426 -45.63 -13.17 -5.09
C ALA A 426 -47.10 -13.40 -5.38
N ALA A 427 -47.71 -12.51 -6.17
CA ALA A 427 -49.09 -12.70 -6.55
C ALA A 427 -49.24 -13.86 -7.52
N LEU A 428 -48.33 -13.94 -8.50
CA LEU A 428 -48.37 -15.05 -9.45
C LEU A 428 -48.23 -16.38 -8.73
N GLU A 429 -47.26 -16.48 -7.81
CA GLU A 429 -47.10 -17.71 -7.04
C GLU A 429 -48.38 -18.03 -6.27
N LYS A 430 -49.03 -17.01 -5.72
CA LYS A 430 -50.26 -17.23 -4.96
C LYS A 430 -51.41 -17.60 -5.88
N ASP A 431 -51.46 -16.98 -7.06
CA ASP A 431 -52.48 -17.37 -8.04
C ASP A 431 -52.37 -18.85 -8.37
N TYR A 432 -51.15 -19.34 -8.62
CA TYR A 432 -50.96 -20.76 -8.88
C TYR A 432 -51.47 -21.61 -7.72
N GLU A 433 -51.25 -21.15 -6.48
CA GLU A 433 -51.61 -21.96 -5.32
C GLU A 433 -53.11 -22.09 -5.17
N GLU A 434 -53.86 -21.01 -5.42
CA GLU A 434 -55.32 -21.08 -5.33
C GLU A 434 -55.88 -22.08 -6.34
N VAL A 435 -55.34 -22.09 -7.56
CA VAL A 435 -55.86 -22.95 -8.61
C VAL A 435 -55.50 -24.40 -8.34
N GLY A 436 -54.25 -24.67 -7.97
CA GLY A 436 -53.72 -26.01 -7.94
C GLY A 436 -53.63 -26.69 -6.60
N VAL A 437 -54.08 -26.06 -5.53
CA VAL A 437 -53.98 -26.62 -4.18
C VAL A 437 -55.25 -26.34 -3.42
N ASP A 438 -55.72 -27.33 -2.66
CA ASP A 438 -56.95 -27.20 -1.88
C ASP A 438 -56.75 -26.26 -0.70
N MET B 1 -14.15 -6.52 -30.69
CA MET B 1 -13.81 -5.12 -30.79
C MET B 1 -14.08 -4.39 -29.48
N ARG B 2 -13.76 -5.03 -28.35
CA ARG B 2 -13.87 -4.43 -27.03
C ARG B 2 -12.45 -4.18 -26.52
N GLU B 3 -11.87 -3.07 -26.96
CA GLU B 3 -10.46 -2.80 -26.71
C GLU B 3 -10.23 -2.30 -25.29
N ILE B 4 -9.06 -2.66 -24.76
CA ILE B 4 -8.62 -2.23 -23.44
C ILE B 4 -7.38 -1.37 -23.61
N VAL B 5 -7.33 -0.25 -22.90
CA VAL B 5 -6.17 0.65 -22.90
C VAL B 5 -5.36 0.37 -21.64
N HIS B 6 -4.13 -0.10 -21.83
CA HIS B 6 -3.25 -0.44 -20.72
C HIS B 6 -2.38 0.75 -20.36
N ILE B 7 -2.25 1.00 -19.06
CA ILE B 7 -1.42 2.08 -18.53
C ILE B 7 -0.61 1.52 -17.38
N GLN B 8 0.67 1.89 -17.32
CA GLN B 8 1.53 1.45 -16.24
C GLN B 8 2.37 2.64 -15.79
N ALA B 9 2.42 2.87 -14.47
CA ALA B 9 3.02 4.06 -13.90
C ALA B 9 3.91 3.71 -12.72
N GLY B 10 5.05 4.39 -12.62
CA GLY B 10 6.04 4.11 -11.61
C GLY B 10 6.93 2.95 -12.00
N GLN B 11 7.99 2.76 -11.20
CA GLN B 11 8.86 1.60 -11.41
C GLN B 11 8.06 0.31 -11.40
N CYS B 12 7.44 0.01 -10.26
CA CYS B 12 6.68 -1.23 -10.12
C CYS B 12 5.70 -1.41 -11.27
N GLY B 13 4.91 -0.37 -11.57
CA GLY B 13 3.96 -0.49 -12.66
C GLY B 13 4.62 -0.84 -13.97
N ASN B 14 5.76 -0.23 -14.28
CA ASN B 14 6.40 -0.46 -15.56
C ASN B 14 7.13 -1.80 -15.58
N GLN B 15 7.79 -2.17 -14.48
CA GLN B 15 8.44 -3.47 -14.42
C GLN B 15 7.43 -4.59 -14.48
N ILE B 16 6.31 -4.46 -13.77
CA ILE B 16 5.28 -5.49 -13.82
C ILE B 16 4.58 -5.49 -15.16
N GLY B 17 4.24 -4.31 -15.68
CA GLY B 17 3.55 -4.24 -16.95
C GLY B 17 4.42 -4.74 -18.10
N ALA B 18 5.72 -4.40 -18.07
CA ALA B 18 6.62 -4.84 -19.12
C ALA B 18 6.69 -6.36 -19.19
N LYS B 19 6.73 -7.02 -18.02
CA LYS B 19 6.73 -8.48 -18.01
C LYS B 19 5.37 -9.02 -18.43
N PHE B 20 4.30 -8.28 -18.19
CA PHE B 20 2.98 -8.71 -18.63
C PHE B 20 2.90 -8.76 -20.15
N TRP B 21 3.43 -7.74 -20.82
CA TRP B 21 3.39 -7.74 -22.28
C TRP B 21 4.29 -8.82 -22.87
N GLU B 22 5.36 -9.18 -22.16
CA GLU B 22 6.17 -10.32 -22.58
C GLU B 22 5.34 -11.61 -22.55
N VAL B 23 4.53 -11.78 -21.50
CA VAL B 23 3.81 -13.04 -21.33
C VAL B 23 2.76 -13.22 -22.42
N ILE B 24 1.86 -12.24 -22.55
CA ILE B 24 0.75 -12.41 -23.50
C ILE B 24 1.24 -12.32 -24.94
N SER B 25 2.33 -11.60 -25.18
CA SER B 25 2.91 -11.59 -26.52
C SER B 25 3.33 -13.00 -26.94
N ASP B 26 3.85 -13.79 -26.00
CA ASP B 26 4.14 -15.18 -26.30
C ASP B 26 2.87 -15.99 -26.48
N GLU B 27 1.84 -15.71 -25.66
CA GLU B 27 0.58 -16.44 -25.77
C GLU B 27 -0.10 -16.16 -27.11
N HIS B 28 -0.10 -14.91 -27.55
CA HIS B 28 -0.58 -14.58 -28.89
C HIS B 28 0.50 -14.77 -29.95
N GLY B 29 1.68 -15.25 -29.58
CA GLY B 29 2.72 -15.57 -30.54
C GLY B 29 3.23 -14.37 -31.31
N ILE B 30 3.54 -13.29 -30.60
CA ILE B 30 4.03 -12.06 -31.20
C ILE B 30 5.47 -11.84 -30.73
N ASP B 31 6.36 -11.60 -31.68
CA ASP B 31 7.79 -11.44 -31.40
C ASP B 31 8.09 -10.00 -31.04
N PRO B 32 9.28 -9.73 -30.49
CA PRO B 32 9.60 -8.35 -30.10
C PRO B 32 9.37 -7.31 -31.19
N THR B 33 9.58 -7.66 -32.46
CA THR B 33 9.38 -6.71 -33.54
C THR B 33 7.92 -6.34 -33.72
N GLY B 34 7.00 -7.14 -33.18
CA GLY B 34 5.58 -6.90 -33.32
C GLY B 34 4.91 -7.61 -34.48
N SER B 35 5.50 -8.68 -35.01
CA SER B 35 4.93 -9.45 -36.10
C SER B 35 4.51 -10.82 -35.60
N TYR B 36 3.37 -11.30 -36.08
CA TYR B 36 2.84 -12.58 -35.63
C TYR B 36 3.56 -13.74 -36.30
N HIS B 37 3.97 -14.71 -35.51
CA HIS B 37 4.62 -15.93 -36.00
C HIS B 37 4.14 -17.14 -35.22
N GLY B 38 2.83 -17.23 -35.01
CA GLY B 38 2.25 -18.31 -34.23
C GLY B 38 1.65 -19.40 -35.10
N ASP B 39 0.93 -20.31 -34.43
CA ASP B 39 0.41 -21.51 -35.05
C ASP B 39 -1.11 -21.50 -35.22
N SER B 40 -1.85 -21.00 -34.24
CA SER B 40 -3.30 -21.10 -34.24
C SER B 40 -3.95 -19.76 -34.54
N ASP B 41 -5.05 -19.79 -35.27
CA ASP B 41 -5.82 -18.57 -35.53
C ASP B 41 -6.57 -18.09 -34.29
N LEU B 42 -6.74 -18.97 -33.29
CA LEU B 42 -7.36 -18.54 -32.03
C LEU B 42 -6.48 -17.54 -31.29
N GLN B 43 -5.19 -17.46 -31.62
CA GLN B 43 -4.33 -16.44 -31.04
C GLN B 43 -4.70 -15.03 -31.53
N LEU B 44 -5.40 -14.92 -32.66
CA LEU B 44 -5.70 -13.63 -33.26
C LEU B 44 -7.17 -13.26 -33.24
N GLU B 45 -8.07 -14.20 -32.94
CA GLU B 45 -9.49 -13.92 -33.02
C GLU B 45 -9.86 -12.68 -32.20
N ARG B 46 -9.21 -12.47 -31.05
CA ARG B 46 -9.51 -11.37 -30.16
C ARG B 46 -8.26 -10.55 -29.84
N ILE B 47 -7.29 -10.53 -30.75
CA ILE B 47 -6.02 -9.85 -30.49
C ILE B 47 -6.22 -8.35 -30.39
N ASN B 48 -7.18 -7.80 -31.12
CA ASN B 48 -7.38 -6.35 -31.12
C ASN B 48 -7.79 -5.80 -29.76
N VAL B 49 -8.03 -6.68 -28.77
CA VAL B 49 -8.38 -6.21 -27.44
C VAL B 49 -7.21 -5.47 -26.80
N TYR B 50 -6.00 -6.03 -26.94
CA TYR B 50 -4.80 -5.45 -26.33
C TYR B 50 -3.80 -4.91 -27.33
N TYR B 51 -4.05 -5.06 -28.63
CA TYR B 51 -3.11 -4.64 -29.66
C TYR B 51 -3.83 -3.83 -30.72
N ASN B 52 -3.12 -2.85 -31.27
CA ASN B 52 -3.54 -2.16 -32.47
C ASN B 52 -2.90 -2.81 -33.68
N GLU B 53 -3.65 -2.92 -34.77
CA GLU B 53 -3.15 -3.48 -36.02
C GLU B 53 -2.53 -2.34 -36.82
N ALA B 54 -1.21 -2.40 -36.99
CA ALA B 54 -0.45 -1.37 -37.69
C ALA B 54 -0.14 -1.81 -39.12
N THR B 55 0.24 -0.85 -39.94
CA THR B 55 0.60 -1.15 -41.32
C THR B 55 1.72 -2.18 -41.36
N GLY B 56 1.64 -3.08 -42.34
CA GLY B 56 2.57 -4.19 -42.41
C GLY B 56 2.22 -5.35 -41.51
N ASN B 57 0.98 -5.40 -41.01
CA ASN B 57 0.54 -6.47 -40.12
C ASN B 57 1.42 -6.59 -38.88
N LYS B 58 2.00 -5.47 -38.45
CA LYS B 58 2.69 -5.41 -37.17
C LYS B 58 1.68 -5.08 -36.08
N TYR B 59 1.87 -5.68 -34.90
CA TYR B 59 0.97 -5.50 -33.77
C TYR B 59 1.64 -4.63 -32.71
N VAL B 60 0.95 -3.58 -32.29
CA VAL B 60 1.48 -2.61 -31.34
C VAL B 60 0.56 -2.57 -30.13
N PRO B 61 1.05 -2.82 -28.92
CA PRO B 61 0.18 -2.79 -27.75
C PRO B 61 -0.49 -1.45 -27.56
N ARG B 62 -1.72 -1.50 -27.02
CA ARG B 62 -2.41 -0.28 -26.61
C ARG B 62 -1.93 0.07 -25.20
N ALA B 63 -0.61 0.22 -25.05
CA ALA B 63 0.02 0.43 -23.76
C ALA B 63 0.56 1.84 -23.66
N ILE B 64 0.40 2.45 -22.48
CA ILE B 64 0.91 3.79 -22.20
C ILE B 64 1.84 3.69 -21.00
N LEU B 65 3.10 4.07 -21.19
CA LEU B 65 4.13 3.95 -20.17
C LEU B 65 4.39 5.31 -19.55
N VAL B 66 4.28 5.38 -18.21
CA VAL B 66 4.31 6.64 -17.48
C VAL B 66 5.27 6.51 -16.30
N ASP B 67 5.98 7.60 -16.02
CA ASP B 67 6.80 7.72 -14.82
C ASP B 67 7.33 9.14 -14.75
N LEU B 68 7.71 9.57 -13.54
CA LEU B 68 8.37 10.84 -13.36
C LEU B 68 9.88 10.71 -13.35
N GLU B 69 10.38 9.49 -13.42
CA GLU B 69 11.83 9.20 -13.42
C GLU B 69 12.15 8.50 -14.73
N PRO B 70 12.98 9.08 -15.61
CA PRO B 70 13.20 8.46 -16.92
C PRO B 70 13.95 7.15 -16.87
N GLY B 71 14.57 6.82 -15.73
CA GLY B 71 15.40 5.63 -15.68
C GLY B 71 14.66 4.36 -16.02
N THR B 72 13.44 4.21 -15.46
CA THR B 72 12.70 2.97 -15.68
C THR B 72 12.20 2.87 -17.12
N MET B 73 11.95 4.01 -17.77
CA MET B 73 11.62 3.97 -19.19
C MET B 73 12.73 3.30 -19.99
N ASP B 74 13.97 3.73 -19.77
CA ASP B 74 15.09 3.18 -20.55
C ASP B 74 15.24 1.68 -20.31
N SER B 75 15.02 1.22 -19.08
CA SER B 75 15.06 -0.21 -18.80
C SER B 75 14.01 -0.94 -19.63
N VAL B 76 12.79 -0.43 -19.66
CA VAL B 76 11.73 -1.04 -20.46
C VAL B 76 12.14 -1.10 -21.92
N ARG B 77 12.61 0.04 -22.45
CA ARG B 77 12.89 0.12 -23.88
C ARG B 77 14.03 -0.80 -24.30
N SER B 78 14.93 -1.15 -23.36
CA SER B 78 16.04 -2.03 -23.64
C SER B 78 15.78 -3.47 -23.20
N GLY B 79 14.58 -3.77 -22.70
CA GLY B 79 14.27 -5.09 -22.23
C GLY B 79 13.95 -6.04 -23.36
N PRO B 80 13.61 -7.28 -22.98
CA PRO B 80 13.34 -8.31 -24.01
C PRO B 80 12.36 -7.86 -25.07
N PHE B 81 11.25 -7.25 -24.68
CA PHE B 81 10.24 -6.74 -25.60
C PHE B 81 10.18 -5.22 -25.57
N GLY B 82 11.36 -4.58 -25.55
CA GLY B 82 11.38 -3.12 -25.42
C GLY B 82 10.87 -2.40 -26.65
N GLN B 83 11.23 -2.90 -27.84
CA GLN B 83 10.88 -2.23 -29.08
C GLN B 83 9.49 -2.58 -29.61
N ILE B 84 8.68 -3.29 -28.81
CA ILE B 84 7.30 -3.53 -29.20
C ILE B 84 6.49 -2.25 -29.11
N PHE B 85 6.78 -1.42 -28.12
CA PHE B 85 5.88 -0.35 -27.74
C PHE B 85 5.97 0.83 -28.70
N ARG B 86 4.92 1.62 -28.73
CA ARG B 86 4.88 2.80 -29.56
C ARG B 86 5.78 3.88 -28.97
N PRO B 87 6.79 4.36 -29.69
CA PRO B 87 7.69 5.38 -29.09
C PRO B 87 6.96 6.54 -28.45
N ASP B 88 5.90 7.06 -29.09
CA ASP B 88 5.19 8.21 -28.56
C ASP B 88 4.43 7.92 -27.29
N ASN B 89 4.28 6.65 -26.91
CA ASN B 89 3.53 6.28 -25.71
C ASN B 89 4.39 6.26 -24.46
N PHE B 90 5.68 6.58 -24.57
CA PHE B 90 6.52 6.81 -23.41
C PHE B 90 6.33 8.26 -22.97
N VAL B 91 5.65 8.46 -21.84
CA VAL B 91 5.41 9.79 -21.28
C VAL B 91 6.11 9.83 -19.93
N PHE B 92 7.24 10.54 -19.87
CA PHE B 92 8.06 10.53 -18.67
C PHE B 92 8.53 11.94 -18.32
N GLY B 93 8.80 12.15 -17.04
CA GLY B 93 9.40 13.36 -16.55
C GLY B 93 10.86 13.16 -16.19
N GLN B 94 11.42 14.17 -15.53
CA GLN B 94 12.82 14.17 -15.13
C GLN B 94 13.03 14.27 -13.64
N SER B 95 12.04 14.72 -12.88
CA SER B 95 12.22 15.04 -11.47
C SER B 95 12.12 13.81 -10.58
N GLY B 96 11.17 12.92 -10.86
CA GLY B 96 10.85 11.83 -9.96
C GLY B 96 9.87 12.30 -8.90
N ALA B 97 9.42 11.35 -8.08
CA ALA B 97 8.42 11.61 -7.06
C ALA B 97 8.95 11.56 -5.64
N GLY B 98 10.10 10.92 -5.42
CA GLY B 98 10.70 10.89 -4.09
C GLY B 98 9.86 10.18 -3.05
N ASN B 99 9.15 9.13 -3.44
CA ASN B 99 8.22 8.41 -2.56
C ASN B 99 7.19 9.35 -1.94
N ASN B 100 6.95 10.50 -2.55
CA ASN B 100 6.03 11.50 -2.01
C ASN B 100 4.74 11.46 -2.82
N TRP B 101 3.65 11.06 -2.16
CA TRP B 101 2.35 10.97 -2.84
C TRP B 101 1.92 12.33 -3.37
N ALA B 102 2.14 13.39 -2.60
CA ALA B 102 1.72 14.73 -3.02
C ALA B 102 2.44 15.15 -4.29
N LYS B 103 3.74 14.84 -4.39
CA LYS B 103 4.48 15.19 -5.61
C LYS B 103 3.85 14.50 -6.82
N GLY B 104 3.54 13.21 -6.69
CA GLY B 104 2.95 12.50 -7.81
C GLY B 104 1.54 12.95 -8.12
N HIS B 105 0.77 13.36 -7.11
CA HIS B 105 -0.64 13.64 -7.29
C HIS B 105 -0.96 15.10 -7.56
N TYR B 106 -0.15 16.03 -7.09
CA TYR B 106 -0.50 17.45 -7.08
C TYR B 106 0.46 18.36 -7.83
N THR B 107 1.77 18.12 -7.72
CA THR B 107 2.76 19.02 -8.30
C THR B 107 3.48 18.36 -9.48
N GLU B 108 4.44 17.47 -9.20
CA GLU B 108 5.26 16.92 -10.26
C GLU B 108 4.43 16.11 -11.25
N GLY B 109 3.48 15.31 -10.75
CA GLY B 109 2.64 14.54 -11.64
C GLY B 109 1.58 15.35 -12.35
N ALA B 110 1.11 16.43 -11.71
CA ALA B 110 0.12 17.30 -12.36
C ALA B 110 0.71 17.97 -13.60
N GLU B 111 2.02 18.24 -13.58
CA GLU B 111 2.66 18.85 -14.74
C GLU B 111 2.65 17.91 -15.95
N LEU B 112 2.75 16.60 -15.70
CA LEU B 112 2.89 15.61 -16.76
C LEU B 112 1.58 14.89 -17.09
N VAL B 113 0.54 15.09 -16.28
CA VAL B 113 -0.67 14.27 -16.40
C VAL B 113 -1.37 14.54 -17.73
N ASP B 114 -1.41 15.80 -18.17
CA ASP B 114 -2.09 16.12 -19.42
C ASP B 114 -1.42 15.43 -20.60
N SER B 115 -0.09 15.39 -20.63
CA SER B 115 0.60 14.70 -21.71
C SER B 115 0.21 13.24 -21.77
N VAL B 116 -0.07 12.63 -20.61
CA VAL B 116 -0.48 11.22 -20.59
C VAL B 116 -1.89 11.07 -21.12
N LEU B 117 -2.79 11.99 -20.76
CA LEU B 117 -4.16 11.91 -21.26
C LEU B 117 -4.21 12.12 -22.76
N ASP B 118 -3.32 12.96 -23.30
CA ASP B 118 -3.28 13.14 -24.75
C ASP B 118 -2.97 11.83 -25.45
N VAL B 119 -2.04 11.04 -24.90
CA VAL B 119 -1.75 9.73 -25.47
C VAL B 119 -2.93 8.78 -25.29
N VAL B 120 -3.67 8.93 -24.19
CA VAL B 120 -4.87 8.12 -23.99
C VAL B 120 -5.91 8.45 -25.04
N ARG B 121 -6.07 9.73 -25.38
CA ARG B 121 -7.07 10.11 -26.36
C ARG B 121 -6.75 9.53 -27.73
N LYS B 122 -5.48 9.57 -28.13
CA LYS B 122 -5.06 8.90 -29.36
C LYS B 122 -5.53 7.44 -29.36
N GLU B 123 -5.13 6.69 -28.34
CA GLU B 123 -5.45 5.27 -28.31
C GLU B 123 -6.95 5.04 -28.24
N SER B 124 -7.63 5.77 -27.36
CA SER B 124 -9.06 5.52 -27.15
C SER B 124 -9.86 5.85 -28.40
N GLU B 125 -9.54 6.97 -29.07
CA GLU B 125 -10.26 7.34 -30.29
C GLU B 125 -10.01 6.37 -31.43
N SER B 126 -8.91 5.61 -31.38
CA SER B 126 -8.59 4.59 -32.38
C SER B 126 -9.19 3.23 -32.04
N CYS B 127 -10.22 3.20 -31.20
CA CYS B 127 -10.84 1.96 -30.75
C CYS B 127 -12.24 1.84 -31.32
N ASP B 128 -12.55 0.68 -31.90
CA ASP B 128 -13.90 0.42 -32.40
C ASP B 128 -14.93 0.65 -31.32
N CYS B 129 -14.72 0.06 -30.14
CA CYS B 129 -15.62 0.26 -29.01
C CYS B 129 -14.78 0.14 -27.74
N LEU B 130 -14.36 1.29 -27.20
CA LEU B 130 -13.53 1.28 -26.01
C LEU B 130 -14.26 0.60 -24.85
N GLN B 131 -13.60 -0.39 -24.26
CA GLN B 131 -14.20 -1.16 -23.17
C GLN B 131 -13.82 -0.59 -21.81
N GLY B 132 -12.54 -0.35 -21.58
CA GLY B 132 -12.11 0.17 -20.31
C GLY B 132 -10.60 0.28 -20.26
N PHE B 133 -10.10 0.63 -19.08
CA PHE B 133 -8.68 0.84 -18.83
C PHE B 133 -8.20 -0.10 -17.73
N GLN B 134 -6.93 -0.47 -17.80
CA GLN B 134 -6.29 -1.24 -16.74
C GLN B 134 -4.98 -0.56 -16.38
N LEU B 135 -4.70 -0.49 -15.08
CA LEU B 135 -3.53 0.20 -14.56
C LEU B 135 -2.71 -0.75 -13.70
N THR B 136 -1.40 -0.74 -13.89
CA THR B 136 -0.47 -1.48 -13.05
C THR B 136 0.43 -0.47 -12.35
N HIS B 137 0.58 -0.62 -11.04
CA HIS B 137 1.27 0.39 -10.24
C HIS B 137 1.39 -0.11 -8.81
N SER B 138 2.36 0.46 -8.09
CA SER B 138 2.47 0.27 -6.65
C SER B 138 1.71 1.37 -5.92
N LEU B 139 1.30 1.06 -4.69
CA LEU B 139 0.65 2.05 -3.83
C LEU B 139 1.59 2.66 -2.80
N GLY B 140 2.78 2.10 -2.60
CA GLY B 140 3.68 2.56 -1.56
C GLY B 140 4.62 3.67 -1.98
N GLY B 141 4.79 3.87 -3.29
CA GLY B 141 5.66 4.89 -3.82
C GLY B 141 4.95 6.22 -3.97
N GLY B 142 5.44 7.03 -4.91
CA GLY B 142 4.90 8.36 -5.14
C GLY B 142 4.34 8.57 -6.53
N THR B 143 4.98 7.99 -7.56
CA THR B 143 4.51 8.17 -8.93
C THR B 143 3.35 7.23 -9.23
N GLY B 144 3.58 5.91 -9.12
CA GLY B 144 2.51 4.96 -9.38
C GLY B 144 1.33 5.15 -8.45
N SER B 145 1.59 5.50 -7.19
CA SER B 145 0.52 5.75 -6.25
C SER B 145 -0.09 7.14 -6.47
N GLY B 146 0.70 8.19 -6.24
CA GLY B 146 0.20 9.55 -6.34
C GLY B 146 -0.25 9.96 -7.73
N MET B 147 0.64 9.81 -8.71
CA MET B 147 0.24 10.16 -10.08
C MET B 147 -0.68 9.12 -10.69
N GLY B 148 -0.54 7.85 -10.28
CA GLY B 148 -1.42 6.83 -10.82
C GLY B 148 -2.88 7.11 -10.53
N THR B 149 -3.20 7.41 -9.27
CA THR B 149 -4.59 7.71 -8.91
C THR B 149 -5.05 9.03 -9.48
N LEU B 150 -4.13 9.98 -9.70
CA LEU B 150 -4.51 11.20 -10.39
C LEU B 150 -4.93 10.90 -11.82
N LEU B 151 -4.17 10.05 -12.52
CA LEU B 151 -4.55 9.65 -13.86
C LEU B 151 -5.93 8.97 -13.86
N ILE B 152 -6.18 8.13 -12.86
CA ILE B 152 -7.48 7.47 -12.75
C ILE B 152 -8.59 8.51 -12.61
N SER B 153 -8.38 9.52 -11.77
CA SER B 153 -9.40 10.52 -11.55
C SER B 153 -9.67 11.33 -12.82
N LYS B 154 -8.63 11.58 -13.62
CA LYS B 154 -8.80 12.34 -14.85
C LYS B 154 -9.50 11.50 -15.91
N ILE B 155 -9.13 10.21 -16.01
CA ILE B 155 -9.74 9.33 -16.99
C ILE B 155 -11.23 9.19 -16.72
N ARG B 156 -11.62 9.09 -15.45
CA ARG B 156 -13.04 8.97 -15.12
C ARG B 156 -13.82 10.22 -15.52
N GLU B 157 -13.13 11.37 -15.62
CA GLU B 157 -13.81 12.59 -16.05
C GLU B 157 -14.08 12.56 -17.56
N GLU B 158 -13.10 12.10 -18.35
CA GLU B 158 -13.30 11.99 -19.79
C GLU B 158 -14.15 10.79 -20.16
N TYR B 159 -13.95 9.66 -19.48
CA TYR B 159 -14.61 8.40 -19.79
C TYR B 159 -15.38 7.89 -18.57
N PRO B 160 -16.41 8.62 -18.14
CA PRO B 160 -17.14 8.21 -16.93
C PRO B 160 -17.88 6.90 -17.07
N ASP B 161 -18.21 6.47 -18.29
CA ASP B 161 -18.99 5.26 -18.51
C ASP B 161 -18.14 4.05 -18.87
N ARG B 162 -16.82 4.14 -18.73
CA ARG B 162 -15.91 3.05 -19.03
CA ARG B 162 -15.92 3.04 -19.03
C ARG B 162 -15.45 2.36 -17.76
N ILE B 163 -14.94 1.14 -17.92
CA ILE B 163 -14.48 0.34 -16.80
C ILE B 163 -13.02 0.68 -16.50
N MET B 164 -12.71 0.80 -15.21
CA MET B 164 -11.35 1.07 -14.74
C MET B 164 -10.93 -0.10 -13.87
N ASN B 165 -9.93 -0.85 -14.33
CA ASN B 165 -9.29 -1.92 -13.55
C ASN B 165 -7.90 -1.46 -13.12
N THR B 166 -7.43 -2.05 -12.02
CA THR B 166 -6.08 -1.77 -11.55
C THR B 166 -5.47 -3.05 -10.97
N PHE B 167 -4.17 -3.19 -11.14
CA PHE B 167 -3.38 -4.22 -10.47
C PHE B 167 -2.44 -3.46 -9.53
N SER B 168 -2.78 -3.42 -8.25
CA SER B 168 -2.11 -2.58 -7.28
C SER B 168 -1.27 -3.43 -6.34
N VAL B 169 0.04 -3.19 -6.35
CA VAL B 169 0.93 -3.81 -5.38
C VAL B 169 0.76 -3.07 -4.05
N MET B 170 0.28 -3.79 -3.03
CA MET B 170 -0.04 -3.21 -1.74
C MET B 170 1.14 -3.35 -0.79
N PRO B 171 1.22 -2.50 0.24
CA PRO B 171 2.26 -2.68 1.25
C PRO B 171 2.13 -4.03 1.93
N SER B 172 3.27 -4.66 2.17
CA SER B 172 3.28 -5.96 2.83
C SER B 172 3.37 -5.79 4.34
N PRO B 173 2.92 -6.80 5.10
CA PRO B 173 2.89 -6.64 6.57
C PRO B 173 4.26 -6.48 7.20
N LYS B 174 5.27 -7.19 6.72
CA LYS B 174 6.58 -7.18 7.37
C LYS B 174 7.71 -6.68 6.48
N VAL B 175 7.65 -6.90 5.17
CA VAL B 175 8.71 -6.47 4.27
C VAL B 175 8.35 -5.09 3.73
N SER B 176 9.24 -4.13 3.95
CA SER B 176 9.06 -2.77 3.48
C SER B 176 10.42 -2.18 3.17
N ASP B 177 10.44 -1.28 2.19
CA ASP B 177 11.63 -0.51 1.85
C ASP B 177 11.31 0.97 1.70
N THR B 178 10.19 1.42 2.26
CA THR B 178 9.73 2.80 2.12
C THR B 178 9.12 3.22 3.45
N VAL B 179 9.71 4.23 4.07
CA VAL B 179 9.30 4.62 5.42
C VAL B 179 7.91 5.24 5.41
N VAL B 180 7.55 5.98 4.35
CA VAL B 180 6.30 6.71 4.32
C VAL B 180 5.20 5.93 3.58
N GLU B 181 5.41 4.64 3.32
CA GLU B 181 4.43 3.90 2.54
C GLU B 181 3.04 3.88 3.17
N PRO B 182 2.87 3.87 4.51
CA PRO B 182 1.49 3.93 5.02
C PRO B 182 0.76 5.18 4.59
N TYR B 183 1.44 6.34 4.58
CA TYR B 183 0.81 7.56 4.09
C TYR B 183 0.44 7.42 2.63
N ASN B 184 1.38 6.94 1.80
CA ASN B 184 1.12 6.84 0.37
C ASN B 184 0.01 5.83 0.09
N ALA B 185 0.01 4.70 0.79
CA ALA B 185 -0.99 3.67 0.53
C ALA B 185 -2.38 4.14 0.95
N THR B 186 -2.50 4.73 2.14
CA THR B 186 -3.81 5.17 2.61
C THR B 186 -4.40 6.23 1.70
N LEU B 187 -3.56 7.17 1.25
CA LEU B 187 -4.05 8.21 0.34
C LEU B 187 -4.50 7.60 -0.98
N SER B 188 -3.79 6.57 -1.45
CA SER B 188 -4.16 5.94 -2.72
C SER B 188 -5.43 5.12 -2.58
N VAL B 189 -5.56 4.34 -1.50
CA VAL B 189 -6.73 3.49 -1.32
C VAL B 189 -8.01 4.33 -1.34
N HIS B 190 -7.99 5.49 -0.69
CA HIS B 190 -9.16 6.36 -0.69
C HIS B 190 -9.51 6.82 -2.10
N GLN B 191 -8.51 6.92 -2.97
CA GLN B 191 -8.79 7.19 -4.38
C GLN B 191 -9.30 5.94 -5.10
N LEU B 192 -8.68 4.79 -4.83
CA LEU B 192 -9.09 3.57 -5.51
C LEU B 192 -10.51 3.17 -5.13
N VAL B 193 -10.89 3.38 -3.87
CA VAL B 193 -12.22 2.99 -3.41
C VAL B 193 -13.30 3.72 -4.20
N GLU B 194 -12.98 4.89 -4.77
CA GLU B 194 -13.96 5.74 -5.43
C GLU B 194 -13.95 5.59 -6.95
N ASN B 195 -12.77 5.45 -7.57
CA ASN B 195 -12.65 5.61 -9.01
C ASN B 195 -12.16 4.34 -9.72
N THR B 196 -12.37 3.16 -9.12
CA THR B 196 -12.05 1.90 -9.78
C THR B 196 -13.21 0.93 -9.63
N ASP B 197 -13.44 0.15 -10.67
CA ASP B 197 -14.45 -0.91 -10.63
C ASP B 197 -13.89 -2.21 -10.09
N GLU B 198 -12.60 -2.49 -10.35
CA GLU B 198 -11.97 -3.70 -9.89
C GLU B 198 -10.51 -3.38 -9.55
N THR B 199 -10.05 -3.88 -8.40
CA THR B 199 -8.66 -3.72 -7.98
C THR B 199 -8.14 -5.06 -7.49
N TYR B 200 -7.08 -5.55 -8.13
CA TYR B 200 -6.42 -6.77 -7.71
C TYR B 200 -5.31 -6.42 -6.73
N CYS B 201 -5.40 -6.96 -5.51
CA CYS B 201 -4.41 -6.70 -4.47
C CYS B 201 -3.26 -7.67 -4.62
N ILE B 202 -2.06 -7.14 -4.76
CA ILE B 202 -0.84 -7.93 -4.92
C ILE B 202 0.10 -7.58 -3.78
N ASP B 203 0.66 -8.61 -3.15
CA ASP B 203 1.54 -8.46 -1.98
C ASP B 203 2.89 -9.08 -2.29
N ASN B 204 3.96 -8.29 -2.16
CA ASN B 204 5.28 -8.78 -2.54
C ASN B 204 5.81 -9.81 -1.55
N GLU B 205 5.43 -9.70 -0.27
CA GLU B 205 5.88 -10.69 0.70
C GLU B 205 5.33 -12.06 0.39
N ALA B 206 4.06 -12.14 -0.01
CA ALA B 206 3.49 -13.42 -0.41
C ALA B 206 4.15 -13.94 -1.68
N LEU B 207 4.36 -13.07 -2.66
CA LEU B 207 5.04 -13.50 -3.89
C LEU B 207 6.45 -13.99 -3.59
N TYR B 208 7.14 -13.34 -2.65
CA TYR B 208 8.49 -13.76 -2.30
C TYR B 208 8.46 -15.12 -1.59
N ASP B 209 7.50 -15.33 -0.71
CA ASP B 209 7.37 -16.62 -0.03
C ASP B 209 7.14 -17.76 -1.03
N ILE B 210 6.27 -17.52 -2.02
CA ILE B 210 6.05 -18.52 -3.06
C ILE B 210 7.35 -18.81 -3.80
N CYS B 211 8.05 -17.74 -4.23
CA CYS B 211 9.30 -17.94 -4.95
C CYS B 211 10.32 -18.70 -4.12
N PHE B 212 10.33 -18.49 -2.81
CA PHE B 212 11.35 -19.06 -1.92
C PHE B 212 10.88 -20.39 -1.31
N ARG B 213 9.71 -20.39 -0.67
CA ARG B 213 9.27 -21.59 0.04
C ARG B 213 8.76 -22.65 -0.91
N THR B 214 8.09 -22.25 -1.99
CA THR B 214 7.43 -23.18 -2.91
C THR B 214 8.27 -23.48 -4.14
N LEU B 215 8.53 -22.48 -4.98
CA LEU B 215 9.28 -22.69 -6.21
C LEU B 215 10.76 -23.00 -5.95
N LYS B 216 11.24 -22.82 -4.72
CA LYS B 216 12.60 -23.17 -4.35
C LYS B 216 13.63 -22.36 -5.13
N LEU B 217 13.47 -21.03 -5.10
CA LEU B 217 14.48 -20.10 -5.60
C LEU B 217 15.21 -19.53 -4.40
N THR B 218 16.50 -19.87 -4.26
CA THR B 218 17.25 -19.46 -3.08
C THR B 218 17.51 -17.95 -3.06
N THR B 219 17.52 -17.30 -4.22
CA THR B 219 17.76 -15.86 -4.33
C THR B 219 16.69 -15.24 -5.22
N PRO B 220 15.46 -15.13 -4.73
CA PRO B 220 14.40 -14.51 -5.54
C PRO B 220 14.70 -13.05 -5.81
N THR B 221 14.28 -12.59 -6.98
CA THR B 221 14.46 -11.21 -7.40
C THR B 221 13.12 -10.68 -7.90
N TYR B 222 13.06 -9.36 -8.09
CA TYR B 222 11.83 -8.76 -8.60
C TYR B 222 11.45 -9.33 -9.96
N GLY B 223 12.43 -9.82 -10.72
CA GLY B 223 12.12 -10.50 -11.96
C GLY B 223 11.32 -11.77 -11.72
N ASP B 224 11.72 -12.56 -10.73
CA ASP B 224 10.97 -13.76 -10.39
C ASP B 224 9.57 -13.40 -9.89
N LEU B 225 9.48 -12.39 -9.01
CA LEU B 225 8.18 -11.98 -8.50
C LEU B 225 7.29 -11.43 -9.60
N ASN B 226 7.87 -10.65 -10.52
CA ASN B 226 7.09 -10.10 -11.61
C ASN B 226 6.56 -11.21 -12.52
N HIS B 227 7.35 -12.26 -12.73
CA HIS B 227 6.89 -13.36 -13.56
C HIS B 227 5.62 -13.98 -12.98
N LEU B 228 5.57 -14.16 -11.66
CA LEU B 228 4.35 -14.67 -11.03
C LEU B 228 3.19 -13.72 -11.23
N VAL B 229 3.41 -12.42 -11.03
CA VAL B 229 2.33 -11.45 -11.19
C VAL B 229 1.86 -11.42 -12.63
N SER B 230 2.80 -11.43 -13.58
CA SER B 230 2.42 -11.42 -14.98
C SER B 230 1.63 -12.68 -15.35
N ALA B 231 2.05 -13.83 -14.82
CA ALA B 231 1.31 -15.07 -15.07
C ALA B 231 -0.12 -14.96 -14.58
N THR B 232 -0.33 -14.31 -13.44
CA THR B 232 -1.70 -14.12 -12.94
C THR B 232 -2.47 -13.13 -13.80
N MET B 233 -1.81 -12.05 -14.22
CA MET B 233 -2.49 -11.07 -15.08
C MET B 233 -2.96 -11.71 -16.38
N SER B 234 -2.12 -12.54 -16.99
CA SER B 234 -2.55 -13.29 -18.17
C SER B 234 -3.74 -14.18 -17.85
N GLY B 235 -3.69 -14.87 -16.71
CA GLY B 235 -4.77 -15.79 -16.35
C GLY B 235 -6.09 -15.07 -16.13
N VAL B 236 -6.05 -13.88 -15.53
CA VAL B 236 -7.27 -13.11 -15.29
C VAL B 236 -7.90 -12.68 -16.61
N THR B 237 -7.08 -12.22 -17.55
CA THR B 237 -7.56 -11.69 -18.82
C THR B 237 -7.69 -12.76 -19.90
N THR B 238 -7.63 -14.04 -19.55
CA THR B 238 -7.71 -15.08 -20.55
C THR B 238 -9.02 -15.02 -21.32
N CYS B 239 -10.13 -14.78 -20.62
CA CYS B 239 -11.43 -14.76 -21.29
C CYS B 239 -11.59 -13.54 -22.18
N LEU B 240 -10.94 -12.43 -21.83
CA LEU B 240 -10.99 -11.24 -22.68
C LEU B 240 -10.14 -11.38 -23.92
N ARG B 241 -9.13 -12.26 -23.91
CA ARG B 241 -8.18 -12.37 -25.00
C ARG B 241 -8.40 -13.60 -25.88
N PHE B 242 -9.15 -14.59 -25.41
CA PHE B 242 -9.38 -15.80 -26.18
C PHE B 242 -10.86 -16.12 -26.28
N PRO B 243 -11.29 -16.74 -27.36
CA PRO B 243 -12.69 -17.18 -27.46
C PRO B 243 -12.90 -18.52 -26.76
N GLY B 244 -14.17 -18.83 -26.53
CA GLY B 244 -14.53 -20.07 -25.87
C GLY B 244 -15.99 -20.06 -25.47
N GLN B 245 -16.33 -20.97 -24.55
CA GLN B 245 -17.70 -21.07 -24.07
C GLN B 245 -18.18 -19.78 -23.41
N LEU B 246 -17.27 -18.94 -22.96
CA LEU B 246 -17.60 -17.70 -22.27
C LEU B 246 -17.31 -16.50 -23.18
N ASN B 247 -18.32 -15.66 -23.37
CA ASN B 247 -18.21 -14.42 -24.14
C ASN B 247 -18.54 -13.27 -23.19
N ALA B 248 -17.52 -12.80 -22.47
CA ALA B 248 -17.70 -11.79 -21.44
C ALA B 248 -16.59 -10.77 -21.50
N ASP B 249 -16.89 -9.57 -21.00
CA ASP B 249 -16.00 -8.43 -21.01
C ASP B 249 -15.65 -8.03 -19.58
N LEU B 250 -15.03 -6.85 -19.43
CA LEU B 250 -14.70 -6.36 -18.09
C LEU B 250 -15.94 -5.95 -17.33
N ARG B 251 -16.90 -5.32 -18.01
CA ARG B 251 -18.10 -4.84 -17.32
C ARG B 251 -18.91 -6.01 -16.75
N LYS B 252 -19.02 -7.11 -17.50
CA LYS B 252 -19.70 -8.29 -16.96
C LYS B 252 -18.98 -8.83 -15.74
N LEU B 253 -17.64 -8.87 -15.79
CA LEU B 253 -16.87 -9.33 -14.64
C LEU B 253 -17.17 -8.48 -13.41
N ALA B 254 -17.17 -7.15 -13.59
CA ALA B 254 -17.48 -6.26 -12.46
C ALA B 254 -18.91 -6.42 -12.00
N VAL B 255 -19.85 -6.58 -12.94
CA VAL B 255 -21.26 -6.69 -12.60
C VAL B 255 -21.49 -7.90 -11.71
N ASN B 256 -20.77 -8.99 -11.96
CA ASN B 256 -21.00 -10.23 -11.22
C ASN B 256 -20.05 -10.42 -10.04
N MET B 257 -18.90 -9.76 -10.03
CA MET B 257 -17.95 -9.91 -8.95
C MET B 257 -18.15 -8.91 -7.81
N VAL B 258 -18.84 -7.81 -8.06
CA VAL B 258 -18.92 -6.72 -7.08
C VAL B 258 -20.36 -6.52 -6.62
N PRO B 259 -20.79 -7.15 -5.52
CA PRO B 259 -22.16 -6.92 -5.04
C PRO B 259 -22.36 -5.56 -4.38
N PHE B 260 -21.29 -4.83 -4.08
CA PHE B 260 -21.40 -3.53 -3.46
C PHE B 260 -20.26 -2.68 -4.00
N PRO B 261 -20.55 -1.45 -4.44
CA PRO B 261 -19.59 -0.75 -5.30
C PRO B 261 -18.22 -0.54 -4.67
N ARG B 262 -18.15 -0.27 -3.37
CA ARG B 262 -16.87 0.03 -2.74
C ARG B 262 -16.05 -1.23 -2.47
N LEU B 263 -16.71 -2.39 -2.32
CA LEU B 263 -16.01 -3.63 -2.01
C LEU B 263 -15.66 -4.34 -3.32
N HIS B 264 -14.62 -3.84 -3.97
CA HIS B 264 -14.16 -4.34 -5.26
C HIS B 264 -12.67 -4.61 -5.24
N PHE B 265 -12.16 -5.11 -4.13
CA PHE B 265 -10.75 -5.42 -3.97
C PHE B 265 -10.58 -6.92 -3.91
N PHE B 266 -9.90 -7.48 -4.91
CA PHE B 266 -9.86 -8.91 -5.15
C PHE B 266 -8.56 -9.53 -4.65
N MET B 267 -8.62 -10.83 -4.40
CA MET B 267 -7.52 -11.61 -3.87
C MET B 267 -7.10 -12.60 -4.95
N PRO B 268 -6.02 -12.35 -5.68
CA PRO B 268 -5.65 -13.24 -6.79
C PRO B 268 -4.88 -14.47 -6.32
N GLY B 269 -4.95 -15.52 -7.14
CA GLY B 269 -4.25 -16.75 -6.88
C GLY B 269 -3.88 -17.43 -8.18
N PHE B 270 -3.04 -18.46 -8.06
CA PHE B 270 -2.55 -19.17 -9.23
C PHE B 270 -2.12 -20.57 -8.83
N ALA B 271 -2.39 -21.54 -9.72
CA ALA B 271 -1.94 -22.90 -9.57
C ALA B 271 -1.54 -23.42 -10.94
N PRO B 272 -0.54 -24.32 -11.01
CA PRO B 272 0.22 -24.89 -9.90
C PRO B 272 1.36 -23.98 -9.45
N THR B 285 -2.80 -33.69 -11.17
CA THR B 285 -4.18 -34.02 -11.48
C THR B 285 -5.10 -32.81 -11.32
N VAL B 286 -6.20 -32.81 -12.06
CA VAL B 286 -7.21 -31.75 -11.91
C VAL B 286 -7.59 -31.57 -10.46
N PRO B 287 -7.95 -32.61 -9.70
CA PRO B 287 -8.24 -32.42 -8.27
C PRO B 287 -7.17 -31.65 -7.52
N GLU B 288 -5.89 -31.86 -7.84
CA GLU B 288 -4.83 -31.22 -7.07
C GLU B 288 -4.72 -29.72 -7.36
N LEU B 289 -5.03 -29.30 -8.60
CA LEU B 289 -5.04 -27.87 -8.89
C LEU B 289 -6.06 -27.14 -8.04
N THR B 290 -7.32 -27.61 -8.05
CA THR B 290 -8.36 -26.96 -7.28
C THR B 290 -8.02 -26.93 -5.80
N GLN B 291 -7.31 -27.95 -5.32
CA GLN B 291 -6.85 -27.96 -3.94
C GLN B 291 -5.83 -26.84 -3.71
N GLN B 292 -4.80 -26.77 -4.57
CA GLN B 292 -3.84 -25.67 -4.50
C GLN B 292 -4.53 -24.33 -4.62
N MET B 293 -5.40 -24.19 -5.62
CA MET B 293 -5.90 -22.88 -6.00
C MET B 293 -6.57 -22.16 -4.84
N PHE B 294 -7.29 -22.89 -4.00
CA PHE B 294 -7.97 -22.31 -2.85
C PHE B 294 -7.07 -22.20 -1.62
N ASP B 295 -5.82 -22.64 -1.71
CA ASP B 295 -4.94 -22.63 -0.55
C ASP B 295 -4.47 -21.22 -0.23
N SER B 296 -4.34 -20.94 1.08
CA SER B 296 -3.73 -19.68 1.50
C SER B 296 -2.34 -19.53 0.90
N LYS B 297 -1.60 -20.64 0.77
CA LYS B 297 -0.24 -20.60 0.25
C LYS B 297 -0.18 -20.14 -1.19
N ASN B 298 -1.30 -20.14 -1.91
CA ASN B 298 -1.35 -19.74 -3.31
C ASN B 298 -1.99 -18.37 -3.51
N MET B 299 -2.26 -17.63 -2.43
CA MET B 299 -2.90 -16.34 -2.54
C MET B 299 -1.87 -15.23 -2.74
N MET B 300 -2.16 -14.34 -3.67
CA MET B 300 -1.24 -13.26 -4.03
C MET B 300 -1.33 -12.08 -3.07
N ALA B 301 -2.43 -11.95 -2.34
CA ALA B 301 -2.61 -10.91 -1.35
C ALA B 301 -2.36 -11.46 0.05
N ALA B 302 -1.82 -10.61 0.93
CA ALA B 302 -1.42 -11.04 2.26
C ALA B 302 -2.62 -10.95 3.20
N CYS B 303 -3.59 -11.84 2.95
CA CYS B 303 -4.75 -11.98 3.81
C CYS B 303 -5.24 -13.42 3.75
N ASP B 304 -5.52 -13.98 4.91
CA ASP B 304 -5.95 -15.36 5.01
C ASP B 304 -7.41 -15.46 4.60
N PRO B 305 -7.75 -16.23 3.55
CA PRO B 305 -9.17 -16.39 3.20
C PRO B 305 -9.97 -17.00 4.33
N ARG B 306 -9.36 -17.88 5.13
CA ARG B 306 -10.06 -18.51 6.25
C ARG B 306 -10.46 -17.49 7.32
N HIS B 307 -9.90 -16.29 7.29
CA HIS B 307 -10.29 -15.21 8.20
C HIS B 307 -11.45 -14.39 7.64
N GLY B 308 -12.20 -14.93 6.70
CA GLY B 308 -13.33 -14.22 6.16
C GLY B 308 -14.21 -15.13 5.33
N ARG B 309 -15.11 -14.52 4.57
CA ARG B 309 -16.01 -15.23 3.68
C ARG B 309 -15.94 -14.63 2.29
N TYR B 310 -15.96 -15.50 1.29
CA TYR B 310 -15.97 -15.05 -0.10
C TYR B 310 -17.35 -14.52 -0.47
N LEU B 311 -17.41 -13.27 -0.91
CA LEU B 311 -18.64 -12.76 -1.51
C LEU B 311 -18.85 -13.40 -2.88
N THR B 312 -17.80 -13.42 -3.70
CA THR B 312 -17.86 -13.99 -5.04
C THR B 312 -16.48 -14.53 -5.38
N VAL B 313 -16.44 -15.48 -6.31
CA VAL B 313 -15.21 -16.12 -6.73
C VAL B 313 -15.26 -16.43 -8.22
N ALA B 314 -14.12 -16.28 -8.89
CA ALA B 314 -13.98 -16.60 -10.29
C ALA B 314 -12.74 -17.46 -10.47
N ALA B 315 -12.90 -18.60 -11.13
CA ALA B 315 -11.80 -19.52 -11.38
C ALA B 315 -11.71 -19.78 -12.87
N ILE B 316 -10.50 -19.69 -13.42
CA ILE B 316 -10.25 -19.89 -14.85
C ILE B 316 -9.24 -21.01 -14.99
N PHE B 317 -9.60 -22.05 -15.72
CA PHE B 317 -8.72 -23.17 -15.99
C PHE B 317 -8.29 -23.15 -17.45
N ARG B 318 -7.02 -23.43 -17.70
CA ARG B 318 -6.45 -23.36 -19.02
C ARG B 318 -5.75 -24.66 -19.35
N GLY B 319 -5.82 -25.05 -20.62
CA GLY B 319 -5.19 -26.27 -21.10
C GLY B 319 -6.19 -27.39 -21.31
N ARG B 320 -5.86 -28.30 -22.21
CA ARG B 320 -6.70 -29.45 -22.46
C ARG B 320 -6.90 -30.24 -21.17
N MET B 321 -8.14 -30.32 -20.71
CA MET B 321 -8.45 -30.98 -19.44
C MET B 321 -9.92 -31.34 -19.42
N SER B 322 -10.25 -32.37 -18.65
CA SER B 322 -11.63 -32.84 -18.55
C SER B 322 -12.50 -31.79 -17.90
N MET B 323 -13.47 -31.26 -18.66
CA MET B 323 -14.37 -30.24 -18.12
C MET B 323 -15.17 -30.80 -16.95
N LYS B 324 -15.83 -31.95 -17.15
CA LYS B 324 -16.64 -32.54 -16.09
C LYS B 324 -15.80 -32.76 -14.83
N GLU B 325 -14.53 -33.11 -14.98
CA GLU B 325 -13.68 -33.32 -13.82
C GLU B 325 -13.49 -32.04 -13.04
N VAL B 326 -13.31 -30.91 -13.74
CA VAL B 326 -13.16 -29.63 -13.06
C VAL B 326 -14.46 -29.24 -12.36
N ASP B 327 -15.59 -29.39 -13.05
CA ASP B 327 -16.87 -29.02 -12.45
C ASP B 327 -17.10 -29.79 -11.16
N GLU B 328 -16.84 -31.10 -11.17
CA GLU B 328 -17.04 -31.90 -9.97
C GLU B 328 -16.10 -31.45 -8.85
N GLN B 329 -14.84 -31.17 -9.19
CA GLN B 329 -13.87 -30.75 -8.18
C GLN B 329 -14.20 -29.39 -7.61
N MET B 330 -14.53 -28.42 -8.48
CA MET B 330 -14.97 -27.11 -7.99
C MET B 330 -16.17 -27.27 -7.07
N LEU B 331 -17.23 -27.93 -7.55
CA LEU B 331 -18.42 -28.13 -6.74
C LEU B 331 -18.08 -28.80 -5.40
N ASN B 332 -17.07 -29.67 -5.38
CA ASN B 332 -16.68 -30.30 -4.12
C ASN B 332 -16.09 -29.29 -3.16
N VAL B 333 -15.25 -28.37 -3.66
CA VAL B 333 -14.64 -27.37 -2.79
C VAL B 333 -15.71 -26.46 -2.19
N GLN B 334 -16.70 -26.07 -2.99
CA GLN B 334 -17.78 -25.23 -2.48
C GLN B 334 -18.54 -25.96 -1.37
N ASN B 335 -19.01 -27.18 -1.67
CA ASN B 335 -19.82 -27.93 -0.70
C ASN B 335 -18.98 -28.35 0.50
N LYS B 336 -17.71 -28.70 0.28
CA LYS B 336 -16.87 -29.19 1.37
C LYS B 336 -16.60 -28.10 2.40
N ASN B 337 -16.22 -26.90 1.94
CA ASN B 337 -15.91 -25.81 2.85
C ASN B 337 -16.90 -24.66 2.67
N SER B 338 -18.19 -24.98 2.70
CA SER B 338 -19.22 -23.99 2.42
C SER B 338 -19.32 -22.90 3.49
N SER B 339 -18.71 -23.10 4.66
CA SER B 339 -18.78 -22.09 5.71
C SER B 339 -17.97 -20.85 5.39
N TYR B 340 -17.14 -20.88 4.35
CA TYR B 340 -16.34 -19.74 3.94
C TYR B 340 -16.93 -19.01 2.73
N PHE B 341 -18.21 -19.23 2.44
CA PHE B 341 -18.89 -18.59 1.33
C PHE B 341 -20.18 -17.97 1.84
N VAL B 342 -20.47 -16.74 1.40
CA VAL B 342 -21.71 -16.11 1.79
C VAL B 342 -22.88 -16.92 1.25
N GLU B 343 -23.90 -17.09 2.10
CA GLU B 343 -25.05 -17.91 1.76
C GLU B 343 -26.14 -17.15 1.01
N TRP B 344 -26.05 -15.82 0.95
CA TRP B 344 -27.08 -15.00 0.35
C TRP B 344 -26.74 -14.52 -1.06
N ILE B 345 -25.65 -15.03 -1.64
CA ILE B 345 -25.38 -14.83 -3.06
C ILE B 345 -25.39 -16.22 -3.70
N PRO B 346 -26.54 -16.70 -4.17
CA PRO B 346 -26.59 -18.06 -4.70
C PRO B 346 -25.63 -18.25 -5.87
N ASN B 347 -24.94 -19.40 -5.87
CA ASN B 347 -24.05 -19.78 -6.95
C ASN B 347 -23.03 -18.69 -7.25
N ASN B 348 -22.31 -18.31 -6.19
CA ASN B 348 -21.36 -17.20 -6.28
C ASN B 348 -19.96 -17.64 -6.69
N VAL B 349 -19.78 -18.90 -7.07
CA VAL B 349 -18.50 -19.41 -7.55
C VAL B 349 -18.71 -19.86 -9.00
N LYS B 350 -18.17 -19.10 -9.94
CA LYS B 350 -18.28 -19.42 -11.36
C LYS B 350 -16.92 -19.79 -11.92
N THR B 351 -16.94 -20.70 -12.90
CA THR B 351 -15.74 -21.26 -13.49
C THR B 351 -15.80 -21.13 -15.00
N ALA B 352 -14.65 -20.85 -15.60
CA ALA B 352 -14.50 -20.78 -17.05
C ALA B 352 -13.26 -21.57 -17.44
N VAL B 353 -13.24 -22.02 -18.69
CA VAL B 353 -12.15 -22.86 -19.18
C VAL B 353 -11.73 -22.37 -20.55
N CYS B 354 -10.41 -22.40 -20.80
CA CYS B 354 -9.82 -22.04 -22.09
C CYS B 354 -8.90 -23.16 -22.53
N ASP B 355 -8.92 -23.46 -23.83
CA ASP B 355 -8.14 -24.58 -24.35
C ASP B 355 -6.65 -24.28 -24.44
N ILE B 356 -6.27 -23.00 -24.44
CA ILE B 356 -4.88 -22.60 -24.66
C ILE B 356 -4.17 -22.54 -23.32
N PRO B 357 -3.16 -23.37 -23.07
CA PRO B 357 -2.40 -23.27 -21.83
C PRO B 357 -1.24 -22.30 -21.98
N PRO B 358 -0.60 -21.90 -20.88
CA PRO B 358 0.53 -20.98 -20.96
C PRO B 358 1.82 -21.71 -21.33
N ARG B 359 2.88 -20.93 -21.53
CA ARG B 359 4.13 -21.51 -21.96
C ARG B 359 4.69 -22.45 -20.92
N GLY B 360 5.21 -23.58 -21.39
CA GLY B 360 5.85 -24.54 -20.51
C GLY B 360 4.94 -25.13 -19.46
N LEU B 361 3.63 -25.06 -19.66
CA LEU B 361 2.66 -25.63 -18.74
C LEU B 361 1.58 -26.34 -19.54
N LYS B 362 1.12 -27.49 -19.03
CA LYS B 362 0.02 -28.20 -19.65
C LYS B 362 -1.33 -27.81 -19.05
N MET B 363 -1.34 -27.52 -17.75
CA MET B 363 -2.56 -27.12 -17.05
C MET B 363 -2.25 -25.98 -16.10
N SER B 364 -3.19 -25.04 -16.00
CA SER B 364 -3.02 -23.92 -15.09
C SER B 364 -4.39 -23.44 -14.66
N ALA B 365 -4.43 -22.78 -13.50
CA ALA B 365 -5.66 -22.25 -12.94
C ALA B 365 -5.37 -20.90 -12.30
N THR B 366 -6.27 -19.94 -12.52
CA THR B 366 -6.16 -18.61 -11.94
C THR B 366 -7.36 -18.34 -11.06
N PHE B 367 -7.12 -17.69 -9.92
CA PHE B 367 -8.13 -17.49 -8.89
C PHE B 367 -8.38 -16.00 -8.70
N ILE B 368 -9.65 -15.63 -8.58
CA ILE B 368 -10.06 -14.25 -8.33
C ILE B 368 -11.13 -14.29 -7.25
N GLY B 369 -10.79 -13.85 -6.05
CA GLY B 369 -11.74 -13.90 -4.94
C GLY B 369 -12.04 -12.56 -4.33
N ASN B 370 -13.32 -12.23 -4.17
CA ASN B 370 -13.75 -11.02 -3.48
C ASN B 370 -14.09 -11.40 -2.04
N SER B 371 -13.05 -11.56 -1.24
CA SER B 371 -13.18 -12.03 0.14
C SER B 371 -13.24 -10.86 1.12
N THR B 372 -14.13 -10.98 2.10
CA THR B 372 -14.17 -9.98 3.17
C THR B 372 -12.91 -9.99 4.01
N ALA B 373 -12.12 -11.06 3.94
CA ALA B 373 -10.88 -11.11 4.70
C ALA B 373 -9.91 -10.01 4.30
N ILE B 374 -10.10 -9.42 3.12
CA ILE B 374 -9.20 -8.36 2.65
C ILE B 374 -9.21 -7.15 3.57
N GLN B 375 -10.19 -7.06 4.48
CA GLN B 375 -10.19 -5.94 5.42
C GLN B 375 -8.96 -5.97 6.33
N GLU B 376 -8.43 -7.17 6.61
CA GLU B 376 -7.20 -7.28 7.39
C GLU B 376 -6.11 -6.38 6.82
N LEU B 377 -6.00 -6.34 5.49
CA LEU B 377 -5.00 -5.48 4.85
C LEU B 377 -5.28 -4.02 5.14
N PHE B 378 -6.54 -3.60 5.05
CA PHE B 378 -6.88 -2.21 5.27
C PHE B 378 -6.81 -1.85 6.75
N LYS B 379 -7.04 -2.82 7.64
CA LYS B 379 -6.75 -2.62 9.06
C LYS B 379 -5.29 -2.26 9.26
N ARG B 380 -4.39 -3.13 8.79
CA ARG B 380 -2.95 -2.91 8.96
C ARG B 380 -2.55 -1.50 8.56
N ILE B 381 -2.86 -1.13 7.31
CA ILE B 381 -2.44 0.16 6.81
C ILE B 381 -3.02 1.28 7.69
N SER B 382 -4.25 1.11 8.15
CA SER B 382 -4.86 2.14 8.99
C SER B 382 -4.08 2.31 10.28
N GLU B 383 -3.74 1.20 10.93
CA GLU B 383 -3.01 1.28 12.19
C GLU B 383 -1.62 1.85 11.99
N GLN B 384 -0.93 1.43 10.93
CA GLN B 384 0.36 2.03 10.60
C GLN B 384 0.20 3.51 10.28
N PHE B 385 -0.86 3.86 9.55
CA PHE B 385 -1.11 5.26 9.20
C PHE B 385 -1.34 6.10 10.45
N THR B 386 -2.12 5.58 11.40
CA THR B 386 -2.45 6.35 12.59
C THR B 386 -1.23 6.55 13.48
N ALA B 387 -0.39 5.52 13.62
CA ALA B 387 0.79 5.65 14.46
C ALA B 387 1.67 6.80 13.98
N MET B 388 1.81 6.96 12.67
CA MET B 388 2.61 8.05 12.13
C MET B 388 1.86 9.37 12.18
N PHE B 389 0.55 9.35 11.89
CA PHE B 389 -0.21 10.59 11.77
C PHE B 389 -0.49 11.23 13.11
N ARG B 390 -0.69 10.43 14.17
CA ARG B 390 -0.89 10.98 15.51
C ARG B 390 0.23 11.95 15.87
N ARG B 391 1.47 11.58 15.55
CA ARG B 391 2.63 12.39 15.83
C ARG B 391 3.07 13.23 14.64
N LYS B 392 2.29 13.21 13.55
CA LYS B 392 2.61 13.97 12.35
C LYS B 392 4.02 13.67 11.86
N ALA B 393 4.43 12.40 12.00
CA ALA B 393 5.76 12.01 11.57
C ALA B 393 5.84 12.07 10.05
N PHE B 394 6.89 12.72 9.54
CA PHE B 394 7.20 12.84 8.12
C PHE B 394 6.17 13.68 7.36
N LEU B 395 5.21 14.29 8.07
CA LEU B 395 4.11 14.97 7.39
C LEU B 395 4.59 16.21 6.66
N HIS B 396 5.63 16.88 7.17
CA HIS B 396 6.04 18.16 6.57
C HIS B 396 6.39 17.98 5.09
N TRP B 397 6.80 16.78 4.69
CA TRP B 397 7.09 16.54 3.28
C TRP B 397 5.83 16.65 2.42
N TYR B 398 4.66 16.37 3.01
CA TYR B 398 3.40 16.44 2.28
C TYR B 398 2.76 17.82 2.35
N THR B 399 2.78 18.44 3.53
CA THR B 399 2.28 19.82 3.63
C THR B 399 3.17 20.80 2.87
N GLY B 400 4.44 20.45 2.66
CA GLY B 400 5.32 21.30 1.86
C GLY B 400 4.96 21.34 0.40
N GLU B 401 4.26 20.33 -0.11
CA GLU B 401 3.76 20.32 -1.47
C GLU B 401 2.36 20.91 -1.58
N GLY B 402 1.82 21.44 -0.49
CA GLY B 402 0.53 22.09 -0.52
C GLY B 402 -0.63 21.28 0.04
N MET B 403 -0.37 20.15 0.68
CA MET B 403 -1.44 19.38 1.28
C MET B 403 -1.77 19.91 2.67
N ASP B 404 -3.01 19.67 3.09
CA ASP B 404 -3.49 20.03 4.41
C ASP B 404 -3.76 18.77 5.23
N GLU B 405 -3.58 18.88 6.54
CA GLU B 405 -3.80 17.73 7.41
C GLU B 405 -5.19 17.14 7.26
N MET B 406 -6.18 17.98 6.94
CA MET B 406 -7.55 17.48 6.82
C MET B 406 -7.65 16.43 5.72
N GLU B 407 -6.86 16.55 4.65
CA GLU B 407 -6.89 15.54 3.60
C GLU B 407 -6.34 14.21 4.10
N PHE B 408 -5.42 14.25 5.08
CA PHE B 408 -4.97 13.00 5.70
C PHE B 408 -6.05 12.40 6.58
N THR B 409 -6.75 13.25 7.34
CA THR B 409 -7.81 12.74 8.21
C THR B 409 -8.94 12.10 7.40
N GLU B 410 -9.27 12.69 6.25
CA GLU B 410 -10.34 12.15 5.42
C GLU B 410 -9.99 10.74 4.94
N ALA B 411 -8.76 10.56 4.44
CA ALA B 411 -8.35 9.24 3.97
C ALA B 411 -8.38 8.22 5.09
N GLU B 412 -7.89 8.60 6.28
CA GLU B 412 -7.99 7.71 7.44
C GLU B 412 -9.45 7.33 7.70
N SER B 413 -10.35 8.31 7.67
CA SER B 413 -11.76 8.01 7.91
C SER B 413 -12.32 7.07 6.85
N ASN B 414 -12.00 7.31 5.58
CA ASN B 414 -12.61 6.51 4.53
C ASN B 414 -12.16 5.05 4.60
N MET B 415 -10.85 4.83 4.77
CA MET B 415 -10.37 3.46 4.85
C MET B 415 -10.90 2.75 6.08
N ASN B 416 -11.10 3.46 7.19
CA ASN B 416 -11.76 2.86 8.33
C ASN B 416 -13.22 2.55 8.02
N ASP B 417 -13.89 3.45 7.32
CA ASP B 417 -15.24 3.16 6.86
C ASP B 417 -15.26 1.94 5.94
N LEU B 418 -14.27 1.83 5.05
CA LEU B 418 -14.17 0.65 4.21
C LEU B 418 -13.98 -0.61 5.05
N VAL B 419 -13.11 -0.54 6.07
CA VAL B 419 -12.93 -1.66 6.96
C VAL B 419 -14.23 -1.97 7.69
N SER B 420 -14.98 -0.94 8.07
CA SER B 420 -16.26 -1.17 8.73
C SER B 420 -17.24 -1.89 7.81
N GLU B 421 -17.25 -1.52 6.52
CA GLU B 421 -18.13 -2.17 5.56
C GLU B 421 -17.84 -3.66 5.44
N TYR B 422 -16.55 -4.01 5.31
CA TYR B 422 -16.21 -5.42 5.12
C TYR B 422 -16.68 -6.27 6.30
N GLN B 423 -16.49 -5.77 7.52
CA GLN B 423 -16.93 -6.54 8.70
C GLN B 423 -18.44 -6.73 8.69
N GLN B 424 -19.19 -5.78 8.12
CA GLN B 424 -20.64 -5.90 8.08
C GLN B 424 -21.07 -7.19 7.37
N TYR B 425 -20.57 -7.42 6.15
CA TYR B 425 -21.00 -8.57 5.37
C TYR B 425 -20.27 -9.85 5.75
N GLN B 426 -19.24 -9.77 6.61
CA GLN B 426 -18.57 -10.97 7.08
C GLN B 426 -19.37 -11.70 8.15
N ASP B 427 -20.37 -11.05 8.74
CA ASP B 427 -21.24 -11.67 9.73
C ASP B 427 -22.70 -11.67 9.32
N ALA B 428 -23.04 -11.12 8.15
CA ALA B 428 -24.42 -11.10 7.70
C ALA B 428 -24.93 -12.53 7.49
N THR B 429 -26.22 -12.72 7.77
CA THR B 429 -26.86 -14.03 7.65
C THR B 429 -28.12 -13.89 6.80
N ALA B 430 -28.67 -15.04 6.42
CA ALA B 430 -29.90 -15.08 5.63
C ALA B 430 -31.12 -15.17 6.53
N MET C 1 17.92 16.27 -15.75
CA MET C 1 19.24 15.67 -15.63
C MET C 1 19.59 15.32 -14.18
N ARG C 2 18.87 15.92 -13.23
CA ARG C 2 19.04 15.61 -11.80
C ARG C 2 20.48 15.89 -11.35
N GLU C 3 20.99 17.06 -11.71
CA GLU C 3 22.36 17.41 -11.38
C GLU C 3 22.48 17.85 -9.92
N CYS C 4 23.68 17.72 -9.38
CA CYS C 4 23.99 18.13 -8.01
C CYS C 4 25.28 18.92 -8.00
N ILE C 5 25.23 20.08 -7.38
CA ILE C 5 26.37 21.00 -7.31
C ILE C 5 26.99 20.89 -5.92
N SER C 6 28.27 20.56 -5.87
CA SER C 6 29.00 20.47 -4.61
C SER C 6 29.67 21.79 -4.29
N ILE C 7 29.61 22.19 -3.03
CA ILE C 7 30.23 23.42 -2.54
C ILE C 7 31.10 23.04 -1.34
N HIS C 8 32.40 23.34 -1.45
CA HIS C 8 33.37 22.99 -0.42
C HIS C 8 33.92 24.28 0.17
N VAL C 9 33.70 24.47 1.46
CA VAL C 9 33.91 25.75 2.14
C VAL C 9 34.92 25.58 3.27
N GLY C 10 35.99 26.36 3.21
CA GLY C 10 37.01 26.31 4.25
C GLY C 10 37.99 25.19 4.03
N GLN C 11 39.00 25.14 4.89
CA GLN C 11 40.05 24.14 4.75
C GLN C 11 39.46 22.73 4.78
N ALA C 12 38.67 22.41 5.81
CA ALA C 12 38.11 21.07 5.93
C ALA C 12 37.25 20.71 4.72
N GLY C 13 36.32 21.59 4.35
CA GLY C 13 35.47 21.30 3.20
C GLY C 13 36.26 21.11 1.92
N VAL C 14 37.24 21.98 1.69
CA VAL C 14 38.10 21.83 0.52
C VAL C 14 38.84 20.50 0.58
N GLN C 15 39.51 20.23 1.70
CA GLN C 15 40.31 19.01 1.79
C GLN C 15 39.44 17.76 1.77
N ILE C 16 38.22 17.85 2.31
CA ILE C 16 37.30 16.73 2.19
C ILE C 16 36.83 16.60 0.75
N GLY C 17 36.63 17.73 0.06
CA GLY C 17 36.30 17.68 -1.35
C GLY C 17 37.41 17.09 -2.19
N ASN C 18 38.66 17.30 -1.81
CA ASN C 18 39.77 16.70 -2.52
C ASN C 18 39.69 15.18 -2.50
N ALA C 19 39.33 14.60 -1.35
CA ALA C 19 39.25 13.15 -1.25
C ALA C 19 38.02 12.60 -1.96
N CYS C 20 36.92 13.35 -1.98
CA CYS C 20 35.69 12.88 -2.61
C CYS C 20 35.81 12.85 -4.12
N TRP C 21 36.29 13.95 -4.70
CA TRP C 21 36.41 14.02 -6.15
C TRP C 21 37.53 13.14 -6.67
N GLU C 22 38.57 12.91 -5.85
CA GLU C 22 39.54 11.88 -6.20
C GLU C 22 38.86 10.52 -6.30
N LEU C 23 38.09 10.18 -5.27
CA LEU C 23 37.38 8.89 -5.28
C LEU C 23 36.43 8.81 -6.47
N TYR C 24 35.61 9.84 -6.67
CA TYR C 24 34.65 9.83 -7.78
C TYR C 24 35.36 9.50 -9.09
N CYS C 25 36.49 10.17 -9.36
CA CYS C 25 37.23 9.90 -10.59
C CYS C 25 37.67 8.44 -10.65
N LEU C 26 38.09 7.88 -9.53
CA LEU C 26 38.49 6.48 -9.52
C LEU C 26 37.30 5.55 -9.72
N GLU C 27 36.12 5.93 -9.23
CA GLU C 27 34.95 5.08 -9.38
C GLU C 27 34.41 5.14 -10.81
N HIS C 28 34.58 6.27 -11.49
CA HIS C 28 34.05 6.47 -12.82
C HIS C 28 35.11 6.32 -13.91
N GLY C 29 36.35 6.03 -13.54
CA GLY C 29 37.41 5.95 -14.53
C GLY C 29 37.71 7.26 -15.21
N ILE C 30 37.79 8.35 -14.46
CA ILE C 30 38.15 9.66 -14.99
C ILE C 30 39.61 9.94 -14.64
N GLN C 31 40.38 10.34 -15.64
CA GLN C 31 41.80 10.57 -15.44
C GLN C 31 42.03 11.96 -14.84
N PRO C 32 43.20 12.19 -14.24
CA PRO C 32 43.46 13.51 -13.63
C PRO C 32 43.26 14.67 -14.58
N ASP C 33 43.44 14.45 -15.89
CA ASP C 33 43.20 15.51 -16.87
C ASP C 33 41.73 15.68 -17.23
N GLY C 34 40.84 14.80 -16.74
CA GLY C 34 39.43 14.89 -17.00
C GLY C 34 38.95 13.99 -18.12
N GLN C 35 39.86 13.48 -18.96
CA GLN C 35 39.46 12.58 -20.02
C GLN C 35 38.95 11.27 -19.45
N MET C 36 37.85 10.78 -20.01
CA MET C 36 37.24 9.51 -19.59
C MET C 36 37.14 8.58 -20.79
N PRO C 37 38.10 7.67 -21.00
CA PRO C 37 38.07 6.85 -22.21
C PRO C 37 36.76 6.09 -22.41
N SER C 38 36.18 5.57 -21.32
CA SER C 38 34.98 4.75 -21.45
C SER C 38 33.75 5.55 -21.85
N ASP C 39 33.80 6.88 -21.79
CA ASP C 39 32.66 7.72 -22.15
C ASP C 39 32.70 7.99 -23.65
N LYS C 40 31.73 7.44 -24.38
CA LYS C 40 31.58 7.69 -25.81
C LYS C 40 30.64 8.85 -26.11
N THR C 41 30.00 9.40 -25.08
CA THR C 41 29.08 10.54 -25.25
C THR C 41 29.88 11.81 -25.03
N ILE C 42 30.57 12.24 -26.10
CA ILE C 42 31.54 13.33 -26.00
C ILE C 42 30.80 14.66 -26.06
N GLY C 43 31.06 15.52 -25.07
CA GLY C 43 30.44 16.82 -24.99
C GLY C 43 29.13 16.88 -24.22
N GLY C 44 28.59 15.74 -23.81
CA GLY C 44 27.33 15.72 -23.09
C GLY C 44 26.83 14.30 -22.95
N GLY C 45 25.59 14.18 -22.52
CA GLY C 45 24.93 12.91 -22.33
C GLY C 45 24.04 12.96 -21.11
N ASP C 46 23.13 11.98 -21.03
CA ASP C 46 22.19 11.84 -19.93
C ASP C 46 22.63 10.77 -18.92
N ASP C 47 23.90 10.38 -18.94
CA ASP C 47 24.40 9.34 -18.05
C ASP C 47 24.27 9.75 -16.59
N SER C 48 24.25 8.75 -15.72
CA SER C 48 24.11 9.02 -14.29
C SER C 48 25.32 9.75 -13.74
N PHE C 49 26.52 9.50 -14.27
CA PHE C 49 27.68 10.19 -13.74
C PHE C 49 27.75 11.65 -14.19
N ASN C 50 26.86 12.08 -15.08
CA ASN C 50 26.78 13.48 -15.45
C ASN C 50 26.04 14.32 -14.42
N THR C 51 25.45 13.69 -13.40
CA THR C 51 24.84 14.48 -12.32
C THR C 51 25.89 15.21 -11.50
N PHE C 52 27.10 14.66 -11.43
CA PHE C 52 28.20 15.28 -10.72
C PHE C 52 29.29 15.84 -11.62
N PHE C 53 29.35 15.42 -12.89
CA PHE C 53 30.36 15.86 -13.84
C PHE C 53 29.69 16.46 -15.07
N SER C 54 30.19 17.61 -15.51
CA SER C 54 29.84 18.17 -16.80
C SER C 54 30.90 17.75 -17.83
N GLU C 55 30.50 17.76 -19.09
CA GLU C 55 31.39 17.42 -20.20
C GLU C 55 31.69 18.67 -21.01
N THR C 56 32.86 18.68 -21.63
CA THR C 56 33.23 19.69 -22.62
C THR C 56 33.43 19.02 -23.96
N GLY C 57 33.41 19.85 -25.02
CA GLY C 57 33.60 19.32 -26.35
C GLY C 57 34.90 18.56 -26.52
N ALA C 58 35.92 18.93 -25.74
CA ALA C 58 37.22 18.28 -25.81
C ALA C 58 37.29 17.00 -24.97
N GLY C 59 36.16 16.46 -24.55
CA GLY C 59 36.15 15.22 -23.78
C GLY C 59 36.54 15.38 -22.34
N LYS C 60 36.48 16.61 -21.81
CA LYS C 60 36.94 16.90 -20.46
C LYS C 60 35.74 16.83 -19.51
N HIS C 61 35.82 15.93 -18.51
CA HIS C 61 34.77 15.78 -17.52
C HIS C 61 35.09 16.66 -16.31
N VAL C 62 34.27 17.67 -16.09
CA VAL C 62 34.55 18.74 -15.14
C VAL C 62 33.60 18.58 -13.95
N PRO C 63 34.10 18.53 -12.71
CA PRO C 63 33.20 18.45 -11.56
C PRO C 63 32.26 19.64 -11.46
N ARG C 64 31.01 19.36 -11.10
CA ARG C 64 30.02 20.41 -10.80
C ARG C 64 30.24 20.85 -9.36
N ALA C 65 31.36 21.53 -9.15
CA ALA C 65 31.83 21.85 -7.81
C ALA C 65 32.36 23.27 -7.75
N VAL C 66 32.23 23.88 -6.59
CA VAL C 66 32.80 25.18 -6.29
C VAL C 66 33.63 25.05 -5.01
N PHE C 67 34.86 25.54 -5.04
CA PHE C 67 35.77 25.55 -3.90
C PHE C 67 35.98 26.99 -3.46
N VAL C 68 35.63 27.30 -2.20
CA VAL C 68 35.72 28.64 -1.66
CA VAL C 68 35.75 28.65 -1.67
C VAL C 68 36.48 28.58 -0.34
N ASP C 69 37.45 29.48 -0.17
CA ASP C 69 38.18 29.59 1.09
C ASP C 69 38.69 31.02 1.20
N LEU C 70 38.62 31.58 2.41
CA LEU C 70 38.97 32.99 2.55
C LEU C 70 40.47 33.23 2.54
N GLU C 71 41.29 32.18 2.58
CA GLU C 71 42.72 32.28 2.37
C GLU C 71 43.13 31.24 1.32
N PRO C 72 44.21 31.49 0.58
CA PRO C 72 44.51 30.68 -0.61
C PRO C 72 45.40 29.47 -0.39
N THR C 73 45.97 29.28 0.81
CA THR C 73 46.98 28.24 0.99
C THR C 73 46.43 26.87 0.61
N VAL C 74 45.24 26.55 1.10
CA VAL C 74 44.71 25.20 0.91
C VAL C 74 44.32 24.98 -0.55
N ILE C 75 43.52 25.89 -1.11
CA ILE C 75 43.09 25.72 -2.49
C ILE C 75 44.25 25.92 -3.45
N ASP C 76 45.28 26.67 -3.06
CA ASP C 76 46.48 26.77 -3.91
C ASP C 76 47.06 25.39 -4.19
N GLU C 77 47.06 24.51 -3.19
CA GLU C 77 47.56 23.15 -3.40
C GLU C 77 46.73 22.43 -4.47
N VAL C 78 45.43 22.69 -4.51
CA VAL C 78 44.60 22.12 -5.55
C VAL C 78 44.97 22.70 -6.92
N ARG C 79 45.26 24.00 -6.97
CA ARG C 79 45.61 24.64 -8.24
C ARG C 79 46.94 24.11 -8.79
N THR C 80 47.84 23.68 -7.93
CA THR C 80 49.12 23.12 -8.34
C THR C 80 49.21 21.62 -8.15
N GLY C 81 48.14 20.98 -7.69
CA GLY C 81 48.17 19.57 -7.35
C GLY C 81 47.98 18.67 -8.55
N THR C 82 47.73 17.40 -8.24
CA THR C 82 47.62 16.38 -9.28
C THR C 82 46.32 16.49 -10.07
N TYR C 83 45.29 17.10 -9.49
CA TYR C 83 44.02 17.34 -10.17
C TYR C 83 43.85 18.81 -10.54
N ARG C 84 44.96 19.49 -10.83
CA ARG C 84 44.92 20.93 -11.07
C ARG C 84 44.08 21.28 -12.28
N GLN C 85 44.16 20.47 -13.34
CA GLN C 85 43.43 20.74 -14.56
C GLN C 85 42.08 20.00 -14.62
N LEU C 86 41.73 19.26 -13.57
CA LEU C 86 40.37 18.71 -13.48
C LEU C 86 39.34 19.83 -13.34
N PHE C 87 39.66 20.84 -12.53
CA PHE C 87 38.74 21.93 -12.28
C PHE C 87 39.04 23.11 -13.19
N HIS C 88 38.07 24.04 -13.26
CA HIS C 88 38.26 25.26 -14.02
CA HIS C 88 38.23 25.26 -14.02
C HIS C 88 38.69 26.40 -13.09
N PRO C 89 39.59 27.29 -13.54
CA PRO C 89 40.03 28.37 -12.65
C PRO C 89 38.89 29.11 -11.97
N GLU C 90 37.76 29.30 -12.66
CA GLU C 90 36.64 30.02 -12.07
C GLU C 90 36.04 29.27 -10.89
N GLN C 91 36.20 27.95 -10.85
CA GLN C 91 35.60 27.12 -9.80
C GLN C 91 36.38 27.15 -8.49
N LEU C 92 37.62 27.62 -8.50
CA LEU C 92 38.48 27.64 -7.32
C LEU C 92 38.61 29.09 -6.86
N ILE C 93 37.80 29.46 -5.87
CA ILE C 93 37.68 30.82 -5.39
C ILE C 93 38.46 30.94 -4.08
N THR C 94 39.27 31.99 -3.96
CA THR C 94 40.02 32.24 -2.74
C THR C 94 40.11 33.74 -2.49
N GLY C 95 40.14 34.10 -1.20
CA GLY C 95 40.50 35.43 -0.79
C GLY C 95 41.96 35.50 -0.36
N LYS C 96 42.30 36.60 0.31
CA LYS C 96 43.66 36.81 0.81
C LYS C 96 43.80 36.67 2.31
N GLU C 97 42.71 36.81 3.07
CA GLU C 97 42.75 36.78 4.53
C GLU C 97 41.63 35.89 5.05
N ASP C 98 41.95 35.02 5.99
CA ASP C 98 40.98 34.05 6.48
C ASP C 98 40.13 34.67 7.58
N ALA C 99 39.16 33.89 8.08
CA ALA C 99 38.27 34.35 9.12
C ALA C 99 38.87 34.25 10.52
N ALA C 100 40.06 33.69 10.65
CA ALA C 100 40.80 33.67 11.91
C ALA C 100 39.99 33.01 13.02
N ASN C 101 39.41 31.84 12.71
CA ASN C 101 38.60 31.05 13.65
C ASN C 101 37.41 31.84 14.19
N ASN C 102 37.02 32.91 13.54
CA ASN C 102 35.96 33.78 14.01
C ASN C 102 34.75 33.64 13.11
N TYR C 103 33.64 33.13 13.66
CA TYR C 103 32.40 33.06 12.88
C TYR C 103 32.06 34.42 12.30
N ALA C 104 32.20 35.48 13.11
CA ALA C 104 31.80 36.81 12.67
C ALA C 104 32.58 37.25 11.45
N ARG C 105 33.89 36.97 11.42
CA ARG C 105 34.68 37.36 10.25
C ARG C 105 34.25 36.58 9.01
N GLY C 106 33.94 35.29 9.17
CA GLY C 106 33.49 34.50 8.04
C GLY C 106 32.12 34.90 7.55
N HIS C 107 31.25 35.35 8.46
CA HIS C 107 29.87 35.67 8.10
C HIS C 107 29.69 37.13 7.70
N TYR C 108 30.27 38.07 8.44
CA TYR C 108 30.00 39.49 8.30
C TYR C 108 31.12 40.28 7.65
N THR C 109 32.38 40.07 8.04
CA THR C 109 33.45 40.99 7.69
C THR C 109 34.21 40.56 6.44
N ILE C 110 34.91 39.43 6.51
CA ILE C 110 35.65 38.98 5.33
C ILE C 110 34.71 38.28 4.35
N GLY C 111 33.62 37.70 4.84
CA GLY C 111 32.73 36.96 3.97
C GLY C 111 32.05 37.83 2.93
N LYS C 112 31.55 39.00 3.37
CA LYS C 112 30.82 39.88 2.46
C LYS C 112 31.63 40.23 1.23
N GLU C 113 32.95 40.38 1.39
CA GLU C 113 33.79 40.78 0.26
C GLU C 113 33.71 39.77 -0.88
N ILE C 114 33.44 38.51 -0.57
CA ILE C 114 33.56 37.44 -1.56
C ILE C 114 32.24 36.72 -1.82
N ILE C 115 31.20 36.96 -1.00
CA ILE C 115 29.98 36.17 -1.12
C ILE C 115 29.30 36.40 -2.46
N ASP C 116 29.23 37.66 -2.91
CA ASP C 116 28.58 37.93 -4.19
C ASP C 116 29.30 37.24 -5.34
N LEU C 117 30.63 37.16 -5.26
CA LEU C 117 31.38 36.44 -6.29
C LEU C 117 31.05 34.96 -6.26
N VAL C 118 30.99 34.37 -5.07
CA VAL C 118 30.75 32.93 -4.95
C VAL C 118 29.38 32.57 -5.53
N LEU C 119 28.36 33.35 -5.22
CA LEU C 119 27.03 33.09 -5.76
C LEU C 119 27.05 33.14 -7.29
N ASP C 120 27.81 34.08 -7.86
CA ASP C 120 27.87 34.19 -9.32
CA ASP C 120 27.85 34.18 -9.32
C ASP C 120 28.45 32.94 -9.94
N ARG C 121 29.51 32.38 -9.34
CA ARG C 121 30.11 31.17 -9.88
C ARG C 121 29.18 29.97 -9.70
N ILE C 122 28.49 29.90 -8.56
CA ILE C 122 27.46 28.88 -8.40
C ILE C 122 26.36 29.08 -9.43
N ARG C 123 25.98 30.34 -9.66
CA ARG C 123 25.00 30.65 -10.70
C ARG C 123 25.45 30.13 -12.06
N LYS C 124 26.73 30.34 -12.41
CA LYS C 124 27.24 29.85 -13.70
C LYS C 124 27.08 28.34 -13.82
N LEU C 125 27.35 27.60 -12.75
CA LEU C 125 27.16 26.15 -12.79
C LEU C 125 25.69 25.80 -12.92
N ALA C 126 24.82 26.54 -12.21
CA ALA C 126 23.39 26.24 -12.27
C ALA C 126 22.86 26.40 -13.69
N ASP C 127 23.30 27.44 -14.39
CA ASP C 127 22.81 27.68 -15.74
C ASP C 127 23.18 26.53 -16.67
N GLN C 128 24.27 25.83 -16.39
CA GLN C 128 24.64 24.66 -17.18
C GLN C 128 23.79 23.44 -16.86
N CYS C 129 22.97 23.49 -15.80
CA CYS C 129 22.15 22.37 -15.39
C CYS C 129 20.76 22.44 -16.02
N THR C 130 20.25 21.28 -16.45
CA THR C 130 18.90 21.21 -17.00
C THR C 130 17.88 20.95 -15.91
N GLY C 131 18.22 20.17 -14.88
CA GLY C 131 17.31 19.87 -13.81
C GLY C 131 17.98 19.80 -12.45
N LEU C 132 18.61 20.91 -12.05
CA LEU C 132 19.34 20.96 -10.79
C LEU C 132 18.51 20.42 -9.63
N GLN C 133 19.07 19.44 -8.92
CA GLN C 133 18.36 18.76 -7.86
C GLN C 133 18.61 19.37 -6.49
N GLY C 134 19.84 19.80 -6.22
CA GLY C 134 20.14 20.38 -4.93
C GLY C 134 21.63 20.68 -4.81
N PHE C 135 22.01 21.12 -3.61
CA PHE C 135 23.39 21.47 -3.30
C PHE C 135 23.92 20.57 -2.19
N LEU C 136 25.19 20.19 -2.31
CA LEU C 136 25.92 19.50 -1.25
C LEU C 136 26.97 20.46 -0.72
N VAL C 137 26.99 20.67 0.60
CA VAL C 137 27.82 21.69 1.23
C VAL C 137 28.73 21.03 2.25
N PHE C 138 30.03 21.02 1.99
CA PHE C 138 31.02 20.41 2.86
C PHE C 138 31.76 21.51 3.62
N HIS C 139 31.79 21.40 4.95
CA HIS C 139 32.37 22.46 5.77
C HIS C 139 32.59 21.95 7.19
N SER C 140 33.45 22.64 7.93
CA SER C 140 33.67 22.37 9.35
C SER C 140 32.79 23.28 10.19
N PHE C 141 32.48 22.82 11.40
CA PHE C 141 31.86 23.69 12.39
C PHE C 141 32.86 24.66 13.01
N GLY C 142 34.12 24.24 13.16
CA GLY C 142 35.07 24.96 13.99
C GLY C 142 35.69 26.19 13.36
N GLY C 143 36.01 26.11 12.08
CA GLY C 143 36.67 27.22 11.41
C GLY C 143 35.77 28.43 11.24
N GLY C 144 36.40 29.59 11.11
CA GLY C 144 35.64 30.81 10.88
C GLY C 144 35.01 30.85 9.51
N THR C 145 35.71 30.33 8.50
CA THR C 145 35.14 30.21 7.17
C THR C 145 34.06 29.13 7.15
N GLY C 146 34.41 27.92 7.59
CA GLY C 146 33.47 26.82 7.57
C GLY C 146 32.18 27.11 8.32
N SER C 147 32.27 27.89 9.40
CA SER C 147 31.08 28.22 10.18
C SER C 147 30.41 29.51 9.70
N GLY C 148 31.17 30.59 9.59
CA GLY C 148 30.60 31.89 9.28
C GLY C 148 30.22 32.07 7.83
N PHE C 149 31.11 31.69 6.90
CA PHE C 149 30.81 31.87 5.49
C PHE C 149 29.76 30.86 5.02
N THR C 150 29.84 29.62 5.52
CA THR C 150 28.84 28.63 5.16
C THR C 150 27.45 29.12 5.54
N SER C 151 27.29 29.59 6.77
CA SER C 151 26.01 30.16 7.18
C SER C 151 25.56 31.24 6.20
N LEU C 152 26.46 32.17 5.87
CA LEU C 152 26.15 33.21 4.89
C LEU C 152 25.71 32.59 3.57
N LEU C 153 26.45 31.58 3.10
CA LEU C 153 26.12 30.98 1.81
C LEU C 153 24.76 30.30 1.85
N MET C 154 24.48 29.56 2.92
CA MET C 154 23.21 28.85 3.01
C MET C 154 22.03 29.81 2.98
N GLU C 155 22.14 30.93 3.72
CA GLU C 155 21.08 31.92 3.69
C GLU C 155 20.91 32.50 2.29
N ARG C 156 22.02 32.84 1.63
CA ARG C 156 21.92 33.41 0.29
C ARG C 156 21.36 32.39 -0.70
N LEU C 157 21.73 31.12 -0.55
CA LEU C 157 21.20 30.10 -1.46
C LEU C 157 19.70 29.94 -1.30
N SER C 158 19.18 30.10 -0.08
CA SER C 158 17.73 29.99 0.10
C SER C 158 17.00 31.12 -0.61
N VAL C 159 17.61 32.30 -0.70
CA VAL C 159 16.97 33.41 -1.39
C VAL C 159 17.02 33.22 -2.90
N ASP C 160 18.16 32.79 -3.43
CA ASP C 160 18.36 32.64 -4.86
C ASP C 160 17.85 31.33 -5.42
N TYR C 161 17.56 30.34 -4.57
CA TYR C 161 17.09 29.04 -5.03
C TYR C 161 15.92 28.51 -4.21
N GLY C 162 15.38 29.32 -3.29
CA GLY C 162 14.18 28.92 -2.59
C GLY C 162 14.39 27.65 -1.78
N LYS C 163 13.45 26.73 -1.91
CA LYS C 163 13.43 25.51 -1.10
C LYS C 163 14.21 24.37 -1.76
N LYS C 164 15.00 24.65 -2.79
CA LYS C 164 15.80 23.62 -3.42
C LYS C 164 16.67 22.91 -2.39
N SER C 165 16.79 21.60 -2.53
CA SER C 165 17.46 20.78 -1.51
C SER C 165 18.86 21.32 -1.22
N LYS C 166 19.20 21.37 0.06
CA LYS C 166 20.55 21.72 0.50
C LYS C 166 20.94 20.74 1.60
N LEU C 167 21.92 19.90 1.31
CA LEU C 167 22.44 18.93 2.27
C LEU C 167 23.85 19.33 2.68
N GLU C 168 24.17 19.08 3.94
CA GLU C 168 25.46 19.43 4.52
C GLU C 168 26.26 18.19 4.86
N PHE C 169 27.58 18.36 4.90
CA PHE C 169 28.49 17.40 5.52
C PHE C 169 29.36 18.24 6.45
N SER C 170 29.15 18.08 7.75
CA SER C 170 29.72 18.94 8.76
C SER C 170 30.69 18.18 9.64
N ILE C 171 31.83 18.81 9.93
CA ILE C 171 32.86 18.24 10.79
C ILE C 171 32.67 18.81 12.19
N TYR C 172 32.21 17.95 13.09
CA TYR C 172 31.99 18.27 14.51
C TYR C 172 33.32 18.24 15.24
N PRO C 173 33.70 19.32 15.93
CA PRO C 173 35.07 19.41 16.44
C PRO C 173 35.36 18.44 17.58
N ALA C 174 36.65 18.21 17.81
CA ALA C 174 37.13 17.30 18.83
C ALA C 174 38.53 17.72 19.27
N PRO C 175 38.86 17.62 20.55
CA PRO C 175 40.21 18.02 20.99
C PRO C 175 41.31 17.18 20.38
N GLN C 176 41.05 15.90 20.07
CA GLN C 176 42.06 15.04 19.49
C GLN C 176 42.60 15.63 18.19
N VAL C 177 41.72 16.19 17.36
CA VAL C 177 42.02 16.47 15.97
C VAL C 177 42.08 17.97 15.71
N SER C 178 43.10 18.61 16.24
CA SER C 178 43.43 19.99 15.89
C SER C 178 42.20 20.90 15.96
N THR C 179 41.67 21.04 17.16
CA THR C 179 40.55 21.94 17.40
C THR C 179 41.09 23.25 17.96
N ALA C 180 40.17 24.19 18.22
CA ALA C 180 40.49 25.50 18.78
C ALA C 180 39.50 25.82 19.90
N VAL C 181 39.92 26.73 20.78
CA VAL C 181 39.13 26.97 22.00
C VAL C 181 37.77 27.57 21.68
N VAL C 182 37.67 28.38 20.63
CA VAL C 182 36.41 29.04 20.31
C VAL C 182 35.55 28.21 19.36
N GLU C 183 35.96 27.00 19.01
CA GLU C 183 35.16 26.22 18.07
C GLU C 183 33.78 25.87 18.60
N PRO C 184 33.55 25.66 19.89
CA PRO C 184 32.16 25.50 20.36
C PRO C 184 31.28 26.68 20.01
N TYR C 185 31.78 27.91 20.15
CA TYR C 185 31.00 29.08 19.76
C TYR C 185 30.61 29.03 18.29
N ASN C 186 31.59 28.77 17.42
CA ASN C 186 31.31 28.74 15.99
C ASN C 186 30.31 27.66 15.64
N SER C 187 30.43 26.49 16.27
CA SER C 187 29.51 25.39 15.99
C SER C 187 28.08 25.76 16.34
N ILE C 188 27.87 26.40 17.49
CA ILE C 188 26.53 26.76 17.89
C ILE C 188 25.96 27.85 16.98
N LEU C 189 26.77 28.87 16.68
CA LEU C 189 26.28 29.98 15.85
C LEU C 189 25.89 29.48 14.46
N THR C 190 26.74 28.63 13.85
CA THR C 190 26.47 28.18 12.49
C THR C 190 25.31 27.19 12.46
N THR C 191 25.20 26.32 13.47
CA THR C 191 24.07 25.40 13.53
C THR C 191 22.75 26.15 13.63
N HIS C 192 22.70 27.16 14.50
CA HIS C 192 21.47 27.93 14.65
C HIS C 192 21.14 28.70 13.38
N THR C 193 22.14 29.31 12.75
CA THR C 193 21.89 30.07 11.54
C THR C 193 21.51 29.18 10.36
N THR C 194 21.93 27.93 10.36
CA THR C 194 21.70 27.02 9.24
C THR C 194 20.54 26.06 9.47
N LEU C 195 20.07 25.91 10.72
CA LEU C 195 19.01 24.95 11.02
C LEU C 195 17.84 25.10 10.06
N GLU C 196 17.39 26.33 9.85
CA GLU C 196 16.18 26.59 9.07
C GLU C 196 16.42 26.58 7.56
N HIS C 197 17.67 26.45 7.10
CA HIS C 197 17.99 26.46 5.68
C HIS C 197 18.51 25.13 5.16
N SER C 198 18.87 24.20 6.04
CA SER C 198 19.37 22.90 5.63
C SER C 198 18.27 21.86 5.78
N ASP C 199 18.13 21.00 4.78
CA ASP C 199 17.12 19.95 4.82
C ASP C 199 17.66 18.65 5.40
N CYS C 200 18.97 18.45 5.38
CA CYS C 200 19.56 17.23 5.92
C CYS C 200 21.05 17.48 6.10
N ALA C 201 21.54 17.30 7.32
CA ALA C 201 22.93 17.59 7.67
C ALA C 201 23.59 16.32 8.16
N PHE C 202 24.79 16.04 7.67
CA PHE C 202 25.54 14.85 8.04
C PHE C 202 26.76 15.27 8.84
N MET C 203 26.61 15.30 10.16
CA MET C 203 27.72 15.56 11.04
C MET C 203 28.68 14.38 11.08
N VAL C 204 29.96 14.69 11.24
CA VAL C 204 31.00 13.69 11.43
C VAL C 204 31.84 14.15 12.61
N ASP C 205 31.71 13.46 13.74
CA ASP C 205 32.55 13.74 14.89
C ASP C 205 33.99 13.37 14.58
N ASN C 206 34.86 14.38 14.57
CA ASN C 206 36.26 14.13 14.23
C ASN C 206 36.92 13.20 15.24
N GLU C 207 36.38 13.11 16.46
CA GLU C 207 36.90 12.14 17.42
C GLU C 207 36.52 10.71 17.03
N ALA C 208 35.33 10.55 16.45
CA ALA C 208 34.88 9.21 16.06
C ALA C 208 35.72 8.66 14.93
N ILE C 209 35.99 9.48 13.91
CA ILE C 209 36.80 9.01 12.78
C ILE C 209 38.25 8.85 13.20
N TYR C 210 38.71 9.70 14.13
CA TYR C 210 40.03 9.50 14.70
C TYR C 210 40.13 8.12 15.34
N ASP C 211 39.11 7.73 16.10
CA ASP C 211 39.16 6.45 16.80
C ASP C 211 39.07 5.29 15.82
N ILE C 212 38.12 5.35 14.88
CA ILE C 212 37.98 4.26 13.92
C ILE C 212 39.30 4.05 13.17
N CYS C 213 39.87 5.13 12.64
CA CYS C 213 41.15 5.02 11.94
C CYS C 213 42.23 4.45 12.85
N ARG C 214 42.23 4.86 14.11
CA ARG C 214 43.27 4.44 15.03
C ARG C 214 43.07 3.01 15.51
N ARG C 215 41.83 2.51 15.49
CA ARG C 215 41.50 1.18 15.97
C ARG C 215 41.30 0.19 14.83
N ASN C 216 40.37 0.47 13.91
CA ASN C 216 40.06 -0.46 12.84
C ASN C 216 41.18 -0.56 11.81
N LEU C 217 41.89 0.54 11.55
CA LEU C 217 42.93 0.57 10.55
C LEU C 217 44.34 0.55 11.14
N ASP C 218 44.46 0.48 12.47
CA ASP C 218 45.76 0.36 13.12
C ASP C 218 46.70 1.49 12.71
N ILE C 219 46.15 2.70 12.59
CA ILE C 219 46.94 3.89 12.31
C ILE C 219 47.18 4.57 13.66
N GLU C 220 48.42 4.50 14.15
CA GLU C 220 48.72 4.98 15.49
C GLU C 220 48.28 6.42 15.69
N ARG C 221 48.44 7.24 14.65
CA ARG C 221 48.33 8.69 14.77
C ARG C 221 47.73 9.25 13.48
N PRO C 222 46.41 9.14 13.32
CA PRO C 222 45.78 9.50 12.04
C PRO C 222 46.08 10.91 11.58
N THR C 223 45.99 11.11 10.27
CA THR C 223 46.13 12.41 9.63
C THR C 223 44.79 12.85 9.04
N TYR C 224 44.74 14.11 8.60
CA TYR C 224 43.55 14.56 7.89
C TYR C 224 43.32 13.74 6.63
N THR C 225 44.39 13.29 5.97
CA THR C 225 44.23 12.46 4.78
C THR C 225 43.60 11.12 5.14
N ASN C 226 44.02 10.52 6.26
CA ASN C 226 43.40 9.28 6.71
C ASN C 226 41.93 9.49 7.00
N LEU C 227 41.58 10.60 7.65
CA LEU C 227 40.19 10.86 8.01
C LEU C 227 39.36 11.16 6.76
N ASN C 228 39.86 12.02 5.89
CA ASN C 228 39.07 12.42 4.72
C ASN C 228 38.78 11.24 3.81
N ARG C 229 39.77 10.35 3.61
CA ARG C 229 39.54 9.18 2.79
C ARG C 229 38.44 8.30 3.37
N LEU C 230 38.33 8.25 4.71
CA LEU C 230 37.24 7.51 5.32
C LEU C 230 35.92 8.23 5.13
N ILE C 231 35.91 9.56 5.31
CA ILE C 231 34.69 10.32 5.11
C ILE C 231 34.20 10.17 3.67
N SER C 232 35.13 10.16 2.71
CA SER C 232 34.72 10.08 1.31
C SER C 232 33.98 8.79 1.01
N GLN C 233 34.28 7.71 1.75
CA GLN C 233 33.53 6.46 1.55
C GLN C 233 32.06 6.66 1.90
N ILE C 234 31.77 7.40 2.96
CA ILE C 234 30.38 7.67 3.31
C ILE C 234 29.74 8.58 2.27
N VAL C 235 30.45 9.63 1.86
CA VAL C 235 29.93 10.55 0.85
C VAL C 235 29.69 9.80 -0.46
N SER C 236 30.61 8.91 -0.83
CA SER C 236 30.44 8.14 -2.07
C SER C 236 29.23 7.23 -1.99
N SER C 237 29.02 6.57 -0.86
CA SER C 237 27.87 5.68 -0.72
C SER C 237 26.55 6.44 -0.85
N ILE C 238 26.52 7.68 -0.36
CA ILE C 238 25.29 8.46 -0.37
C ILE C 238 24.99 8.99 -1.77
N THR C 239 26.02 9.32 -2.53
CA THR C 239 25.87 9.86 -3.87
C THR C 239 26.06 8.81 -4.96
N ALA C 240 26.40 7.57 -4.60
CA ALA C 240 26.51 6.52 -5.60
C ALA C 240 25.19 6.34 -6.34
N SER C 241 24.07 6.38 -5.60
CA SER C 241 22.75 6.24 -6.23
C SER C 241 22.54 7.28 -7.32
N LEU C 242 23.22 8.43 -7.21
CA LEU C 242 23.02 9.53 -8.14
C LEU C 242 24.03 9.53 -9.29
N ARG C 243 25.22 8.99 -9.06
CA ARG C 243 26.27 8.97 -10.06
C ARG C 243 26.26 7.69 -10.91
N PHE C 244 25.46 6.70 -10.52
CA PHE C 244 25.41 5.42 -11.21
C PHE C 244 23.97 5.05 -11.52
N ASP C 245 23.80 4.30 -12.61
CA ASP C 245 22.49 3.80 -12.99
C ASP C 245 22.18 2.53 -12.22
N GLY C 246 20.91 2.35 -11.89
CA GLY C 246 20.51 1.17 -11.14
C GLY C 246 19.02 1.15 -10.83
N ALA C 247 18.46 -0.05 -10.71
CA ALA C 247 17.04 -0.20 -10.46
C ALA C 247 16.68 -0.12 -8.99
N LEU C 248 17.65 -0.17 -8.09
CA LEU C 248 17.41 -0.25 -6.65
C LEU C 248 18.25 0.77 -5.89
N ASN C 249 18.30 2.01 -6.40
CA ASN C 249 19.09 3.05 -5.77
C ASN C 249 18.17 4.16 -5.26
N VAL C 250 18.70 4.98 -4.37
CA VAL C 250 17.93 5.97 -3.62
C VAL C 250 18.40 7.36 -4.03
N ASP C 251 17.57 8.08 -4.79
CA ASP C 251 17.88 9.45 -5.14
C ASP C 251 17.70 10.36 -3.93
N LEU C 252 18.11 11.63 -4.09
CA LEU C 252 18.12 12.54 -2.94
C LEU C 252 16.74 12.77 -2.38
N THR C 253 15.76 13.05 -3.24
CA THR C 253 14.40 13.28 -2.75
C THR C 253 13.89 12.05 -2.01
N GLU C 254 14.01 10.88 -2.64
CA GLU C 254 13.70 9.64 -1.95
C GLU C 254 14.50 9.52 -0.67
N PHE C 255 15.74 10.01 -0.70
CA PHE C 255 16.63 9.88 0.45
C PHE C 255 16.16 10.76 1.61
N GLN C 256 15.74 11.99 1.32
CA GLN C 256 15.37 12.91 2.39
C GLN C 256 13.98 12.59 2.93
N THR C 257 13.06 12.16 2.06
CA THR C 257 11.68 11.95 2.48
C THR C 257 11.56 10.82 3.49
N ASN C 258 12.42 9.81 3.40
CA ASN C 258 12.32 8.63 4.25
C ASN C 258 13.19 8.70 5.49
N LEU C 259 13.96 9.78 5.65
CA LEU C 259 14.90 9.88 6.76
C LEU C 259 14.66 11.05 7.69
N VAL C 260 13.90 12.07 7.28
CA VAL C 260 13.69 13.26 8.11
C VAL C 260 12.22 13.32 8.52
N PRO C 261 11.88 12.97 9.78
CA PRO C 261 10.46 12.97 10.18
C PRO C 261 9.92 14.36 10.43
N TYR C 262 10.78 15.27 10.84
CA TYR C 262 10.39 16.65 11.11
C TYR C 262 11.50 17.56 10.60
N PRO C 263 11.15 18.76 10.12
CA PRO C 263 12.18 19.62 9.50
C PRO C 263 13.44 19.78 10.33
N ARG C 264 13.31 20.08 11.63
CA ARG C 264 14.49 20.35 12.45
C ARG C 264 15.25 19.09 12.81
N ILE C 265 14.59 17.93 12.85
CA ILE C 265 15.25 16.69 13.20
C ILE C 265 15.84 16.06 11.94
N HIS C 266 16.90 16.66 11.42
CA HIS C 266 17.48 16.28 10.13
C HIS C 266 18.98 16.10 10.26
N PHE C 267 19.42 15.37 11.30
CA PHE C 267 20.84 15.10 11.55
C PHE C 267 21.03 13.60 11.69
N PRO C 268 21.01 12.86 10.58
CA PRO C 268 21.19 11.40 10.65
C PRO C 268 22.57 11.02 11.14
N LEU C 269 22.65 9.84 11.75
CA LEU C 269 23.90 9.29 12.25
C LEU C 269 24.45 8.30 11.23
N ALA C 270 25.62 8.59 10.70
CA ALA C 270 26.20 7.78 9.63
C ALA C 270 27.10 6.71 10.20
N THR C 271 27.07 5.54 9.56
CA THR C 271 27.98 4.44 9.86
C THR C 271 28.44 3.84 8.55
N TYR C 272 29.61 3.22 8.57
CA TYR C 272 30.15 2.55 7.39
C TYR C 272 30.76 1.22 7.81
N ALA C 273 30.51 0.18 7.01
CA ALA C 273 31.05 -1.13 7.28
C ALA C 273 31.26 -1.87 5.97
N PRO C 274 32.37 -2.59 5.80
CA PRO C 274 33.46 -2.77 6.76
C PRO C 274 34.57 -1.73 6.62
N VAL C 275 35.07 -1.25 7.74
CA VAL C 275 36.27 -0.42 7.80
C VAL C 275 37.37 -1.33 8.33
N ILE C 276 38.25 -1.79 7.44
CA ILE C 276 39.16 -2.86 7.75
C ILE C 276 40.44 -2.66 6.94
N SER C 277 41.57 -3.06 7.52
CA SER C 277 42.84 -2.94 6.86
C SER C 277 43.08 -4.13 5.92
N ALA C 278 44.13 -4.02 5.10
CA ALA C 278 44.46 -5.12 4.20
C ALA C 278 44.94 -6.35 4.97
N GLU C 279 45.72 -6.14 6.03
CA GLU C 279 46.24 -7.27 6.79
C GLU C 279 45.11 -8.12 7.37
N LYS C 280 44.04 -7.48 7.85
CA LYS C 280 42.89 -8.22 8.38
C LYS C 280 42.03 -8.80 7.26
N ALA C 281 41.87 -8.07 6.16
CA ALA C 281 41.09 -8.57 5.03
C ALA C 281 41.75 -9.77 4.37
N TYR C 282 43.03 -10.01 4.63
CA TYR C 282 43.70 -11.19 4.09
C TYR C 282 43.04 -12.45 4.64
N HIS C 283 42.59 -13.32 3.74
CA HIS C 283 41.93 -14.56 4.12
C HIS C 283 40.77 -14.31 5.07
N GLU C 284 39.96 -13.30 4.75
CA GLU C 284 38.80 -12.98 5.58
C GLU C 284 37.76 -12.26 4.72
N GLN C 285 36.54 -12.78 4.70
CA GLN C 285 35.42 -12.16 4.00
C GLN C 285 34.27 -11.95 4.97
N LEU C 286 33.64 -10.78 4.91
CA LEU C 286 32.45 -10.48 5.70
C LEU C 286 31.22 -10.49 4.81
N SER C 287 30.11 -10.97 5.35
CA SER C 287 28.89 -11.18 4.59
C SER C 287 27.94 -9.99 4.74
N VAL C 288 26.83 -10.04 4.00
CA VAL C 288 25.83 -8.99 4.08
C VAL C 288 25.32 -8.85 5.50
N ALA C 289 24.92 -9.97 6.12
CA ALA C 289 24.36 -9.91 7.46
C ALA C 289 25.38 -9.42 8.47
N GLU C 290 26.66 -9.64 8.21
CA GLU C 290 27.70 -9.22 9.15
C GLU C 290 27.87 -7.70 9.12
N ILE C 291 27.97 -7.12 7.93
CA ILE C 291 28.14 -5.67 7.83
C ILE C 291 26.86 -4.96 8.22
N THR C 292 25.70 -5.61 8.04
CA THR C 292 24.45 -5.02 8.50
C THR C 292 24.42 -4.92 10.02
N ASN C 293 24.92 -5.95 10.71
CA ASN C 293 24.97 -5.91 12.16
C ASN C 293 25.96 -4.85 12.66
N ALA C 294 27.07 -4.68 11.95
CA ALA C 294 28.08 -3.70 12.37
C ALA C 294 27.53 -2.28 12.35
N CYS C 295 26.52 -2.02 11.53
CA CYS C 295 25.96 -0.67 11.42
C CYS C 295 25.28 -0.24 12.71
N PHE C 296 24.81 -1.20 13.52
CA PHE C 296 24.10 -0.89 14.75
C PHE C 296 24.99 -1.00 15.99
N GLU C 297 26.28 -1.24 15.81
CA GLU C 297 27.23 -1.24 16.92
C GLU C 297 27.73 0.18 17.15
N PRO C 298 27.41 0.82 18.29
CA PRO C 298 27.87 2.20 18.52
C PRO C 298 29.34 2.46 18.25
N ALA C 299 30.16 1.41 18.24
CA ALA C 299 31.60 1.58 18.06
C ALA C 299 31.97 2.02 16.64
N ASN C 300 31.05 1.97 15.69
CA ASN C 300 31.35 2.31 14.30
C ASN C 300 30.69 3.59 13.83
N GLN C 301 29.95 4.27 14.70
CA GLN C 301 29.23 5.47 14.28
C GLN C 301 30.21 6.58 13.90
N MET C 302 29.81 7.40 12.93
CA MET C 302 30.58 8.58 12.56
C MET C 302 30.48 9.69 13.60
N VAL C 303 29.54 9.61 14.53
CA VAL C 303 29.41 10.56 15.63
C VAL C 303 29.37 9.77 16.93
N LYS C 304 30.13 10.22 17.93
CA LYS C 304 30.17 9.53 19.20
C LYS C 304 28.86 9.73 19.95
N CYS C 305 28.18 8.63 20.25
CA CYS C 305 26.90 8.63 20.94
C CYS C 305 26.49 7.16 21.07
N ASP C 306 25.42 6.92 21.84
CA ASP C 306 24.98 5.56 22.16
C ASP C 306 23.57 5.34 21.63
N PRO C 307 23.43 4.87 20.39
CA PRO C 307 22.08 4.52 19.89
C PRO C 307 21.34 3.56 20.78
N ARG C 308 22.05 2.70 21.53
CA ARG C 308 21.37 1.74 22.39
C ARG C 308 20.52 2.45 23.44
N HIS C 309 20.93 3.66 23.85
CA HIS C 309 20.19 4.43 24.84
C HIS C 309 19.20 5.41 24.21
N GLY C 310 19.11 5.43 22.88
CA GLY C 310 18.15 6.28 22.20
C GLY C 310 17.17 5.46 21.38
N LYS C 311 16.36 6.12 20.57
CA LYS C 311 15.36 5.45 19.75
C LYS C 311 15.58 5.81 18.28
N TYR C 312 15.40 4.81 17.41
CA TYR C 312 15.50 5.04 15.98
C TYR C 312 14.18 5.59 15.46
N MET C 313 14.28 6.52 14.51
CA MET C 313 13.13 7.10 13.84
C MET C 313 13.08 6.78 12.36
N ALA C 314 14.20 6.37 11.75
CA ALA C 314 14.28 5.98 10.36
C ALA C 314 15.71 5.53 10.09
N CYS C 315 15.83 4.47 9.29
CA CYS C 315 17.13 3.94 8.92
C CYS C 315 17.21 3.82 7.41
N CYS C 316 18.29 4.33 6.84
CA CYS C 316 18.57 4.16 5.42
C CYS C 316 19.84 3.33 5.30
N LEU C 317 19.73 2.18 4.63
CA LEU C 317 20.83 1.26 4.45
C LEU C 317 21.19 1.23 2.97
N LEU C 318 22.32 1.83 2.61
CA LEU C 318 22.79 1.89 1.23
C LEU C 318 23.85 0.80 1.04
N TYR C 319 23.45 -0.32 0.47
CA TYR C 319 24.38 -1.38 0.13
C TYR C 319 25.03 -1.11 -1.21
N ARG C 320 26.27 -1.59 -1.37
CA ARG C 320 26.93 -1.50 -2.66
C ARG C 320 27.84 -2.71 -2.84
N GLY C 321 27.95 -3.17 -4.08
CA GLY C 321 28.85 -4.27 -4.41
C GLY C 321 28.15 -5.59 -4.64
N ASP C 322 28.80 -6.69 -4.27
CA ASP C 322 28.24 -8.02 -4.44
C ASP C 322 27.22 -8.27 -3.34
N VAL C 323 26.05 -7.68 -3.52
CA VAL C 323 24.95 -7.78 -2.56
C VAL C 323 23.69 -8.18 -3.31
N VAL C 324 22.98 -9.16 -2.79
CA VAL C 324 21.79 -9.68 -3.46
C VAL C 324 20.57 -9.36 -2.61
N PRO C 325 19.40 -9.11 -3.21
CA PRO C 325 18.22 -8.77 -2.41
C PRO C 325 17.92 -9.77 -1.30
N LYS C 326 18.04 -11.07 -1.57
CA LYS C 326 17.66 -12.07 -0.58
C LYS C 326 18.45 -11.89 0.71
N ASP C 327 19.75 -11.63 0.60
CA ASP C 327 20.56 -11.43 1.80
C ASP C 327 20.21 -10.12 2.49
N VAL C 328 19.91 -9.07 1.71
CA VAL C 328 19.51 -7.81 2.30
C VAL C 328 18.25 -7.98 3.12
N ASN C 329 17.23 -8.65 2.55
CA ASN C 329 15.96 -8.80 3.25
C ASN C 329 16.11 -9.65 4.51
N ALA C 330 16.93 -10.70 4.45
CA ALA C 330 17.15 -11.52 5.64
C ALA C 330 17.89 -10.73 6.71
N ALA C 331 18.94 -10.01 6.34
CA ALA C 331 19.70 -9.24 7.32
C ALA C 331 18.83 -8.20 8.01
N ILE C 332 18.01 -7.48 7.23
CA ILE C 332 17.12 -6.49 7.84
C ILE C 332 16.04 -7.18 8.66
N ALA C 333 15.60 -8.36 8.24
CA ALA C 333 14.62 -9.10 9.01
C ALA C 333 15.14 -9.41 10.41
N THR C 334 16.41 -9.78 10.51
CA THR C 334 17.01 -10.06 11.82
C THR C 334 17.00 -8.82 12.70
N ILE C 335 17.36 -7.66 12.14
CA ILE C 335 17.44 -6.44 12.93
C ILE C 335 16.09 -6.11 13.54
N LYS C 336 15.01 -6.39 12.81
CA LYS C 336 13.68 -6.06 13.33
C LYS C 336 13.29 -6.97 14.49
N THR C 337 13.86 -8.17 14.57
CA THR C 337 13.59 -9.04 15.69
C THR C 337 14.36 -8.65 16.95
N LYS C 338 15.47 -7.93 16.79
CA LYS C 338 16.32 -7.56 17.92
C LYS C 338 15.63 -6.50 18.76
N ARG C 339 15.17 -6.90 19.94
CA ARG C 339 14.60 -5.95 20.89
C ARG C 339 15.63 -4.96 21.40
N SER C 340 16.92 -5.20 21.16
CA SER C 340 17.97 -4.26 21.52
C SER C 340 18.00 -3.04 20.62
N ILE C 341 17.22 -3.03 19.55
CA ILE C 341 17.18 -1.94 18.57
C ILE C 341 15.76 -1.42 18.57
N GLN C 342 15.52 -0.36 19.32
CA GLN C 342 14.17 0.14 19.57
C GLN C 342 13.85 1.30 18.64
N PHE C 343 12.73 1.18 17.93
CA PHE C 343 12.18 2.25 17.11
C PHE C 343 11.10 2.97 17.88
N VAL C 344 10.97 4.27 17.63
CA VAL C 344 9.85 5.03 18.17
C VAL C 344 8.54 4.37 17.74
N ASP C 345 7.51 4.53 18.57
CA ASP C 345 6.25 3.86 18.29
C ASP C 345 5.49 4.48 17.13
N TRP C 346 5.90 5.65 16.65
CA TRP C 346 5.26 6.30 15.51
C TRP C 346 6.00 6.04 14.20
N CYS C 347 6.88 5.03 14.18
CA CYS C 347 7.61 4.63 12.98
C CYS C 347 7.37 3.14 12.74
N PRO C 348 6.18 2.76 12.30
CA PRO C 348 5.91 1.33 12.07
C PRO C 348 6.75 0.73 10.96
N THR C 349 7.07 1.51 9.93
CA THR C 349 7.94 1.09 8.83
C THR C 349 9.11 2.07 8.78
N GLY C 350 10.28 1.59 9.16
CA GLY C 350 11.41 2.50 9.36
C GLY C 350 12.71 2.14 8.67
N PHE C 351 12.63 1.47 7.51
CA PHE C 351 13.82 1.09 6.78
C PHE C 351 13.67 1.48 5.32
N LYS C 352 14.55 2.35 4.86
CA LYS C 352 14.76 2.59 3.44
C LYS C 352 16.03 1.85 3.05
N VAL C 353 15.98 1.16 1.91
CA VAL C 353 17.08 0.31 1.49
C VAL C 353 17.40 0.58 0.02
N GLY C 354 18.66 0.32 -0.35
CA GLY C 354 19.08 0.48 -1.72
C GLY C 354 20.33 -0.35 -1.96
N ILE C 355 20.57 -0.64 -3.24
CA ILE C 355 21.74 -1.41 -3.66
C ILE C 355 22.33 -0.76 -4.90
N ASN C 356 23.65 -0.57 -4.89
CA ASN C 356 24.39 -0.10 -6.05
C ASN C 356 25.45 -1.16 -6.35
N TYR C 357 25.28 -1.87 -7.47
CA TYR C 357 26.14 -3.02 -7.73
C TYR C 357 27.56 -2.63 -8.10
N GLN C 358 27.83 -1.35 -8.31
CA GLN C 358 29.21 -0.92 -8.52
C GLN C 358 30.01 -1.22 -7.25
N PRO C 359 31.18 -1.82 -7.35
CA PRO C 359 31.88 -2.26 -6.15
C PRO C 359 32.59 -1.10 -5.47
N PRO C 360 32.85 -1.21 -4.17
CA PRO C 360 33.57 -0.14 -3.49
C PRO C 360 34.95 0.06 -4.12
N THR C 361 35.40 1.31 -4.12
CA THR C 361 36.68 1.68 -4.69
C THR C 361 37.57 2.26 -3.60
N VAL C 362 38.86 1.93 -3.66
CA VAL C 362 39.84 2.39 -2.70
C VAL C 362 40.83 3.30 -3.40
N VAL C 363 41.20 4.39 -2.73
CA VAL C 363 42.25 5.26 -3.26
C VAL C 363 43.56 4.46 -3.28
N PRO C 364 44.33 4.49 -4.37
CA PRO C 364 45.64 3.82 -4.33
C PRO C 364 46.60 4.55 -3.41
N GLY C 365 46.61 4.16 -2.14
CA GLY C 365 47.26 4.93 -1.11
C GLY C 365 46.43 5.02 0.16
N GLY C 366 45.13 4.68 0.06
CA GLY C 366 44.21 4.84 1.16
C GLY C 366 44.14 3.58 2.00
N ASP C 367 44.25 3.75 3.32
CA ASP C 367 44.46 2.62 4.22
C ASP C 367 43.38 1.55 4.12
N LEU C 368 42.20 1.88 3.59
CA LEU C 368 41.13 0.91 3.45
C LEU C 368 41.51 -0.17 2.45
N ALA C 369 41.24 -1.42 2.83
CA ALA C 369 41.39 -2.52 1.89
C ALA C 369 40.21 -2.56 0.93
N LYS C 370 40.44 -3.13 -0.26
CA LYS C 370 39.40 -3.21 -1.27
C LYS C 370 38.48 -4.38 -0.90
N VAL C 371 37.22 -4.06 -0.58
CA VAL C 371 36.23 -5.07 -0.26
C VAL C 371 35.28 -5.17 -1.44
N GLN C 372 34.33 -6.11 -1.36
CA GLN C 372 33.40 -6.36 -2.46
C GLN C 372 31.95 -6.04 -2.10
N ARG C 373 31.60 -6.10 -0.82
CA ARG C 373 30.29 -5.65 -0.36
C ARG C 373 30.52 -4.68 0.79
N ALA C 374 29.94 -3.50 0.69
CA ALA C 374 29.98 -2.49 1.73
C ALA C 374 28.58 -1.94 1.93
N VAL C 375 28.33 -1.40 3.12
CA VAL C 375 27.04 -0.79 3.44
C VAL C 375 27.30 0.48 4.23
N CYS C 376 26.55 1.53 3.90
CA CYS C 376 26.54 2.77 4.66
C CYS C 376 25.14 2.98 5.20
N MET C 377 25.01 2.98 6.54
CA MET C 377 23.72 3.21 7.17
C MET C 377 23.64 4.64 7.68
N LEU C 378 22.48 5.25 7.50
CA LEU C 378 22.21 6.61 7.96
C LEU C 378 20.91 6.55 8.74
N SER C 379 21.00 6.72 10.05
CA SER C 379 19.86 6.53 10.95
C SER C 379 19.59 7.81 11.71
N ASN C 380 18.31 8.18 11.78
CA ASN C 380 17.87 9.34 12.56
C ASN C 380 17.50 8.82 13.94
N THR C 381 18.47 8.92 14.85
CA THR C 381 18.32 8.43 16.22
C THR C 381 18.37 9.59 17.20
N THR C 382 17.61 9.46 18.29
CA THR C 382 17.66 10.48 19.32
C THR C 382 19.03 10.57 19.96
N ALA C 383 19.79 9.47 19.94
CA ALA C 383 21.10 9.46 20.58
C ALA C 383 21.98 10.59 20.06
N ILE C 384 21.76 11.03 18.82
CA ILE C 384 22.54 12.13 18.27
C ILE C 384 22.44 13.37 19.14
N ALA C 385 21.39 13.49 19.95
CA ALA C 385 21.28 14.63 20.85
C ALA C 385 22.46 14.69 21.81
N GLU C 386 23.06 13.54 22.13
CA GLU C 386 24.21 13.52 23.01
C GLU C 386 25.34 14.40 22.47
N ALA C 387 25.55 14.38 21.15
CA ALA C 387 26.57 15.24 20.56
C ALA C 387 26.22 16.71 20.74
N TRP C 388 24.95 17.08 20.53
CA TRP C 388 24.54 18.46 20.80
C TRP C 388 24.80 18.83 22.25
N ALA C 389 24.45 17.94 23.18
CA ALA C 389 24.62 18.24 24.59
C ALA C 389 26.08 18.52 24.93
N ARG C 390 26.99 17.67 24.48
CA ARG C 390 28.40 17.87 24.77
C ARG C 390 28.87 19.25 24.30
N LEU C 391 28.52 19.61 23.06
CA LEU C 391 28.92 20.90 22.52
C LEU C 391 28.24 22.05 23.26
N ASP C 392 26.94 21.91 23.55
CA ASP C 392 26.21 22.96 24.28
C ASP C 392 26.85 23.22 25.64
N HIS C 393 27.36 22.17 26.29
CA HIS C 393 27.97 22.35 27.60
C HIS C 393 29.25 23.19 27.49
N LYS C 394 30.09 22.88 26.50
CA LYS C 394 31.30 23.67 26.31
C LYS C 394 30.97 25.12 25.98
N PHE C 395 29.88 25.34 25.23
CA PHE C 395 29.42 26.70 24.98
C PHE C 395 29.08 27.42 26.29
N ASP C 396 28.42 26.71 27.22
CA ASP C 396 27.95 27.35 28.44
C ASP C 396 29.11 27.72 29.36
N LEU C 397 30.12 26.85 29.46
CA LEU C 397 31.26 27.13 30.32
C LEU C 397 31.94 28.42 29.92
N MET C 398 32.22 28.58 28.62
CA MET C 398 32.88 29.78 28.16
C MET C 398 31.94 30.98 28.21
N TYR C 399 30.69 30.82 27.76
CA TYR C 399 29.80 31.97 27.64
C TYR C 399 29.37 32.51 29.00
N ALA C 400 29.32 31.65 30.02
CA ALA C 400 28.96 32.14 31.35
C ALA C 400 29.89 33.27 31.78
N LYS C 401 31.17 33.18 31.43
CA LYS C 401 32.13 34.22 31.72
C LYS C 401 32.35 35.16 30.54
N ARG C 402 31.60 34.97 29.45
CA ARG C 402 31.74 35.77 28.24
C ARG C 402 33.15 35.69 27.67
N ALA C 403 33.84 34.58 27.92
CA ALA C 403 35.19 34.41 27.39
C ALA C 403 35.17 34.45 25.87
N PHE C 404 36.11 35.22 25.30
CA PHE C 404 36.34 35.27 23.86
C PHE C 404 35.24 36.01 23.10
N VAL C 405 34.13 36.34 23.78
CA VAL C 405 33.00 36.98 23.11
C VAL C 405 33.41 38.30 22.49
N HIS C 406 34.37 39.01 23.09
CA HIS C 406 34.77 40.31 22.55
C HIS C 406 35.28 40.20 21.13
N TRP C 407 35.94 39.08 20.79
CA TRP C 407 36.42 38.90 19.43
C TRP C 407 35.27 38.90 18.42
N TYR C 408 34.09 38.47 18.83
CA TYR C 408 32.93 38.45 17.95
C TYR C 408 32.20 39.79 17.94
N VAL C 409 32.12 40.46 19.09
CA VAL C 409 31.49 41.77 19.14
C VAL C 409 32.30 42.78 18.34
N GLY C 410 33.63 42.64 18.36
CA GLY C 410 34.47 43.56 17.62
C GLY C 410 34.19 43.53 16.13
N GLU C 411 33.67 42.41 15.63
CA GLU C 411 33.35 42.25 14.22
C GLU C 411 31.88 42.58 13.93
N GLY C 412 31.14 43.11 14.90
CA GLY C 412 29.81 43.63 14.67
C GLY C 412 28.70 42.81 15.30
N MET C 413 29.00 41.66 15.90
CA MET C 413 27.95 40.84 16.48
C MET C 413 27.52 41.40 17.84
N GLU C 414 26.33 40.99 18.27
CA GLU C 414 25.80 41.34 19.58
C GLU C 414 25.68 40.08 20.43
N GLU C 415 25.83 40.25 21.75
CA GLU C 415 25.65 39.12 22.65
C GLU C 415 24.27 38.50 22.51
N GLY C 416 23.30 39.24 21.99
CA GLY C 416 21.97 38.67 21.80
C GLY C 416 21.97 37.51 20.83
N GLU C 417 22.81 37.59 19.79
CA GLU C 417 22.88 36.49 18.83
C GLU C 417 23.48 35.24 19.47
N PHE C 418 24.32 35.41 20.49
CA PHE C 418 24.86 34.25 21.18
C PHE C 418 23.78 33.52 21.98
N SER C 419 22.99 34.26 22.75
CA SER C 419 21.95 33.62 23.55
C SER C 419 20.82 33.10 22.68
N GLU C 420 20.42 33.86 21.67
CA GLU C 420 19.43 33.38 20.71
C GLU C 420 19.87 32.06 20.10
N ALA C 421 21.12 32.00 19.60
CA ALA C 421 21.62 30.76 19.04
C ALA C 421 21.66 29.65 20.07
N ARG C 422 21.96 29.98 21.33
CA ARG C 422 21.97 28.97 22.37
C ARG C 422 20.56 28.49 22.69
N GLU C 423 19.60 29.41 22.71
CA GLU C 423 18.21 29.02 22.98
C GLU C 423 17.69 28.10 21.89
N ASP C 424 18.04 28.39 20.63
CA ASP C 424 17.65 27.49 19.55
C ASP C 424 18.18 26.09 19.80
N MET C 425 19.44 25.99 20.23
CA MET C 425 20.01 24.69 20.55
C MET C 425 19.25 24.03 21.70
N ALA C 426 18.86 24.81 22.71
CA ALA C 426 18.08 24.27 23.81
C ALA C 426 16.76 23.71 23.31
N ALA C 427 16.08 24.44 22.43
CA ALA C 427 14.85 23.91 21.85
C ALA C 427 15.10 22.63 21.09
N LEU C 428 16.21 22.56 20.35
CA LEU C 428 16.54 21.35 19.61
C LEU C 428 16.73 20.16 20.55
N GLU C 429 17.47 20.36 21.64
CA GLU C 429 17.64 19.30 22.61
C GLU C 429 16.29 18.85 23.16
N LYS C 430 15.41 19.80 23.47
CA LYS C 430 14.08 19.44 23.93
C LYS C 430 13.29 18.76 22.82
N ASP C 431 13.47 19.20 21.57
CA ASP C 431 12.80 18.55 20.44
C ASP C 431 13.18 17.07 20.36
N TYR C 432 14.45 16.74 20.54
CA TYR C 432 14.87 15.34 20.47
C TYR C 432 14.29 14.53 21.61
N GLU C 433 14.10 15.14 22.77
CA GLU C 433 13.44 14.43 23.87
C GLU C 433 11.96 14.21 23.57
N GLU C 434 11.31 15.20 22.97
CA GLU C 434 9.88 15.10 22.70
C GLU C 434 9.58 13.99 21.70
N VAL C 435 10.37 13.90 20.62
CA VAL C 435 10.09 12.90 19.60
C VAL C 435 10.37 11.50 20.12
N GLY C 436 11.25 11.37 21.12
CA GLY C 436 11.55 10.07 21.68
C GLY C 436 10.55 9.55 22.69
N VAL C 437 9.61 10.37 23.12
CA VAL C 437 8.63 9.97 24.12
C VAL C 437 7.53 9.14 23.46
N ASP C 438 7.12 8.08 24.14
CA ASP C 438 6.08 7.21 23.61
C ASP C 438 4.78 7.97 23.40
N SER C 439 3.97 7.47 22.49
CA SER C 439 2.71 8.11 22.14
C SER C 439 1.62 7.71 23.13
N VAL C 440 0.58 8.52 23.20
CA VAL C 440 -0.54 8.26 24.08
C VAL C 440 -1.31 7.04 23.60
N MET D 1 52.10 35.95 1.72
CA MET D 1 50.69 36.30 1.72
C MET D 1 50.27 36.90 3.07
N ARG D 2 50.95 36.50 4.14
CA ARG D 2 50.68 37.00 5.49
C ARG D 2 51.99 37.60 6.01
N GLU D 3 52.23 38.87 5.68
CA GLU D 3 53.49 39.53 5.98
C GLU D 3 53.42 40.24 7.32
N ILE D 4 54.47 40.09 8.12
CA ILE D 4 54.62 40.78 9.39
C ILE D 4 55.66 41.88 9.22
N VAL D 5 55.38 43.05 9.81
CA VAL D 5 56.29 44.19 9.76
C VAL D 5 56.93 44.33 11.13
N HIS D 6 58.24 44.16 11.19
CA HIS D 6 58.98 44.22 12.45
C HIS D 6 59.45 45.65 12.70
N ILE D 7 59.27 46.12 13.92
CA ILE D 7 59.80 47.39 14.38
C ILE D 7 60.52 47.14 15.69
N GLN D 8 61.63 47.84 15.91
CA GLN D 8 62.39 47.67 17.15
C GLN D 8 62.96 49.03 17.55
N ALA D 9 62.62 49.47 18.76
CA ALA D 9 62.95 50.80 19.24
C ALA D 9 63.81 50.73 20.50
N GLY D 10 64.66 51.74 20.66
CA GLY D 10 65.53 51.81 21.83
C GLY D 10 66.75 50.94 21.69
N GLN D 11 67.59 51.00 22.72
CA GLN D 11 68.80 50.18 22.74
C GLN D 11 68.46 48.71 22.91
N CYS D 12 67.68 48.39 23.95
CA CYS D 12 67.31 47.00 24.20
C CYS D 12 66.54 46.42 23.02
N GLY D 13 65.54 47.14 22.53
CA GLY D 13 64.77 46.63 21.41
C GLY D 13 65.62 46.27 20.22
N ASN D 14 66.65 47.08 19.94
CA ASN D 14 67.51 46.81 18.80
C ASN D 14 68.47 45.66 19.05
N GLN D 15 68.93 45.48 20.30
CA GLN D 15 69.86 44.39 20.58
C GLN D 15 69.14 43.04 20.51
N ILE D 16 67.95 42.94 21.13
CA ILE D 16 67.21 41.69 21.03
C ILE D 16 66.64 41.53 19.62
N GLY D 17 66.22 42.63 19.00
CA GLY D 17 65.73 42.55 17.63
C GLY D 17 66.80 42.10 16.66
N ALA D 18 68.04 42.57 16.86
CA ALA D 18 69.14 42.12 16.03
C ALA D 18 69.38 40.62 16.20
N LYS D 19 69.39 40.15 17.45
CA LYS D 19 69.59 38.72 17.69
C LYS D 19 68.46 37.90 17.09
N PHE D 20 67.22 38.38 17.19
CA PHE D 20 66.12 37.69 16.54
C PHE D 20 66.41 37.48 15.06
N TRP D 21 66.92 38.51 14.38
CA TRP D 21 67.26 38.36 12.97
C TRP D 21 68.51 37.51 12.77
N GLU D 22 69.42 37.52 13.74
CA GLU D 22 70.61 36.68 13.68
C GLU D 22 70.29 35.21 13.98
N VAL D 23 69.08 34.91 14.45
CA VAL D 23 68.70 33.57 14.83
C VAL D 23 67.77 32.93 13.79
N ILE D 24 66.85 33.71 13.23
CA ILE D 24 65.90 33.15 12.26
C ILE D 24 66.46 33.16 10.85
N SER D 25 67.37 34.09 10.53
CA SER D 25 68.05 34.03 9.25
C SER D 25 68.85 32.75 9.11
N ASP D 26 69.52 32.33 10.19
CA ASP D 26 70.20 31.03 10.19
C ASP D 26 69.22 29.88 10.01
N GLU D 27 68.08 29.95 10.71
CA GLU D 27 67.08 28.90 10.55
C GLU D 27 66.54 28.84 9.13
N HIS D 28 66.44 29.98 8.47
CA HIS D 28 65.92 30.05 7.10
C HIS D 28 67.02 29.96 6.05
N GLY D 29 68.27 29.82 6.46
CA GLY D 29 69.35 29.70 5.50
C GLY D 29 69.66 30.98 4.74
N ILE D 30 69.60 32.13 5.43
CA ILE D 30 69.94 33.42 4.85
C ILE D 30 71.21 33.91 5.53
N ASP D 31 72.25 34.17 4.75
CA ASP D 31 73.51 34.68 5.28
C ASP D 31 73.44 36.19 5.44
N PRO D 32 74.44 36.80 6.08
CA PRO D 32 74.38 38.25 6.30
C PRO D 32 74.22 39.06 5.01
N THR D 33 74.72 38.55 3.89
CA THR D 33 74.57 39.25 2.63
C THR D 33 73.15 39.19 2.08
N GLY D 34 72.28 38.36 2.67
CA GLY D 34 70.92 38.22 2.19
C GLY D 34 70.71 37.16 1.15
N SER D 35 71.68 36.27 0.94
CA SER D 35 71.57 35.19 -0.03
C SER D 35 71.14 33.91 0.65
N TYR D 36 70.37 33.10 -0.08
CA TYR D 36 69.87 31.83 0.43
C TYR D 36 70.91 30.73 0.18
N HIS D 37 71.36 30.09 1.26
CA HIS D 37 72.32 29.00 1.21
C HIS D 37 71.83 27.83 2.06
N GLY D 38 70.56 27.47 1.86
CA GLY D 38 69.94 26.40 2.62
C GLY D 38 69.80 25.11 1.81
N ASP D 39 69.36 24.07 2.50
CA ASP D 39 69.18 22.73 1.94
C ASP D 39 67.71 22.37 1.72
N SER D 40 66.88 22.58 2.74
CA SER D 40 65.47 22.20 2.68
C SER D 40 64.64 23.31 2.05
N ASP D 41 63.71 22.91 1.17
CA ASP D 41 62.80 23.87 0.56
C ASP D 41 61.80 24.45 1.57
N LEU D 42 61.67 23.84 2.74
CA LEU D 42 60.75 24.35 3.74
C LEU D 42 61.23 25.65 4.36
N GLN D 43 62.53 25.94 4.27
CA GLN D 43 63.05 27.20 4.80
C GLN D 43 62.49 28.42 4.09
N LEU D 44 62.03 28.26 2.85
CA LEU D 44 61.57 29.38 2.04
C LEU D 44 60.06 29.40 1.84
N GLU D 45 59.35 28.33 2.19
CA GLU D 45 57.92 28.29 1.92
C GLU D 45 57.19 29.47 2.56
N ARG D 46 57.73 30.01 3.64
CA ARG D 46 57.17 31.19 4.30
C ARG D 46 58.25 32.22 4.59
N ILE D 47 59.20 32.39 3.66
CA ILE D 47 60.23 33.42 3.81
C ILE D 47 59.58 34.81 3.79
N ASN D 48 58.52 34.97 2.99
CA ASN D 48 57.71 36.19 2.90
C ASN D 48 57.37 36.77 4.27
N VAL D 49 56.98 35.91 5.21
CA VAL D 49 56.39 36.37 6.48
C VAL D 49 57.26 37.44 7.12
N TYR D 50 58.59 37.31 7.00
CA TYR D 50 59.50 38.25 7.64
C TYR D 50 60.51 38.88 6.67
N TYR D 51 60.52 38.48 5.40
CA TYR D 51 61.53 38.93 4.46
C TYR D 51 60.88 39.40 3.16
N ASN D 52 61.43 40.48 2.59
CA ASN D 52 61.01 40.98 1.29
C ASN D 52 61.89 40.40 0.20
N GLU D 53 61.26 40.04 -0.92
CA GLU D 53 61.99 39.51 -2.07
C GLU D 53 62.57 40.67 -2.87
N ALA D 54 63.88 40.65 -3.07
CA ALA D 54 64.58 41.69 -3.80
C ALA D 54 65.19 41.12 -5.07
N THR D 55 65.56 42.01 -5.99
CA THR D 55 66.20 41.58 -7.23
C THR D 55 67.52 40.90 -6.94
N GLY D 56 67.82 39.85 -7.71
CA GLY D 56 69.02 39.07 -7.51
C GLY D 56 68.88 37.93 -6.52
N ASN D 57 67.65 37.48 -6.26
CA ASN D 57 67.41 36.38 -5.31
C ASN D 57 67.91 36.75 -3.91
N LYS D 58 67.72 38.01 -3.53
CA LYS D 58 68.11 38.51 -2.23
C LYS D 58 66.90 38.65 -1.32
N TYR D 59 67.12 38.49 -0.02
CA TYR D 59 66.07 38.58 0.99
C TYR D 59 66.45 39.63 2.02
N VAL D 60 65.52 40.55 2.28
CA VAL D 60 65.76 41.70 3.13
C VAL D 60 64.75 41.67 4.27
N PRO D 61 65.18 41.71 5.53
CA PRO D 61 64.22 41.73 6.64
C PRO D 61 63.25 42.91 6.52
N ARG D 62 61.99 42.64 6.82
CA ARG D 62 60.96 43.68 6.88
C ARG D 62 61.02 44.34 8.26
N ALA D 63 62.16 44.98 8.52
CA ALA D 63 62.48 45.53 9.84
C ALA D 63 62.66 47.04 9.76
N ILE D 64 62.18 47.71 10.81
CA ILE D 64 62.33 49.15 10.96
C ILE D 64 63.05 49.40 12.28
N LEU D 65 64.18 50.07 12.22
CA LEU D 65 65.08 50.23 13.36
C LEU D 65 65.06 51.68 13.82
N VAL D 66 64.83 51.88 15.12
CA VAL D 66 64.56 53.21 15.67
C VAL D 66 65.26 53.37 17.01
N ASP D 67 65.73 54.60 17.27
CA ASP D 67 66.19 55.02 18.59
C ASP D 67 66.52 56.51 18.55
N LEU D 68 66.30 57.22 19.66
CA LEU D 68 66.54 58.65 19.71
C LEU D 68 68.02 58.99 19.86
N GLU D 69 68.86 58.02 20.23
CA GLU D 69 70.29 58.22 20.24
C GLU D 69 70.89 57.63 18.98
N PRO D 70 71.51 58.41 18.11
CA PRO D 70 71.98 57.85 16.83
C PRO D 70 73.14 56.87 16.98
N GLY D 71 73.77 56.81 18.16
CA GLY D 71 74.89 55.90 18.34
C GLY D 71 74.53 54.46 18.05
N THR D 72 73.41 54.00 18.63
CA THR D 72 72.99 52.61 18.44
C THR D 72 72.74 52.28 16.98
N MET D 73 72.46 53.28 16.15
CA MET D 73 72.26 53.02 14.72
C MET D 73 73.52 52.40 14.11
N ASP D 74 74.70 52.93 14.46
CA ASP D 74 75.93 52.37 13.94
C ASP D 74 76.23 51.00 14.52
N SER D 75 75.84 50.77 15.78
CA SER D 75 76.09 49.48 16.41
C SER D 75 75.43 48.34 15.63
N VAL D 76 74.22 48.58 15.12
CA VAL D 76 73.54 47.55 14.34
C VAL D 76 74.26 47.33 13.01
N ARG D 77 74.60 48.42 12.32
CA ARG D 77 75.33 48.30 11.06
C ARG D 77 76.62 47.51 11.25
N SER D 78 77.23 47.59 12.43
CA SER D 78 78.43 46.83 12.72
C SER D 78 78.14 45.40 13.15
N GLY D 79 76.88 45.08 13.44
CA GLY D 79 76.52 43.76 13.91
C GLY D 79 76.79 42.69 12.86
N PRO D 80 76.71 41.42 13.27
CA PRO D 80 76.94 40.33 12.31
C PRO D 80 76.06 40.41 11.09
N PHE D 81 74.79 40.79 11.26
CA PHE D 81 73.85 40.92 10.15
C PHE D 81 73.53 42.38 9.84
N GLY D 82 74.41 43.31 10.24
CA GLY D 82 74.11 44.72 10.10
C GLY D 82 73.75 45.13 8.67
N GLN D 83 74.46 44.57 7.69
CA GLN D 83 74.28 44.97 6.31
C GLN D 83 73.08 44.30 5.64
N ILE D 84 72.45 43.31 6.27
CA ILE D 84 71.26 42.71 5.67
C ILE D 84 70.10 43.70 5.72
N PHE D 85 70.08 44.58 6.72
CA PHE D 85 68.94 45.47 6.92
C PHE D 85 68.88 46.52 5.82
N ARG D 86 67.67 46.86 5.43
CA ARG D 86 67.45 47.89 4.42
C ARG D 86 67.91 49.24 4.97
N PRO D 87 68.92 49.88 4.37
CA PRO D 87 69.47 51.11 4.99
C PRO D 87 68.46 52.24 5.11
N ASP D 88 67.49 52.33 4.18
CA ASP D 88 66.47 53.37 4.25
C ASP D 88 65.63 53.25 5.52
N ASN D 89 65.58 52.08 6.14
CA ASN D 89 64.70 51.83 7.28
C ASN D 89 65.34 52.18 8.62
N PHE D 90 66.53 52.78 8.60
CA PHE D 90 67.17 53.28 9.82
C PHE D 90 66.66 54.69 10.09
N VAL D 91 65.90 54.86 11.15
CA VAL D 91 65.35 56.15 11.54
C VAL D 91 65.84 56.46 12.95
N PHE D 92 66.72 57.46 13.07
CA PHE D 92 67.36 57.77 14.34
C PHE D 92 67.28 59.26 14.62
N GLY D 93 67.28 59.59 15.91
CA GLY D 93 67.33 60.96 16.36
C GLY D 93 68.75 61.44 16.57
N GLN D 94 68.90 62.43 17.44
CA GLN D 94 70.22 63.01 17.69
C GLN D 94 70.54 63.25 19.17
N SER D 95 69.56 63.12 20.08
CA SER D 95 69.74 63.49 21.47
C SER D 95 69.73 62.31 22.43
N GLY D 96 68.83 61.35 22.27
CA GLY D 96 68.60 60.35 23.28
C GLY D 96 67.60 60.82 24.32
N ALA D 97 67.06 59.85 25.06
CA ALA D 97 65.94 60.11 25.96
C ALA D 97 66.31 60.12 27.43
N GLY D 98 67.48 59.62 27.80
CA GLY D 98 67.89 59.64 29.19
C GLY D 98 66.93 58.97 30.14
N ASN D 99 66.35 57.84 29.71
CA ASN D 99 65.43 57.06 30.56
C ASN D 99 64.24 57.91 31.00
N ASN D 100 63.75 58.77 30.11
CA ASN D 100 62.61 59.63 30.38
C ASN D 100 61.46 59.21 29.45
N TRP D 101 60.39 58.67 30.05
CA TRP D 101 59.26 58.21 29.26
C TRP D 101 58.60 59.36 28.51
N ALA D 102 58.47 60.52 29.17
CA ALA D 102 57.78 61.66 28.56
C ALA D 102 58.54 62.14 27.32
N LYS D 103 59.87 62.14 27.37
CA LYS D 103 60.64 62.56 26.21
C LYS D 103 60.37 61.66 25.02
N GLY D 104 60.30 60.34 25.25
CA GLY D 104 60.07 59.41 24.16
C GLY D 104 58.64 59.40 23.67
N HIS D 105 57.68 59.73 24.54
CA HIS D 105 56.28 59.59 24.18
C HIS D 105 55.67 60.88 23.66
N TYR D 106 56.02 62.02 24.27
CA TYR D 106 55.30 63.27 24.05
C TYR D 106 56.10 64.33 23.31
N THR D 107 57.36 64.54 23.66
CA THR D 107 58.14 65.66 23.14
C THR D 107 59.13 65.21 22.07
N GLU D 108 60.21 64.54 22.46
CA GLU D 108 61.28 64.26 21.52
C GLU D 108 60.92 63.10 20.59
N GLY D 109 60.36 62.02 21.13
CA GLY D 109 59.89 60.94 20.28
C GLY D 109 58.77 61.38 19.36
N ALA D 110 57.94 62.32 19.82
CA ALA D 110 56.87 62.82 18.98
C ALA D 110 57.42 63.50 17.73
N GLU D 111 58.55 64.21 17.86
CA GLU D 111 59.14 64.88 16.71
C GLU D 111 59.67 63.88 15.68
N LEU D 112 60.00 62.66 16.11
CA LEU D 112 60.53 61.64 15.22
C LEU D 112 59.50 60.60 14.81
N VAL D 113 58.35 60.52 15.50
CA VAL D 113 57.40 59.45 15.25
C VAL D 113 56.89 59.49 13.82
N ASP D 114 56.68 60.69 13.27
CA ASP D 114 56.14 60.80 11.92
C ASP D 114 57.12 60.29 10.88
N SER D 115 58.42 60.50 11.09
CA SER D 115 59.41 59.98 10.14
C SER D 115 59.44 58.46 10.15
N VAL D 116 59.11 57.84 11.29
CA VAL D 116 59.06 56.39 11.36
C VAL D 116 57.82 55.86 10.64
N LEU D 117 56.68 56.54 10.83
CA LEU D 117 55.45 56.10 10.18
C LEU D 117 55.59 56.08 8.67
N ASP D 118 56.40 56.98 8.11
CA ASP D 118 56.63 56.97 6.67
C ASP D 118 57.33 55.68 6.24
N VAL D 119 58.31 55.22 7.03
CA VAL D 119 58.96 53.95 6.72
C VAL D 119 57.99 52.80 6.95
N VAL D 120 57.17 52.89 8.00
CA VAL D 120 56.13 51.88 8.22
C VAL D 120 55.17 51.85 7.04
N ARG D 121 54.76 53.01 6.56
CA ARG D 121 53.80 53.07 5.45
C ARG D 121 54.40 52.50 4.17
N LYS D 122 55.70 52.73 3.94
CA LYS D 122 56.33 52.22 2.73
C LYS D 122 56.40 50.69 2.76
N GLU D 123 56.77 50.10 3.89
CA GLU D 123 56.84 48.66 3.99
C GLU D 123 55.45 48.03 3.87
N SER D 124 54.44 48.67 4.46
CA SER D 124 53.08 48.12 4.41
C SER D 124 52.55 48.11 2.98
N GLU D 125 52.89 49.15 2.19
CA GLU D 125 52.39 49.22 0.83
C GLU D 125 52.89 48.06 -0.02
N SER D 126 54.05 47.50 0.32
CA SER D 126 54.63 46.37 -0.40
C SER D 126 54.34 45.04 0.30
N CYS D 127 53.15 44.89 0.87
CA CYS D 127 52.70 43.64 1.47
C CYS D 127 51.46 43.17 0.76
N ASP D 128 51.47 41.91 0.31
CA ASP D 128 50.31 41.34 -0.37
C ASP D 128 49.06 41.43 0.51
N CYS D 129 49.20 41.06 1.78
CA CYS D 129 48.10 41.17 2.75
C CYS D 129 48.74 41.30 4.15
N LEU D 130 48.97 42.54 4.56
CA LEU D 130 49.57 42.83 5.86
C LEU D 130 48.81 42.13 6.97
N GLN D 131 49.50 41.29 7.73
CA GLN D 131 48.85 40.56 8.81
C GLN D 131 49.06 41.18 10.18
N GLY D 132 50.07 42.01 10.37
CA GLY D 132 50.25 42.67 11.64
C GLY D 132 51.67 43.20 11.78
N PHE D 133 51.90 43.81 12.95
CA PHE D 133 53.19 44.36 13.31
C PHE D 133 53.68 43.70 14.59
N GLN D 134 55.00 43.67 14.75
CA GLN D 134 55.61 43.20 15.99
C GLN D 134 56.68 44.18 16.43
N LEU D 135 56.68 44.50 17.73
CA LEU D 135 57.60 45.46 18.31
C LEU D 135 58.49 44.77 19.34
N THR D 136 59.77 45.11 19.32
CA THR D 136 60.72 44.67 20.34
C THR D 136 61.27 45.89 21.04
N HIS D 137 61.10 45.97 22.35
CA HIS D 137 61.46 47.16 23.10
C HIS D 137 61.48 46.82 24.58
N SER D 138 62.12 47.69 25.36
CA SER D 138 62.11 47.60 26.81
C SER D 138 61.18 48.65 27.39
N LEU D 139 60.66 48.37 28.58
CA LEU D 139 59.73 49.26 29.25
C LEU D 139 60.38 50.13 30.30
N GLY D 140 61.65 49.89 30.61
CA GLY D 140 62.34 50.63 31.66
C GLY D 140 63.14 51.80 31.14
N GLY D 141 63.47 51.78 29.85
CA GLY D 141 64.20 52.87 29.22
C GLY D 141 63.32 54.07 28.99
N GLY D 142 63.72 54.90 28.02
CA GLY D 142 62.99 56.10 27.71
C GLY D 142 62.43 56.12 26.30
N THR D 143 63.17 55.54 25.35
CA THR D 143 62.78 55.55 23.94
C THR D 143 61.91 54.34 23.62
N GLY D 144 62.47 53.13 23.74
CA GLY D 144 61.71 51.94 23.46
C GLY D 144 60.37 51.89 24.19
N SER D 145 60.32 52.46 25.39
CA SER D 145 59.09 52.49 26.19
C SER D 145 58.21 53.68 25.79
N GLY D 146 58.71 54.89 25.98
CA GLY D 146 57.89 56.08 25.72
C GLY D 146 57.53 56.22 24.25
N MET D 147 58.53 56.13 23.37
CA MET D 147 58.26 56.26 21.95
C MET D 147 57.67 54.99 21.37
N GLY D 148 58.10 53.82 21.85
CA GLY D 148 57.53 52.58 21.38
C GLY D 148 56.03 52.53 21.59
N THR D 149 55.56 52.92 22.79
CA THR D 149 54.13 52.90 23.06
C THR D 149 53.40 53.96 22.24
N LEU D 150 54.03 55.12 22.03
CA LEU D 150 53.45 56.12 21.13
C LEU D 150 53.30 55.57 19.73
N LEU D 151 54.36 54.93 19.23
CA LEU D 151 54.30 54.34 17.90
C LEU D 151 53.17 53.34 17.78
N ILE D 152 53.01 52.47 18.78
CA ILE D 152 51.94 51.48 18.75
C ILE D 152 50.60 52.17 18.51
N SER D 153 50.31 53.23 19.29
CA SER D 153 49.04 53.92 19.14
C SER D 153 48.89 54.51 17.75
N LYS D 154 49.95 55.12 17.22
CA LYS D 154 49.85 55.71 15.88
C LYS D 154 49.67 54.64 14.82
N ILE D 155 50.38 53.52 14.94
CA ILE D 155 50.18 52.43 13.98
C ILE D 155 48.77 51.86 14.12
N ARG D 156 48.31 51.69 15.35
CA ARG D 156 46.93 51.26 15.55
C ARG D 156 45.94 52.26 14.98
N GLU D 157 46.28 53.55 15.03
CA GLU D 157 45.40 54.57 14.47
C GLU D 157 45.29 54.44 12.95
N GLU D 158 46.40 54.13 12.29
CA GLU D 158 46.43 54.01 10.84
C GLU D 158 46.05 52.61 10.35
N TYR D 159 46.31 51.59 11.15
CA TYR D 159 46.02 50.20 10.79
C TYR D 159 45.13 49.58 11.87
N PRO D 160 43.90 50.08 12.02
CA PRO D 160 43.06 49.64 13.14
C PRO D 160 42.70 48.16 13.08
N ASP D 161 42.68 47.56 11.91
CA ASP D 161 42.28 46.16 11.75
C ASP D 161 43.48 45.23 11.62
N ARG D 162 44.68 45.69 11.94
CA ARG D 162 45.86 44.85 11.95
C ARG D 162 46.26 44.52 13.38
N ILE D 163 46.84 43.35 13.56
CA ILE D 163 47.21 42.87 14.89
C ILE D 163 48.50 43.54 15.33
N MET D 164 48.55 43.94 16.60
CA MET D 164 49.73 44.59 17.19
C MET D 164 50.33 43.66 18.22
N ASN D 165 51.53 43.16 17.95
CA ASN D 165 52.26 42.26 18.82
C ASN D 165 53.52 42.97 19.35
N THR D 166 53.91 42.62 20.57
CA THR D 166 55.12 43.21 21.14
C THR D 166 55.86 42.16 21.97
N PHE D 167 57.18 42.27 21.97
CA PHE D 167 58.07 41.56 22.89
C PHE D 167 58.62 42.63 23.84
N SER D 168 57.93 42.83 24.95
CA SER D 168 58.24 43.90 25.89
C SER D 168 59.12 43.40 27.02
N VAL D 169 60.24 44.06 27.24
CA VAL D 169 61.16 43.77 28.34
C VAL D 169 60.95 44.80 29.44
N MET D 170 60.69 44.32 30.67
CA MET D 170 60.47 45.23 31.79
C MET D 170 61.60 45.14 32.80
N PRO D 171 61.80 46.19 33.60
CA PRO D 171 63.05 46.32 34.35
C PRO D 171 63.09 45.45 35.61
N SER D 172 64.32 45.13 36.03
CA SER D 172 64.57 44.40 37.25
C SER D 172 65.77 45.06 37.94
N PRO D 173 65.71 45.32 39.24
CA PRO D 173 66.90 45.85 39.93
C PRO D 173 68.15 45.02 39.72
N LYS D 174 68.01 43.71 39.48
CA LYS D 174 69.17 42.84 39.32
C LYS D 174 69.95 43.12 38.03
N VAL D 175 69.36 43.84 37.09
CA VAL D 175 70.00 44.08 35.80
C VAL D 175 70.25 45.56 35.52
N SER D 176 69.50 46.47 36.15
CA SER D 176 69.64 47.89 35.86
C SER D 176 69.37 48.67 37.14
N ASP D 177 70.30 49.56 37.49
CA ASP D 177 70.18 50.37 38.70
C ASP D 177 69.46 51.70 38.45
N THR D 178 69.05 51.98 37.21
CA THR D 178 68.29 53.19 36.94
C THR D 178 67.07 53.24 37.86
N VAL D 179 66.82 54.42 38.42
CA VAL D 179 65.85 54.54 39.51
C VAL D 179 64.42 54.78 39.02
N VAL D 180 64.25 55.41 37.86
CA VAL D 180 62.92 55.81 37.40
C VAL D 180 62.29 54.72 36.54
N GLU D 181 62.92 53.55 36.49
CA GLU D 181 62.40 52.49 35.63
C GLU D 181 60.98 52.06 36.00
N PRO D 182 60.61 51.94 37.27
CA PRO D 182 59.20 51.64 37.58
C PRO D 182 58.22 52.63 36.97
N TYR D 183 58.57 53.91 36.90
CA TYR D 183 57.70 54.88 36.22
C TYR D 183 57.55 54.52 34.75
N ASN D 184 58.67 54.33 34.05
CA ASN D 184 58.61 54.05 32.62
C ASN D 184 57.82 52.77 32.35
N ALA D 185 58.02 51.74 33.18
CA ALA D 185 57.31 50.49 32.99
C ALA D 185 55.82 50.68 33.25
N THR D 186 55.47 51.28 34.38
CA THR D 186 54.06 51.47 34.71
C THR D 186 53.37 52.31 33.64
N LEU D 187 54.03 53.37 33.17
CA LEU D 187 53.41 54.22 32.15
C LEU D 187 53.22 53.47 30.84
N SER D 188 54.19 52.61 30.48
CA SER D 188 54.07 51.86 29.23
C SER D 188 53.02 50.76 29.33
N VAL D 189 52.93 50.11 30.49
CA VAL D 189 51.90 49.08 30.68
C VAL D 189 50.52 49.69 30.51
N HIS D 190 50.35 50.93 30.96
CA HIS D 190 49.07 51.63 30.77
C HIS D 190 48.71 51.73 29.30
N GLN D 191 49.71 51.91 28.44
CA GLN D 191 49.47 51.95 27.00
C GLN D 191 49.25 50.55 26.44
N LEU D 192 50.08 49.59 26.86
CA LEU D 192 50.03 48.26 26.27
C LEU D 192 48.71 47.55 26.57
N VAL D 193 48.11 47.82 27.74
CA VAL D 193 46.83 47.21 28.06
C VAL D 193 45.75 47.63 27.07
N GLU D 194 45.91 48.79 26.44
CA GLU D 194 44.86 49.37 25.61
C GLU D 194 45.11 49.20 24.11
N ASN D 195 46.37 49.15 23.67
CA ASN D 195 46.70 49.31 22.26
C ASN D 195 47.45 48.12 21.65
N THR D 196 47.63 47.02 22.38
CA THR D 196 48.25 45.82 21.83
C THR D 196 47.30 44.65 21.99
N ASP D 197 47.31 43.75 21.00
CA ASP D 197 46.47 42.56 21.03
C ASP D 197 47.11 41.40 21.79
N GLU D 198 48.44 41.34 21.81
CA GLU D 198 49.13 40.26 22.50
C GLU D 198 50.56 40.71 22.76
N THR D 199 50.99 40.58 24.01
CA THR D 199 52.30 41.06 24.45
C THR D 199 53.03 39.97 25.21
N TYR D 200 54.25 39.66 24.78
CA TYR D 200 55.09 38.70 25.47
C TYR D 200 55.89 39.41 26.56
N CYS D 201 55.79 38.93 27.79
CA CYS D 201 56.47 39.54 28.93
C CYS D 201 57.84 38.89 29.09
N ILE D 202 58.87 39.58 28.62
CA ILE D 202 60.25 39.14 28.75
C ILE D 202 60.80 39.85 29.99
N ASP D 203 60.79 39.16 31.13
CA ASP D 203 61.15 39.76 32.40
C ASP D 203 62.64 39.62 32.65
N ASN D 204 63.34 40.74 32.85
CA ASN D 204 64.79 40.68 33.06
C ASN D 204 65.14 39.99 34.36
N GLU D 205 64.26 40.02 35.36
CA GLU D 205 64.53 39.28 36.59
C GLU D 205 64.47 37.78 36.34
N ALA D 206 63.53 37.32 35.52
CA ALA D 206 63.48 35.90 35.17
C ALA D 206 64.69 35.50 34.35
N LEU D 207 65.14 36.38 33.45
CA LEU D 207 66.30 36.06 32.62
C LEU D 207 67.58 36.03 33.46
N TYR D 208 67.73 36.98 34.39
CA TYR D 208 68.89 36.95 35.27
C TYR D 208 68.91 35.67 36.10
N ASP D 209 67.79 35.37 36.76
CA ASP D 209 67.74 34.20 37.63
C ASP D 209 68.03 32.91 36.86
N ILE D 210 67.52 32.81 35.63
CA ILE D 210 67.80 31.63 34.82
C ILE D 210 69.29 31.56 34.50
N CYS D 211 69.87 32.68 34.08
CA CYS D 211 71.30 32.70 33.76
C CYS D 211 72.13 32.37 35.00
N PHE D 212 71.82 32.99 36.13
CA PHE D 212 72.64 32.83 37.33
C PHE D 212 72.44 31.46 37.96
N ARG D 213 71.19 31.11 38.28
CA ARG D 213 70.93 29.88 39.03
C ARG D 213 71.02 28.65 38.14
N THR D 214 70.35 28.66 36.99
CA THR D 214 70.26 27.45 36.18
C THR D 214 71.49 27.27 35.30
N LEU D 215 71.85 28.29 34.51
CA LEU D 215 73.01 28.20 33.64
C LEU D 215 74.32 28.41 34.38
N LYS D 216 74.28 28.73 35.67
CA LYS D 216 75.48 28.94 36.48
C LYS D 216 76.38 30.01 35.86
N LEU D 217 75.82 31.21 35.75
CA LEU D 217 76.53 32.39 35.24
C LEU D 217 76.59 33.42 36.36
N THR D 218 77.61 33.29 37.21
CA THR D 218 77.83 34.26 38.27
C THR D 218 77.79 35.69 37.73
N THR D 219 78.32 35.91 36.53
CA THR D 219 78.37 37.23 35.91
C THR D 219 77.55 37.22 34.61
N PRO D 220 76.24 37.45 34.68
CA PRO D 220 75.43 37.47 33.46
C PRO D 220 75.51 38.81 32.74
N THR D 221 75.52 38.73 31.41
CA THR D 221 75.62 39.91 30.56
C THR D 221 74.36 40.02 29.70
N TYR D 222 74.20 41.17 29.05
CA TYR D 222 73.09 41.32 28.11
C TYR D 222 73.14 40.28 27.01
N GLY D 223 74.34 39.80 26.65
CA GLY D 223 74.43 38.73 25.67
C GLY D 223 73.90 37.42 26.20
N ASP D 224 74.20 37.11 27.46
CA ASP D 224 73.63 35.91 28.08
C ASP D 224 72.12 36.02 28.16
N LEU D 225 71.62 37.18 28.61
CA LEU D 225 70.18 37.38 28.72
C LEU D 225 69.52 37.33 27.35
N ASN D 226 70.15 37.95 26.34
CA ASN D 226 69.57 37.98 25.01
C ASN D 226 69.57 36.61 24.33
N HIS D 227 70.44 35.69 24.77
CA HIS D 227 70.42 34.34 24.22
C HIS D 227 69.11 33.65 24.55
N LEU D 228 68.62 33.84 25.78
CA LEU D 228 67.30 33.30 26.13
C LEU D 228 66.20 33.98 25.33
N VAL D 229 66.31 35.30 25.15
CA VAL D 229 65.28 36.05 24.42
C VAL D 229 65.20 35.56 22.99
N SER D 230 66.34 35.43 22.32
CA SER D 230 66.34 35.00 20.93
C SER D 230 65.77 33.59 20.79
N ALA D 231 66.13 32.69 21.71
CA ALA D 231 65.58 31.34 21.68
C ALA D 231 64.06 31.37 21.85
N THR D 232 63.58 32.16 22.82
CA THR D 232 62.13 32.29 22.99
C THR D 232 61.47 32.88 21.76
N MET D 233 62.03 34.00 21.26
CA MET D 233 61.43 34.67 20.11
C MET D 233 61.41 33.75 18.89
N SER D 234 62.43 32.92 18.72
CA SER D 234 62.43 31.97 17.62
C SER D 234 61.34 30.93 17.81
N GLY D 235 61.09 30.52 19.06
CA GLY D 235 60.11 29.48 19.30
C GLY D 235 58.68 29.96 19.10
N VAL D 236 58.34 31.10 19.71
CA VAL D 236 56.96 31.58 19.67
C VAL D 236 56.54 31.98 18.26
N THR D 237 57.49 32.23 17.36
CA THR D 237 57.20 32.60 15.98
C THR D 237 57.43 31.44 15.02
N THR D 238 57.67 30.23 15.53
CA THR D 238 57.96 29.10 14.66
C THR D 238 56.79 28.79 13.74
N CYS D 239 55.57 28.80 14.27
CA CYS D 239 54.40 28.47 13.47
C CYS D 239 54.03 29.57 12.49
N LEU D 240 54.49 30.80 12.72
CA LEU D 240 54.31 31.87 11.75
C LEU D 240 55.31 31.74 10.60
N ARG D 241 56.49 31.17 10.87
CA ARG D 241 57.58 31.13 9.89
C ARG D 241 57.68 29.81 9.15
N PHE D 242 57.10 28.73 9.67
CA PHE D 242 57.22 27.43 9.03
C PHE D 242 55.85 26.84 8.76
N PRO D 243 55.72 26.02 7.72
CA PRO D 243 54.43 25.42 7.38
C PRO D 243 54.21 24.11 8.13
N GLY D 244 52.99 23.60 7.99
CA GLY D 244 52.63 22.35 8.64
C GLY D 244 51.12 22.16 8.61
N GLN D 245 50.65 21.26 9.47
CA GLN D 245 49.22 21.02 9.60
C GLN D 245 48.50 22.16 10.31
N LEU D 246 49.23 23.13 10.86
CA LEU D 246 48.61 24.20 11.62
C LEU D 246 48.05 25.28 10.71
N ASN D 247 48.92 25.96 9.95
CA ASN D 247 48.51 27.03 9.05
C ASN D 247 47.77 28.13 9.82
N ALA D 248 48.53 28.83 10.64
CA ALA D 248 47.98 29.83 11.55
C ALA D 248 48.74 31.15 11.42
N ASP D 249 48.06 32.23 11.82
CA ASP D 249 48.60 33.58 11.72
C ASP D 249 48.54 34.27 13.07
N LEU D 250 48.83 35.57 13.12
CA LEU D 250 48.85 36.30 14.38
C LEU D 250 47.45 36.47 14.96
N ARG D 251 46.45 36.64 14.09
CA ARG D 251 45.09 36.87 14.58
C ARG D 251 44.50 35.61 15.18
N LYS D 252 44.77 34.44 14.57
CA LYS D 252 44.29 33.20 15.16
C LYS D 252 44.92 32.97 16.53
N LEU D 253 46.21 33.28 16.67
CA LEU D 253 46.87 33.12 17.96
C LEU D 253 46.19 33.98 19.01
N ALA D 254 45.91 35.24 18.68
CA ALA D 254 45.25 36.13 19.62
C ALA D 254 43.83 35.67 19.92
N VAL D 255 43.09 35.25 18.89
CA VAL D 255 41.70 34.83 19.07
C VAL D 255 41.60 33.71 20.08
N ASN D 256 42.55 32.77 20.05
CA ASN D 256 42.48 31.60 20.91
C ASN D 256 43.31 31.71 22.17
N MET D 257 44.10 32.79 22.33
CA MET D 257 44.89 32.99 23.53
C MET D 257 44.35 34.06 24.46
N VAL D 258 43.46 34.92 23.99
CA VAL D 258 43.02 36.08 24.78
C VAL D 258 41.52 35.98 25.03
N PRO D 259 41.08 35.42 26.17
CA PRO D 259 39.64 35.38 26.45
C PRO D 259 39.05 36.74 26.74
N PHE D 260 39.86 37.70 27.17
CA PHE D 260 39.38 39.02 27.52
C PHE D 260 40.40 40.04 27.06
N PRO D 261 39.95 41.13 26.43
CA PRO D 261 40.89 41.97 25.66
C PRO D 261 42.09 42.45 26.46
N ARG D 262 41.90 42.87 27.72
CA ARG D 262 43.00 43.42 28.49
C ARG D 262 44.00 42.35 28.93
N LEU D 263 43.55 41.10 29.08
CA LEU D 263 44.41 40.03 29.58
C LEU D 263 45.13 39.35 28.42
N HIS D 264 46.05 40.12 27.82
CA HIS D 264 46.83 39.69 26.67
C HIS D 264 48.32 39.76 26.94
N PHE D 265 48.73 39.58 28.20
CA PHE D 265 50.13 39.61 28.60
C PHE D 265 50.59 38.18 28.87
N PHE D 266 51.36 37.63 27.94
CA PHE D 266 51.75 36.23 27.98
C PHE D 266 53.01 36.04 28.81
N MET D 267 53.33 34.78 29.03
CA MET D 267 54.35 34.37 29.99
C MET D 267 55.21 33.34 29.28
N PRO D 268 56.20 33.78 28.52
CA PRO D 268 56.96 32.84 27.67
C PRO D 268 57.78 31.86 28.50
N GLY D 269 58.09 30.73 27.87
CA GLY D 269 58.93 29.72 28.50
C GLY D 269 59.67 28.94 27.44
N PHE D 270 60.78 28.32 27.85
CA PHE D 270 61.62 27.58 26.92
C PHE D 270 62.24 26.40 27.63
N ALA D 271 62.42 25.31 26.89
CA ALA D 271 63.10 24.12 27.38
C ALA D 271 63.79 23.46 26.19
N PRO D 272 64.95 22.84 26.41
CA PRO D 272 65.65 22.73 27.69
C PRO D 272 66.53 23.94 28.00
N LEU D 273 66.73 24.19 29.29
CA LEU D 273 67.68 25.20 29.78
C LEU D 273 68.72 24.45 30.60
N THR D 274 69.88 24.22 30.01
CA THR D 274 70.93 23.41 30.61
C THR D 274 72.27 24.14 30.53
N SER D 275 73.10 23.90 31.54
CA SER D 275 74.44 24.47 31.55
C SER D 275 75.35 23.76 30.55
N ARG D 276 76.34 24.49 30.04
CA ARG D 276 77.30 23.90 29.12
C ARG D 276 78.04 22.74 29.78
N GLY D 277 78.15 22.75 31.10
CA GLY D 277 78.81 21.68 31.83
C GLY D 277 77.85 20.69 32.46
N SER D 278 77.16 19.91 31.64
CA SER D 278 76.28 18.86 32.15
C SER D 278 75.91 17.86 31.06
N LEU D 284 67.86 13.95 25.92
CA LEU D 284 66.63 14.43 26.54
C LEU D 284 65.42 13.72 25.92
N THR D 285 64.40 13.48 26.74
CA THR D 285 63.20 12.77 26.31
C THR D 285 62.00 13.70 26.32
N VAL D 286 60.97 13.30 25.57
CA VAL D 286 59.77 14.14 25.45
C VAL D 286 59.11 14.38 26.81
N PRO D 287 58.92 13.37 27.67
CA PRO D 287 58.33 13.65 28.98
C PRO D 287 59.15 14.61 29.81
N GLU D 288 60.46 14.66 29.62
CA GLU D 288 61.29 15.61 30.35
C GLU D 288 61.11 17.03 29.82
N LEU D 289 61.03 17.18 28.49
CA LEU D 289 60.67 18.48 27.92
C LEU D 289 59.36 18.99 28.50
N THR D 290 58.35 18.11 28.56
CA THR D 290 57.03 18.52 29.01
C THR D 290 57.05 19.00 30.45
N GLN D 291 57.71 18.26 31.34
CA GLN D 291 57.74 18.63 32.74
C GLN D 291 58.48 19.95 32.94
N GLN D 292 59.67 20.08 32.34
CA GLN D 292 60.45 21.31 32.50
C GLN D 292 59.75 22.50 31.86
N MET D 293 59.08 22.29 30.73
CA MET D 293 58.41 23.36 30.03
C MET D 293 57.37 24.05 30.91
N PHE D 294 56.72 23.29 31.78
CA PHE D 294 55.74 23.83 32.71
C PHE D 294 56.34 24.18 34.06
N ASP D 295 57.64 23.99 34.23
CA ASP D 295 58.31 24.35 35.48
C ASP D 295 58.48 25.87 35.54
N SER D 296 58.33 26.42 36.75
CA SER D 296 58.53 27.85 36.93
C SER D 296 59.94 28.29 36.53
N LYS D 297 60.94 27.44 36.76
CA LYS D 297 62.33 27.82 36.49
C LYS D 297 62.59 28.08 35.01
N ASN D 298 61.74 27.57 34.12
CA ASN D 298 61.91 27.74 32.68
C ASN D 298 61.09 28.89 32.12
N MET D 299 60.43 29.66 32.96
CA MET D 299 59.59 30.77 32.51
C MET D 299 60.43 32.03 32.34
N MET D 300 60.15 32.76 31.26
CA MET D 300 60.79 34.04 30.99
C MET D 300 60.13 35.20 31.73
N ALA D 301 59.09 34.93 32.52
CA ALA D 301 58.48 35.92 33.39
C ALA D 301 58.63 35.45 34.84
N ALA D 302 59.11 36.34 35.70
CA ALA D 302 59.40 35.97 37.08
C ALA D 302 58.10 35.70 37.84
N CYS D 303 57.40 34.64 37.46
CA CYS D 303 56.12 34.29 38.07
C CYS D 303 56.02 32.79 38.23
N ASP D 304 55.28 32.36 39.25
CA ASP D 304 55.06 30.94 39.49
C ASP D 304 53.67 30.59 39.00
N PRO D 305 53.52 29.83 37.90
CA PRO D 305 52.17 29.51 37.43
C PRO D 305 51.34 28.77 38.46
N ARG D 306 51.97 28.01 39.37
CA ARG D 306 51.24 27.33 40.42
C ARG D 306 50.79 28.26 41.53
N HIS D 307 51.00 29.56 41.39
CA HIS D 307 50.36 30.55 42.25
C HIS D 307 49.09 31.13 41.63
N GLY D 308 48.74 30.68 40.42
CA GLY D 308 47.52 31.10 39.77
C GLY D 308 46.97 30.01 38.86
N ARG D 309 46.19 30.38 37.86
CA ARG D 309 45.56 29.44 36.95
C ARG D 309 45.75 29.86 35.51
N TYR D 310 45.94 28.88 34.64
CA TYR D 310 46.08 29.15 33.22
C TYR D 310 44.71 29.43 32.61
N LEU D 311 44.61 30.54 31.89
CA LEU D 311 43.43 30.77 31.04
C LEU D 311 43.59 30.03 29.71
N THR D 312 44.77 30.12 29.12
CA THR D 312 45.07 29.44 27.87
C THR D 312 46.56 29.18 27.82
N VAL D 313 46.96 28.16 27.06
CA VAL D 313 48.35 27.78 26.95
C VAL D 313 48.61 27.27 25.53
N ALA D 314 49.79 27.59 25.00
CA ALA D 314 50.23 27.13 23.70
C ALA D 314 51.65 26.60 23.83
N ALA D 315 51.85 25.34 23.46
CA ALA D 315 53.16 24.70 23.52
C ALA D 315 53.58 24.30 22.12
N ILE D 316 54.80 24.66 21.73
CA ILE D 316 55.35 24.33 20.41
C ILE D 316 56.54 23.41 20.59
N PHE D 317 56.42 22.18 20.10
CA PHE D 317 57.49 21.20 20.17
C PHE D 317 58.27 21.22 18.86
N ARG D 318 59.59 21.25 18.95
CA ARG D 318 60.45 21.37 17.80
C ARG D 318 61.42 20.20 17.74
N GLY D 319 61.77 19.80 16.51
CA GLY D 319 62.59 18.64 16.29
C GLY D 319 61.77 17.44 15.85
N ARG D 320 62.46 16.45 15.30
CA ARG D 320 61.81 15.24 14.83
C ARG D 320 61.60 14.32 16.03
N MET D 321 60.34 14.01 16.33
CA MET D 321 60.00 13.28 17.54
C MET D 321 58.70 12.52 17.32
N SER D 322 58.44 11.58 18.22
CA SER D 322 57.21 10.78 18.17
C SER D 322 56.01 11.68 18.43
N MET D 323 55.15 11.84 17.43
CA MET D 323 53.95 12.65 17.61
C MET D 323 53.07 12.10 18.72
N LYS D 324 52.85 10.78 18.72
CA LYS D 324 51.99 10.19 19.75
C LYS D 324 52.58 10.40 21.14
N GLU D 325 53.91 10.34 21.25
CA GLU D 325 54.53 10.61 22.54
C GLU D 325 54.23 12.02 23.02
N VAL D 326 54.19 12.99 22.10
CA VAL D 326 53.89 14.37 22.48
C VAL D 326 52.44 14.48 22.97
N ASP D 327 51.50 13.91 22.22
CA ASP D 327 50.09 14.01 22.61
C ASP D 327 49.84 13.35 23.95
N GLU D 328 50.47 12.21 24.20
CA GLU D 328 50.26 11.50 25.46
C GLU D 328 50.79 12.32 26.63
N GLN D 329 51.94 12.99 26.45
CA GLN D 329 52.54 13.71 27.56
C GLN D 329 51.80 15.01 27.87
N MET D 330 51.31 15.70 26.84
CA MET D 330 50.49 16.89 27.11
C MET D 330 49.21 16.52 27.83
N LEU D 331 48.65 15.34 27.55
CA LEU D 331 47.54 14.84 28.35
C LEU D 331 47.97 14.57 29.78
N ASN D 332 49.11 13.89 29.94
CA ASN D 332 49.58 13.55 31.28
C ASN D 332 49.86 14.80 32.11
N VAL D 333 50.47 15.82 31.50
CA VAL D 333 50.79 17.02 32.25
C VAL D 333 49.51 17.80 32.59
N GLN D 334 48.51 17.77 31.69
CA GLN D 334 47.31 18.55 31.92
C GLN D 334 46.50 18.00 33.09
N ASN D 335 46.22 16.68 33.09
CA ASN D 335 45.40 16.12 34.16
C ASN D 335 46.18 16.02 35.47
N LYS D 336 47.50 15.95 35.42
CA LYS D 336 48.30 16.02 36.65
C LYS D 336 48.43 17.44 37.19
N ASN D 337 48.04 18.45 36.41
CA ASN D 337 48.02 19.83 36.86
C ASN D 337 46.64 20.44 36.67
N SER D 338 45.59 19.61 36.78
CA SER D 338 44.25 20.05 36.43
C SER D 338 43.85 21.32 37.16
N SER D 339 44.32 21.51 38.39
CA SER D 339 43.87 22.65 39.18
C SER D 339 44.34 23.97 38.58
N TYR D 340 45.50 23.97 37.92
CA TYR D 340 46.11 25.19 37.42
C TYR D 340 45.63 25.56 36.02
N PHE D 341 44.56 24.93 35.55
CA PHE D 341 43.90 25.31 34.31
C PHE D 341 42.46 25.66 34.63
N VAL D 342 42.00 26.83 34.18
CA VAL D 342 40.62 27.22 34.43
C VAL D 342 39.69 26.18 33.84
N GLU D 343 38.72 25.74 34.62
CA GLU D 343 37.78 24.72 34.18
C GLU D 343 36.72 25.26 33.22
N TRP D 344 36.56 26.58 33.12
CA TRP D 344 35.51 27.18 32.31
C TRP D 344 35.99 27.57 30.92
N ILE D 345 37.17 27.11 30.52
CA ILE D 345 37.61 27.18 29.12
C ILE D 345 37.99 25.77 28.71
N PRO D 346 37.09 25.02 28.07
CA PRO D 346 37.42 23.64 27.69
C PRO D 346 38.55 23.62 26.68
N ASN D 347 39.41 22.61 26.80
CA ASN D 347 40.47 22.34 25.84
C ASN D 347 41.29 23.60 25.57
N ASN D 348 41.85 24.15 26.63
CA ASN D 348 42.55 25.43 26.58
C ASN D 348 44.06 25.29 26.42
N VAL D 349 44.56 24.10 26.13
CA VAL D 349 45.99 23.84 25.94
C VAL D 349 46.16 23.17 24.58
N LYS D 350 46.60 23.94 23.58
CA LYS D 350 46.86 23.40 22.25
C LYS D 350 48.36 23.21 22.04
N THR D 351 48.69 22.27 21.16
CA THR D 351 50.08 21.91 20.90
C THR D 351 50.31 21.91 19.40
N ALA D 352 51.37 22.58 18.98
CA ALA D 352 51.87 22.52 17.62
C ALA D 352 53.24 21.88 17.63
N VAL D 353 53.58 21.20 16.53
CA VAL D 353 54.84 20.48 16.42
C VAL D 353 55.48 20.85 15.09
N CYS D 354 56.79 21.12 15.14
CA CYS D 354 57.55 21.49 13.95
C CYS D 354 58.77 20.60 13.82
N ASP D 355 58.99 20.07 12.61
CA ASP D 355 60.09 19.13 12.39
C ASP D 355 61.45 19.81 12.59
N ILE D 356 61.58 21.04 12.11
CA ILE D 356 62.87 21.74 12.13
C ILE D 356 63.23 22.13 13.56
N PRO D 357 64.31 21.60 14.13
CA PRO D 357 64.72 22.02 15.47
C PRO D 357 65.56 23.28 15.41
N PRO D 358 65.80 23.93 16.54
CA PRO D 358 66.68 25.09 16.56
C PRO D 358 68.15 24.70 16.54
N ARG D 359 68.97 25.70 16.23
CA ARG D 359 70.41 25.49 16.10
C ARG D 359 71.00 25.00 17.43
N GLY D 360 71.73 23.89 17.37
CA GLY D 360 72.39 23.35 18.53
C GLY D 360 71.53 22.46 19.41
N LEU D 361 70.32 22.10 18.96
CA LEU D 361 69.44 21.25 19.74
C LEU D 361 68.73 20.28 18.82
N LYS D 362 68.56 19.05 19.30
CA LYS D 362 67.75 18.07 18.57
C LYS D 362 66.27 18.28 18.82
N MET D 363 65.91 18.78 20.00
CA MET D 363 64.51 19.03 20.35
C MET D 363 64.43 20.28 21.21
N SER D 364 63.34 21.02 21.03
CA SER D 364 63.08 22.24 21.78
C SER D 364 61.59 22.31 22.10
N ALA D 365 61.28 23.02 23.19
CA ALA D 365 59.90 23.26 23.60
C ALA D 365 59.77 24.71 23.99
N THR D 366 58.85 25.42 23.33
CA THR D 366 58.58 26.82 23.61
C THR D 366 57.16 26.94 24.18
N PHE D 367 57.04 27.70 25.27
CA PHE D 367 55.82 27.78 26.06
C PHE D 367 55.27 29.20 25.98
N ILE D 368 53.96 29.30 25.74
CA ILE D 368 53.26 30.59 25.74
C ILE D 368 52.03 30.42 26.62
N GLY D 369 52.07 30.97 27.83
CA GLY D 369 50.97 30.82 28.75
C GLY D 369 50.34 32.14 29.13
N ASN D 370 49.01 32.19 29.10
CA ASN D 370 48.24 33.32 29.62
C ASN D 370 47.74 32.92 30.99
N SER D 371 48.57 33.15 32.01
CA SER D 371 48.31 32.74 33.37
C SER D 371 47.95 33.95 34.23
N THR D 372 47.07 33.74 35.21
CA THR D 372 46.74 34.78 36.17
C THR D 372 47.89 35.04 37.13
N ALA D 373 48.87 34.15 37.20
CA ALA D 373 50.04 34.38 38.05
C ALA D 373 50.88 35.55 37.55
N ILE D 374 50.69 35.97 36.30
CA ILE D 374 51.42 37.10 35.73
C ILE D 374 51.21 38.32 36.62
N GLN D 375 50.13 38.32 37.40
CA GLN D 375 49.91 39.43 38.31
C GLN D 375 51.11 39.64 39.24
N GLU D 376 51.83 38.56 39.56
CA GLU D 376 53.00 38.69 40.40
C GLU D 376 53.97 39.71 39.84
N LEU D 377 54.20 39.68 38.53
CA LEU D 377 55.03 40.68 37.87
C LEU D 377 54.51 42.09 38.13
N PHE D 378 53.26 42.35 37.75
CA PHE D 378 52.71 43.68 37.87
C PHE D 378 52.69 44.16 39.33
N LYS D 379 52.49 43.25 40.28
CA LYS D 379 52.57 43.63 41.69
C LYS D 379 53.99 44.08 42.04
N ARG D 380 54.99 43.40 41.50
CA ARG D 380 56.37 43.79 41.75
C ARG D 380 56.64 45.20 41.27
N ILE D 381 56.16 45.54 40.07
CA ILE D 381 56.36 46.88 39.54
C ILE D 381 55.51 47.88 40.30
N SER D 382 54.26 47.52 40.63
CA SER D 382 53.41 48.44 41.36
C SER D 382 53.99 48.76 42.73
N GLU D 383 54.63 47.77 43.37
CA GLU D 383 55.29 48.01 44.64
C GLU D 383 56.43 49.01 44.47
N GLN D 384 57.27 48.80 43.46
CA GLN D 384 58.36 49.73 43.19
C GLN D 384 57.82 51.10 42.78
N PHE D 385 56.78 51.13 41.94
CA PHE D 385 56.21 52.40 41.50
C PHE D 385 55.69 53.20 42.68
N THR D 386 54.90 52.56 43.55
CA THR D 386 54.31 53.27 44.68
C THR D 386 55.38 53.77 45.65
N ALA D 387 56.50 53.07 45.73
CA ALA D 387 57.57 53.50 46.63
C ALA D 387 58.11 54.86 46.23
N MET D 388 58.36 55.06 44.94
CA MET D 388 58.88 56.35 44.47
C MET D 388 57.78 57.38 44.34
N PHE D 389 56.57 56.96 43.94
CA PHE D 389 55.48 57.91 43.72
C PHE D 389 54.89 58.42 45.02
N ARG D 390 55.02 57.69 46.12
CA ARG D 390 54.52 58.18 47.39
C ARG D 390 55.23 59.46 47.81
N ARG D 391 56.50 59.60 47.41
CA ARG D 391 57.32 60.76 47.74
C ARG D 391 57.59 61.65 46.52
N LYS D 392 56.96 61.36 45.39
CA LYS D 392 57.15 62.15 44.17
C LYS D 392 58.61 62.17 43.73
N ALA D 393 59.35 61.11 44.03
CA ALA D 393 60.76 61.05 43.69
C ALA D 393 60.97 61.18 42.19
N PHE D 394 61.88 62.07 41.79
CA PHE D 394 62.23 62.31 40.38
C PHE D 394 61.00 62.61 39.53
N LEU D 395 59.89 63.02 40.16
CA LEU D 395 58.69 63.29 39.39
C LEU D 395 58.87 64.51 38.49
N HIS D 396 59.68 65.48 38.91
CA HIS D 396 59.89 66.68 38.11
C HIS D 396 60.47 66.35 36.73
N TRP D 397 61.13 65.19 36.59
CA TRP D 397 61.63 64.79 35.28
C TRP D 397 60.53 64.77 34.24
N TYR D 398 59.36 64.26 34.61
CA TYR D 398 58.26 64.10 33.67
C TYR D 398 57.36 65.33 33.61
N THR D 399 57.18 66.03 34.73
CA THR D 399 56.40 67.26 34.71
C THR D 399 57.04 68.31 33.82
N GLY D 400 58.37 68.37 33.83
CA GLY D 400 59.07 69.34 33.00
C GLY D 400 58.81 69.14 31.53
N GLU D 401 58.48 67.93 31.11
CA GLU D 401 58.17 67.64 29.72
C GLU D 401 56.70 67.89 29.38
N GLY D 402 55.89 68.30 30.35
CA GLY D 402 54.50 68.64 30.11
C GLY D 402 53.49 67.66 30.67
N MET D 403 53.89 66.73 31.52
CA MET D 403 52.98 65.73 32.05
C MET D 403 52.34 66.21 33.35
N ASP D 404 51.26 65.53 33.72
CA ASP D 404 50.51 65.81 34.92
C ASP D 404 50.66 64.65 35.90
N GLU D 405 50.68 64.96 37.19
CA GLU D 405 50.72 63.91 38.20
C GLU D 405 49.49 63.00 38.12
N MET D 406 48.39 63.50 37.57
CA MET D 406 47.19 62.68 37.44
C MET D 406 47.43 61.52 36.47
N GLU D 407 48.14 61.78 35.37
CA GLU D 407 48.44 60.71 34.43
C GLU D 407 49.26 59.60 35.07
N PHE D 408 50.06 59.93 36.08
CA PHE D 408 50.79 58.89 36.81
C PHE D 408 49.82 58.01 37.61
N THR D 409 48.84 58.63 38.28
CA THR D 409 47.90 57.85 39.07
C THR D 409 46.98 57.03 38.16
N GLU D 410 46.63 57.57 36.98
CA GLU D 410 45.82 56.83 36.04
C GLU D 410 46.53 55.57 35.56
N ALA D 411 47.81 55.69 35.22
CA ALA D 411 48.57 54.51 34.82
C ALA D 411 48.74 53.54 35.98
N GLU D 412 48.96 54.06 37.19
CA GLU D 412 49.06 53.20 38.36
C GLU D 412 47.77 52.45 38.60
N SER D 413 46.65 53.16 38.65
CA SER D 413 45.38 52.53 38.99
C SER D 413 44.95 51.54 37.91
N ASN D 414 45.24 51.83 36.64
CA ASN D 414 44.87 50.90 35.58
C ASN D 414 45.63 49.59 35.72
N MET D 415 46.93 49.66 36.04
CA MET D 415 47.70 48.45 36.25
C MET D 415 47.21 47.71 37.49
N ASN D 416 46.85 48.45 38.54
CA ASN D 416 46.26 47.82 39.72
C ASN D 416 44.94 47.15 39.37
N ASP D 417 44.15 47.77 38.48
CA ASP D 417 42.92 47.13 38.02
C ASP D 417 43.22 45.86 37.27
N LEU D 418 44.25 45.87 36.41
CA LEU D 418 44.61 44.68 35.66
C LEU D 418 44.95 43.53 36.58
N VAL D 419 45.63 43.81 37.69
CA VAL D 419 45.91 42.77 38.68
C VAL D 419 44.61 42.21 39.25
N SER D 420 43.64 43.09 39.54
CA SER D 420 42.37 42.63 40.08
C SER D 420 41.67 41.70 39.09
N GLU D 421 41.61 42.11 37.83
CA GLU D 421 40.94 41.28 36.81
C GLU D 421 41.58 39.91 36.71
N TYR D 422 42.92 39.85 36.70
CA TYR D 422 43.60 38.56 36.70
C TYR D 422 43.18 37.75 37.92
N GLN D 423 43.10 38.38 39.10
CA GLN D 423 42.66 37.66 40.29
C GLN D 423 41.19 37.27 40.19
N GLN D 424 40.39 38.08 39.50
CA GLN D 424 38.97 37.77 39.37
C GLN D 424 38.75 36.43 38.67
N TYR D 425 39.39 36.24 37.51
CA TYR D 425 39.22 34.99 36.76
C TYR D 425 40.05 33.85 37.34
N GLN D 426 41.03 34.16 38.19
CA GLN D 426 41.74 33.10 38.90
C GLN D 426 40.83 32.42 39.92
N ASP D 427 39.93 33.18 40.54
CA ASP D 427 39.01 32.67 41.53
C ASP D 427 37.69 32.19 40.95
N ALA D 428 37.43 32.45 39.67
CA ALA D 428 36.16 32.10 39.07
C ALA D 428 35.99 30.59 39.02
N THR D 429 34.74 30.15 39.16
CA THR D 429 34.37 28.75 39.18
C THR D 429 33.41 28.45 38.04
N ALA D 430 33.40 27.18 37.60
CA ALA D 430 32.50 26.78 36.53
C ALA D 430 31.04 26.95 36.94
N ASP D 431 30.70 26.51 38.14
CA ASP D 431 29.33 26.64 38.64
C ASP D 431 29.32 27.26 40.03
N MET E 4 -65.93 -40.70 -22.59
CA MET E 4 -64.67 -41.25 -23.07
C MET E 4 -64.73 -41.39 -24.60
N GLU E 5 -65.44 -40.48 -25.24
CA GLU E 5 -65.68 -40.52 -26.68
C GLU E 5 -64.70 -39.61 -27.40
N VAL E 6 -64.51 -39.88 -28.70
CA VAL E 6 -63.64 -39.09 -29.56
C VAL E 6 -64.51 -38.12 -30.34
N ILE E 7 -64.25 -36.83 -30.18
CA ILE E 7 -65.00 -35.77 -30.84
C ILE E 7 -64.04 -34.90 -31.65
N GLU E 8 -64.62 -34.05 -32.49
CA GLU E 8 -63.86 -33.03 -33.23
C GLU E 8 -62.68 -33.65 -33.97
N LEU E 9 -62.93 -34.80 -34.62
CA LEU E 9 -61.91 -35.43 -35.45
C LEU E 9 -61.83 -34.76 -36.81
N ASN E 10 -60.63 -34.39 -37.22
CA ASN E 10 -60.40 -33.76 -38.51
C ASN E 10 -59.19 -34.41 -39.16
N LYS E 11 -59.29 -34.70 -40.46
CA LYS E 11 -58.27 -35.46 -41.15
C LYS E 11 -57.81 -34.73 -42.40
N CYS E 12 -56.51 -34.82 -42.66
CA CYS E 12 -55.91 -34.33 -43.89
C CYS E 12 -54.74 -35.24 -44.21
N THR E 13 -54.21 -35.10 -45.44
CA THR E 13 -53.11 -35.97 -45.84
C THR E 13 -51.85 -35.72 -45.02
N SER E 14 -51.71 -34.54 -44.43
CA SER E 14 -50.57 -34.27 -43.56
C SER E 14 -50.75 -34.90 -42.18
N GLY E 15 -51.99 -35.02 -41.70
CA GLY E 15 -52.23 -35.57 -40.39
C GLY E 15 -53.70 -35.47 -40.01
N GLN E 16 -53.97 -35.65 -38.73
CA GLN E 16 -55.32 -35.54 -38.20
C GLN E 16 -55.24 -35.12 -36.74
N SER E 17 -56.36 -34.61 -36.22
CA SER E 17 -56.44 -34.12 -34.86
C SER E 17 -57.81 -34.44 -34.28
N PHE E 18 -57.90 -34.46 -32.96
CA PHE E 18 -59.14 -34.80 -32.27
C PHE E 18 -58.98 -34.46 -30.79
N GLU E 19 -60.04 -34.73 -30.03
CA GLU E 19 -60.06 -34.51 -28.59
C GLU E 19 -60.60 -35.76 -27.91
N VAL E 20 -60.17 -35.96 -26.66
CA VAL E 20 -60.54 -37.13 -25.87
C VAL E 20 -60.93 -36.65 -24.48
N ILE E 21 -62.23 -36.64 -24.18
CA ILE E 21 -62.74 -36.23 -22.87
C ILE E 21 -62.90 -37.48 -22.01
N LEU E 22 -62.02 -37.63 -21.02
CA LEU E 22 -62.15 -38.73 -20.07
C LEU E 22 -63.26 -38.47 -19.06
N LYS E 23 -63.44 -37.22 -18.65
CA LYS E 23 -64.50 -36.84 -17.73
C LYS E 23 -64.98 -35.44 -18.07
N PRO E 24 -66.24 -35.13 -17.84
CA PRO E 24 -66.68 -33.72 -17.88
C PRO E 24 -66.30 -33.01 -16.59
N PRO E 25 -66.62 -31.72 -16.48
CA PRO E 25 -66.29 -30.98 -15.25
C PRO E 25 -67.38 -31.06 -14.18
N SER E 26 -67.19 -30.34 -13.09
CA SER E 26 -68.17 -30.29 -12.01
C SER E 26 -69.13 -29.12 -12.21
N ASP E 42 -52.90 -1.91 -20.98
CA ASP E 42 -51.53 -1.83 -21.48
C ASP E 42 -51.12 -0.37 -21.71
N PRO E 43 -49.90 -0.01 -21.30
CA PRO E 43 -49.48 1.40 -21.45
C PRO E 43 -49.40 1.82 -22.91
N SER E 44 -49.71 3.10 -23.13
CA SER E 44 -49.59 3.68 -24.47
C SER E 44 -48.12 3.97 -24.78
N LEU E 45 -47.86 4.51 -25.96
CA LEU E 45 -46.50 4.86 -26.33
C LEU E 45 -45.94 5.93 -25.38
N GLU E 46 -46.63 7.06 -25.27
CA GLU E 46 -46.09 8.15 -24.47
C GLU E 46 -45.86 7.71 -23.02
N GLU E 47 -46.78 6.92 -22.47
CA GLU E 47 -46.56 6.37 -21.13
C GLU E 47 -45.27 5.56 -21.08
N ILE E 48 -44.95 4.85 -22.17
CA ILE E 48 -43.71 4.09 -22.21
C ILE E 48 -42.51 5.02 -22.23
N GLN E 49 -42.55 6.05 -23.07
CA GLN E 49 -41.36 6.91 -23.21
C GLN E 49 -41.14 7.76 -21.97
N LYS E 50 -42.21 8.19 -21.29
CA LYS E 50 -42.02 8.92 -20.03
C LYS E 50 -41.27 8.05 -19.02
N LYS E 51 -41.58 6.75 -18.97
CA LYS E 51 -40.82 5.87 -18.09
C LYS E 51 -39.37 5.77 -18.53
N LEU E 52 -39.13 5.73 -19.85
CA LEU E 52 -37.76 5.70 -20.35
C LEU E 52 -37.07 7.05 -20.17
N GLU E 53 -37.83 8.14 -20.24
CA GLU E 53 -37.24 9.47 -20.03
C GLU E 53 -36.95 9.72 -18.56
N ALA E 54 -37.83 9.26 -17.67
CA ALA E 54 -37.57 9.37 -16.24
C ALA E 54 -36.29 8.63 -15.86
N ALA E 55 -36.04 7.49 -16.51
CA ALA E 55 -34.81 6.75 -16.25
C ALA E 55 -33.59 7.48 -16.80
N GLU E 56 -33.74 8.13 -17.95
CA GLU E 56 -32.62 8.88 -18.52
C GLU E 56 -32.28 10.09 -17.66
N GLU E 57 -33.29 10.80 -17.15
CA GLU E 57 -33.02 11.93 -16.27
C GLU E 57 -32.27 11.49 -15.02
N ARG E 58 -32.64 10.32 -14.47
CA ARG E 58 -31.96 9.83 -13.28
C ARG E 58 -30.50 9.56 -13.56
N ARG E 59 -30.19 8.95 -14.71
CA ARG E 59 -28.79 8.73 -15.07
C ARG E 59 -28.05 10.06 -15.23
N LYS E 60 -28.69 11.03 -15.89
CA LYS E 60 -28.03 12.31 -16.13
C LYS E 60 -27.76 13.04 -14.82
N TYR E 61 -28.73 13.04 -13.90
CA TYR E 61 -28.50 13.67 -12.61
C TYR E 61 -27.36 13.00 -11.86
N GLN E 62 -27.31 11.66 -11.91
CA GLN E 62 -26.21 10.94 -11.27
C GLN E 62 -24.87 11.33 -11.88
N GLU E 63 -24.80 11.43 -13.20
CA GLU E 63 -23.55 11.80 -13.85
C GLU E 63 -23.18 13.24 -13.57
N ALA E 64 -24.18 14.12 -13.45
CA ALA E 64 -23.90 15.51 -13.11
C ALA E 64 -23.26 15.62 -11.74
N GLU E 65 -23.76 14.87 -10.76
CA GLU E 65 -23.18 14.92 -9.42
C GLU E 65 -21.75 14.41 -9.44
N LEU E 66 -21.46 13.39 -10.25
CA LEU E 66 -20.08 12.91 -10.37
C LEU E 66 -19.17 14.00 -10.91
N LEU E 67 -19.53 14.59 -12.04
CA LEU E 67 -18.68 15.61 -12.65
C LEU E 67 -18.58 16.83 -11.75
N LYS E 68 -19.67 17.17 -11.04
CA LYS E 68 -19.60 18.26 -10.07
C LYS E 68 -18.58 17.94 -8.98
N HIS E 69 -18.64 16.74 -8.41
CA HIS E 69 -17.65 16.36 -7.41
C HIS E 69 -16.25 16.30 -8.00
N LEU E 70 -16.13 15.79 -9.23
CA LEU E 70 -14.82 15.80 -9.87
C LEU E 70 -14.34 17.21 -10.16
N ALA E 71 -15.26 18.13 -10.47
CA ALA E 71 -14.86 19.52 -10.66
C ALA E 71 -14.34 20.13 -9.37
N GLU E 72 -14.99 19.83 -8.24
CA GLU E 72 -14.47 20.28 -6.96
C GLU E 72 -13.09 19.71 -6.69
N LYS E 73 -12.85 18.46 -7.11
CA LYS E 73 -11.52 17.88 -6.98
C LYS E 73 -10.49 18.69 -7.77
N ARG E 74 -10.82 19.03 -9.02
CA ARG E 74 -9.94 19.89 -9.80
C ARG E 74 -9.62 21.17 -9.05
N GLU E 75 -10.65 21.79 -8.47
CA GLU E 75 -10.46 23.03 -7.73
C GLU E 75 -9.51 22.82 -6.55
N HIS E 76 -9.61 21.67 -5.87
CA HIS E 76 -8.71 21.39 -4.77
C HIS E 76 -7.30 21.09 -5.26
N GLU E 77 -7.18 20.28 -6.31
CA GLU E 77 -5.86 19.96 -6.86
C GLU E 77 -5.08 21.22 -7.18
N ARG E 78 -5.77 22.31 -7.45
CA ARG E 78 -5.13 23.55 -7.85
C ARG E 78 -4.86 24.48 -6.68
N GLU E 79 -5.71 24.45 -5.65
CA GLU E 79 -5.39 25.13 -4.40
C GLU E 79 -4.11 24.57 -3.80
N VAL E 80 -3.83 23.29 -4.04
CA VAL E 80 -2.65 22.65 -3.46
C VAL E 80 -1.38 23.22 -4.08
N ILE E 81 -1.31 23.24 -5.41
CA ILE E 81 -0.10 23.74 -6.07
C ILE E 81 0.09 25.22 -5.81
N GLN E 82 -1.00 25.99 -5.81
CA GLN E 82 -0.88 27.41 -5.52
C GLN E 82 -0.40 27.64 -4.10
N LYS E 83 -0.80 26.77 -3.16
CA LYS E 83 -0.29 26.89 -1.80
C LYS E 83 1.17 26.49 -1.72
N ALA E 84 1.54 25.43 -2.43
CA ALA E 84 2.94 25.02 -2.46
C ALA E 84 3.83 26.14 -2.98
N ILE E 85 3.37 26.86 -4.00
CA ILE E 85 4.11 28.02 -4.49
C ILE E 85 4.26 29.04 -3.37
N GLU E 86 3.18 29.31 -2.64
CA GLU E 86 3.24 30.30 -1.56
C GLU E 86 4.21 29.86 -0.46
N GLU E 87 4.27 28.55 -0.19
CA GLU E 87 5.25 28.05 0.76
C GLU E 87 6.65 28.47 0.37
N ASN E 88 7.04 28.17 -0.88
CA ASN E 88 8.37 28.51 -1.35
C ASN E 88 8.56 30.03 -1.42
N ASN E 89 7.50 30.76 -1.80
CA ASN E 89 7.62 32.21 -1.94
C ASN E 89 7.91 32.87 -0.60
N ASN E 90 7.22 32.45 0.46
CA ASN E 90 7.45 33.06 1.77
C ASN E 90 8.76 32.59 2.38
N PHE E 91 9.19 31.38 2.08
CA PHE E 91 10.50 30.93 2.52
C PHE E 91 11.60 31.87 2.03
N ILE E 92 11.49 32.33 0.79
CA ILE E 92 12.50 33.23 0.24
C ILE E 92 12.49 34.56 0.96
N LYS E 93 11.31 35.06 1.34
CA LYS E 93 11.22 36.39 1.90
C LYS E 93 11.53 36.43 3.39
N MET E 94 11.23 35.36 4.12
CA MET E 94 11.71 35.29 5.50
C MET E 94 13.22 35.14 5.55
N ALA E 95 13.83 34.65 4.47
CA ALA E 95 15.27 34.56 4.38
C ALA E 95 15.88 35.86 3.86
N LYS E 96 15.24 36.48 2.86
CA LYS E 96 15.76 37.74 2.34
C LYS E 96 15.68 38.84 3.39
N GLU E 97 14.59 38.86 4.17
CA GLU E 97 14.42 39.92 5.16
C GLU E 97 15.27 39.70 6.39
N LYS E 98 15.34 38.46 6.89
CA LYS E 98 16.16 38.19 8.06
C LYS E 98 17.63 38.46 7.78
N LEU E 99 18.11 38.02 6.62
CA LEU E 99 19.49 38.32 6.25
C LEU E 99 19.69 39.82 6.03
N ALA E 100 18.64 40.54 5.67
CA ALA E 100 18.76 41.97 5.41
C ALA E 100 19.08 42.74 6.68
N GLN E 101 18.35 42.46 7.76
CA GLN E 101 18.58 43.19 9.01
C GLN E 101 19.85 42.72 9.71
N LYS E 102 20.18 41.42 9.61
CA LYS E 102 21.42 40.95 10.22
C LYS E 102 22.62 41.67 9.65
N MET E 103 22.59 42.00 8.36
CA MET E 103 23.66 42.80 7.77
C MET E 103 23.51 44.27 8.08
N GLU E 104 22.28 44.76 8.26
CA GLU E 104 22.07 46.14 8.68
C GLU E 104 22.59 46.35 10.10
N SER E 105 22.11 45.55 11.05
CA SER E 105 22.53 45.71 12.44
C SER E 105 24.02 45.47 12.60
N ASN E 106 24.61 44.62 11.75
CA ASN E 106 26.05 44.40 11.83
C ASN E 106 26.82 45.60 11.27
N LYS E 107 26.27 46.25 10.24
CA LYS E 107 26.90 47.47 9.73
C LYS E 107 26.92 48.55 10.80
N GLU E 108 25.74 48.83 11.38
CA GLU E 108 25.66 49.82 12.44
C GLU E 108 26.63 49.49 13.57
N ASN E 109 26.65 48.24 14.02
CA ASN E 109 27.43 47.88 15.19
C ASN E 109 28.93 48.10 14.94
N ARG E 110 29.43 47.72 13.76
CA ARG E 110 30.85 47.95 13.50
C ARG E 110 31.13 49.41 13.18
N GLU E 111 30.14 50.14 12.64
CA GLU E 111 30.29 51.58 12.48
C GLU E 111 30.41 52.27 13.84
N ALA E 112 29.60 51.86 14.81
CA ALA E 112 29.73 52.40 16.15
C ALA E 112 31.05 52.02 16.77
N HIS E 113 31.48 50.76 16.58
CA HIS E 113 32.75 50.31 17.13
C HIS E 113 33.94 50.97 16.45
N LEU E 114 33.72 51.59 15.29
CA LEU E 114 34.75 52.39 14.62
C LEU E 114 34.56 53.88 14.88
N ALA E 115 33.33 54.34 15.10
CA ALA E 115 33.11 55.72 15.50
C ALA E 115 33.59 55.98 16.92
N ALA E 116 33.58 54.94 17.77
CA ALA E 116 34.14 55.08 19.10
C ALA E 116 35.66 55.16 19.07
N MET E 117 36.28 54.53 18.07
CA MET E 117 37.73 54.61 17.92
C MET E 117 38.16 55.91 17.25
N LEU E 118 37.25 56.60 16.56
CA LEU E 118 37.53 57.95 16.09
C LEU E 118 37.45 58.97 17.22
N GLU E 119 36.80 58.62 18.32
CA GLU E 119 36.75 59.49 19.50
C GLU E 119 37.91 59.25 20.44
N ARG E 120 38.47 58.04 20.48
CA ARG E 120 39.64 57.79 21.30
C ARG E 120 40.91 58.37 20.67
N LEU E 121 41.03 58.27 19.34
CA LEU E 121 42.12 58.95 18.66
C LEU E 121 42.02 60.45 18.84
N GLN E 122 40.79 60.97 18.87
CA GLN E 122 40.59 62.41 19.06
C GLN E 122 41.04 62.84 20.45
N GLU E 123 40.63 62.09 21.48
CA GLU E 123 41.03 62.45 22.84
C GLU E 123 42.51 62.20 23.07
N LYS E 124 43.05 61.13 22.52
CA LYS E 124 44.47 60.84 22.68
C LYS E 124 45.32 61.93 22.05
N ASP E 125 44.96 62.35 20.83
CA ASP E 125 45.67 63.46 20.20
C ASP E 125 45.47 64.75 20.98
N LYS E 126 44.25 65.01 21.45
CA LYS E 126 43.99 66.24 22.20
C LYS E 126 44.82 66.30 23.47
N HIS E 127 44.94 65.18 24.18
CA HIS E 127 45.73 65.17 25.41
C HIS E 127 47.22 65.33 25.13
N ALA E 128 47.69 64.78 24.01
CA ALA E 128 49.10 64.96 23.65
C ALA E 128 49.41 66.43 23.42
N GLU E 129 48.47 67.16 22.80
CA GLU E 129 48.67 68.58 22.54
C GLU E 129 48.62 69.39 23.83
N GLU E 130 47.75 69.00 24.77
CA GLU E 130 47.73 69.66 26.07
C GLU E 130 49.07 69.49 26.78
N VAL E 131 49.66 68.30 26.68
CA VAL E 131 50.97 68.06 27.29
C VAL E 131 52.01 68.98 26.66
N ARG E 132 52.08 69.01 25.33
CA ARG E 132 53.07 69.84 24.67
C ARG E 132 52.83 71.31 24.95
N LYS E 133 51.58 71.72 25.20
CA LYS E 133 51.35 73.10 25.63
C LYS E 133 51.90 73.32 27.04
N ASN E 134 51.68 72.39 27.96
CA ASN E 134 52.15 72.59 29.32
C ASN E 134 53.67 72.75 29.35
N LYS E 135 54.40 71.94 28.56
CA LYS E 135 55.83 72.17 28.43
C LYS E 135 56.11 73.60 27.99
N GLU E 136 55.39 74.07 26.97
CA GLU E 136 55.59 75.42 26.48
C GLU E 136 55.44 76.45 27.60
N LEU E 137 54.32 76.42 28.33
CA LEU E 137 54.09 77.41 29.37
C LEU E 137 55.09 77.28 30.53
N LYS E 138 55.79 76.16 30.64
CA LYS E 138 56.78 75.97 31.70
C LYS E 138 58.15 76.55 31.33
N GLU E 139 58.40 76.80 30.05
CA GLU E 139 59.68 77.38 29.63
C GLU E 139 59.80 78.87 29.92
N GLU E 140 58.72 79.51 30.36
CA GLU E 140 58.71 80.94 30.58
C GLU E 140 59.47 81.30 31.85
N ALA E 141 60.79 81.51 31.73
CA ALA E 141 61.62 81.84 32.87
C ALA E 141 62.12 83.29 32.76
N MET F 1 -17.04 -35.77 3.67
CA MET F 1 -18.23 -36.12 4.50
C MET F 1 -19.50 -35.54 3.88
N TYR F 2 -20.62 -35.65 4.60
CA TYR F 2 -21.91 -35.17 4.16
C TYR F 2 -22.34 -33.99 5.02
N THR F 3 -23.41 -33.32 4.57
CA THR F 3 -23.94 -32.15 5.25
C THR F 3 -25.45 -32.28 5.36
N PHE F 4 -26.03 -31.67 6.40
CA PHE F 4 -27.47 -31.73 6.60
C PHE F 4 -27.93 -30.44 7.28
N VAL F 5 -29.26 -30.29 7.34
CA VAL F 5 -29.90 -29.11 7.90
C VAL F 5 -31.04 -29.56 8.79
N VAL F 6 -31.35 -28.74 9.80
CA VAL F 6 -32.45 -28.99 10.72
C VAL F 6 -33.39 -27.79 10.65
N ARG F 7 -34.66 -28.06 10.32
CA ARG F 7 -35.67 -27.01 10.21
C ARG F 7 -36.89 -27.27 11.07
N ASP F 8 -36.95 -28.40 11.78
CA ASP F 8 -37.97 -28.66 12.78
C ASP F 8 -37.26 -28.71 14.13
N GLU F 9 -37.06 -27.53 14.71
CA GLU F 9 -36.28 -27.43 15.95
C GLU F 9 -37.02 -28.03 17.15
N ASN F 10 -38.34 -28.21 17.05
CA ASN F 10 -39.13 -28.81 18.12
C ASN F 10 -39.38 -30.30 17.91
N SER F 11 -38.69 -30.92 16.96
CA SER F 11 -38.88 -32.34 16.65
C SER F 11 -38.07 -33.17 17.64
N SER F 12 -38.76 -33.91 18.50
CA SER F 12 -38.08 -34.78 19.46
C SER F 12 -37.30 -35.88 18.75
N VAL F 13 -37.93 -36.52 17.75
CA VAL F 13 -37.31 -37.66 17.10
C VAL F 13 -36.07 -37.22 16.32
N TYR F 14 -36.18 -36.13 15.58
CA TYR F 14 -35.08 -35.69 14.72
C TYR F 14 -34.10 -34.78 15.44
N ALA F 15 -34.42 -34.31 16.64
CA ALA F 15 -33.39 -33.67 17.46
C ALA F 15 -32.32 -34.66 17.87
N GLU F 16 -32.71 -35.92 18.11
CA GLU F 16 -31.75 -36.90 18.60
C GLU F 16 -30.91 -37.47 17.47
N VAL F 17 -31.51 -37.71 16.30
CA VAL F 17 -30.72 -38.22 15.18
C VAL F 17 -29.85 -37.13 14.56
N SER F 18 -30.15 -35.87 14.79
CA SER F 18 -29.20 -34.81 14.45
C SER F 18 -27.92 -34.98 15.27
N ARG F 19 -28.04 -35.38 16.53
CA ARG F 19 -26.86 -35.67 17.34
C ARG F 19 -26.21 -36.98 16.92
N LEU F 20 -27.01 -37.97 16.52
CA LEU F 20 -26.45 -39.23 16.06
C LEU F 20 -25.56 -39.03 14.84
N LEU F 21 -26.05 -38.26 13.85
CA LEU F 21 -25.29 -38.04 12.64
C LEU F 21 -23.95 -37.37 12.94
N LEU F 22 -23.96 -36.37 13.81
CA LEU F 22 -22.71 -35.70 14.19
C LEU F 22 -21.77 -36.67 14.90
N ALA F 23 -22.32 -37.54 15.76
CA ALA F 23 -21.48 -38.47 16.49
C ALA F 23 -20.72 -39.40 15.56
N THR F 24 -21.25 -39.67 14.36
CA THR F 24 -20.56 -40.56 13.44
C THR F 24 -19.26 -39.95 12.95
N GLY F 25 -19.16 -38.62 12.93
CA GLY F 25 -17.99 -37.95 12.42
C GLY F 25 -17.92 -37.83 10.91
N GLN F 26 -18.87 -38.41 10.18
CA GLN F 26 -18.92 -38.31 8.72
C GLN F 26 -20.06 -37.41 8.25
N TRP F 27 -20.60 -36.58 9.13
CA TRP F 27 -21.66 -35.65 8.80
C TRP F 27 -21.38 -34.31 9.46
N LYS F 28 -22.03 -33.27 8.94
CA LYS F 28 -21.94 -31.93 9.52
C LYS F 28 -23.26 -31.21 9.35
N ARG F 29 -23.55 -30.29 10.26
CA ARG F 29 -24.80 -29.57 10.27
C ARG F 29 -24.58 -28.15 9.77
N LEU F 30 -25.22 -27.82 8.66
CA LEU F 30 -25.35 -26.44 8.23
C LEU F 30 -26.61 -25.83 8.84
N ARG F 31 -26.76 -24.52 8.69
CA ARG F 31 -27.92 -23.84 9.24
C ARG F 31 -29.07 -23.84 8.23
N LYS F 32 -30.27 -23.52 8.73
CA LYS F 32 -31.51 -23.61 7.97
C LYS F 32 -31.35 -23.26 6.50
N ASP F 33 -30.83 -22.07 6.20
CA ASP F 33 -30.95 -21.48 4.87
C ASP F 33 -29.76 -21.78 3.96
N ASN F 34 -28.72 -22.44 4.44
CA ASN F 34 -27.64 -22.85 3.55
C ASN F 34 -28.18 -23.90 2.59
N PRO F 35 -28.18 -23.68 1.27
CA PRO F 35 -28.81 -24.63 0.36
C PRO F 35 -27.95 -25.83 0.01
N ARG F 36 -26.66 -25.81 0.33
CA ARG F 36 -25.75 -26.89 -0.06
C ARG F 36 -25.76 -28.00 1.00
N PHE F 37 -26.88 -28.73 1.03
CA PHE F 37 -27.09 -29.80 1.97
C PHE F 37 -27.33 -31.11 1.24
N ASN F 38 -26.92 -32.22 1.87
CA ASN F 38 -27.25 -33.55 1.38
C ASN F 38 -28.55 -34.09 1.98
N LEU F 39 -28.92 -33.62 3.16
CA LEU F 39 -30.12 -34.07 3.85
C LEU F 39 -30.83 -32.87 4.44
N MET F 40 -32.16 -32.95 4.52
CA MET F 40 -32.98 -31.92 5.13
C MET F 40 -33.92 -32.53 6.14
N LEU F 41 -33.89 -32.01 7.36
CA LEU F 41 -34.84 -32.38 8.40
C LEU F 41 -35.87 -31.25 8.46
N GLY F 42 -36.81 -31.30 7.53
CA GLY F 42 -37.61 -30.14 7.20
C GLY F 42 -38.67 -29.83 8.24
N GLU F 43 -39.26 -28.65 8.06
CA GLU F 43 -40.33 -28.18 8.93
C GLU F 43 -41.61 -28.99 8.73
N ARG F 44 -42.52 -28.87 9.68
CA ARG F 44 -43.77 -29.62 9.62
C ARG F 44 -44.77 -28.99 8.66
N ASN F 45 -44.76 -27.67 8.53
CA ASN F 45 -45.74 -26.95 7.72
C ASN F 45 -45.04 -26.25 6.56
N ARG F 46 -45.61 -26.39 5.36
CA ARG F 46 -45.14 -25.67 4.18
C ARG F 46 -43.64 -25.88 3.96
N LEU F 47 -43.21 -27.13 3.95
CA LEU F 47 -41.83 -27.44 3.62
C LEU F 47 -41.58 -27.08 2.16
N PRO F 48 -40.48 -26.38 1.84
CA PRO F 48 -40.24 -25.95 0.43
C PRO F 48 -39.77 -27.10 -0.46
N PHE F 49 -40.71 -27.97 -0.82
CA PHE F 49 -40.36 -29.13 -1.64
C PHE F 49 -39.84 -28.72 -3.00
N GLY F 50 -40.35 -27.63 -3.56
CA GLY F 50 -39.97 -27.22 -4.89
C GLY F 50 -38.53 -26.75 -5.04
N ARG F 51 -37.80 -26.59 -3.94
CA ARG F 51 -36.43 -26.10 -3.97
C ARG F 51 -35.40 -27.22 -3.80
N LEU F 52 -35.84 -28.47 -3.72
CA LEU F 52 -34.93 -29.60 -3.56
C LEU F 52 -34.60 -30.23 -4.91
N GLY F 53 -33.49 -30.95 -4.95
CA GLY F 53 -33.07 -31.62 -6.16
C GLY F 53 -32.69 -30.70 -7.29
N HIS F 54 -32.17 -29.50 -6.98
CA HIS F 54 -31.75 -28.55 -8.00
C HIS F 54 -30.34 -28.02 -7.77
N GLU F 55 -29.68 -28.38 -6.68
CA GLU F 55 -28.32 -27.95 -6.45
C GLU F 55 -27.35 -28.86 -7.20
N PRO F 56 -26.54 -28.35 -8.12
CA PRO F 56 -25.66 -29.22 -8.91
C PRO F 56 -24.68 -29.98 -8.03
N GLY F 57 -24.50 -31.25 -8.35
CA GLY F 57 -23.52 -32.07 -7.66
C GLY F 57 -23.86 -32.40 -6.22
N LEU F 58 -25.15 -32.43 -5.87
CA LEU F 58 -25.58 -32.75 -4.51
C LEU F 58 -26.85 -33.59 -4.55
N VAL F 59 -26.68 -34.91 -4.42
CA VAL F 59 -27.79 -35.78 -4.08
C VAL F 59 -28.43 -35.27 -2.80
N GLN F 60 -29.74 -35.02 -2.83
CA GLN F 60 -30.46 -34.43 -1.72
C GLN F 60 -31.53 -35.37 -1.22
N LEU F 61 -31.64 -35.49 0.10
CA LEU F 61 -32.64 -36.31 0.76
C LEU F 61 -33.46 -35.44 1.70
N VAL F 62 -34.73 -35.78 1.87
CA VAL F 62 -35.62 -35.05 2.75
C VAL F 62 -36.40 -36.05 3.61
N ASN F 63 -36.68 -35.65 4.85
CA ASN F 63 -37.35 -36.52 5.82
C ASN F 63 -38.87 -36.38 5.77
N TYR F 64 -39.44 -36.04 4.62
CA TYR F 64 -40.88 -35.97 4.47
C TYR F 64 -41.25 -36.31 3.04
N TYR F 65 -42.40 -36.97 2.88
CA TYR F 65 -42.96 -37.29 1.57
C TYR F 65 -43.96 -36.20 1.19
N ARG F 66 -43.73 -35.57 0.05
CA ARG F 66 -44.68 -34.59 -0.44
C ARG F 66 -46.00 -35.29 -0.78
N GLY F 67 -47.06 -34.91 -0.08
CA GLY F 67 -48.39 -35.46 -0.28
C GLY F 67 -48.86 -36.38 0.83
N ALA F 68 -47.98 -36.80 1.74
CA ALA F 68 -48.40 -37.67 2.82
C ALA F 68 -49.43 -37.04 3.74
N ASP F 69 -49.62 -35.71 3.65
CA ASP F 69 -50.66 -35.07 4.46
C ASP F 69 -52.03 -35.66 4.15
N LYS F 70 -52.25 -36.10 2.91
CA LYS F 70 -53.54 -36.69 2.55
C LYS F 70 -53.89 -37.87 3.45
N LEU F 71 -52.90 -38.51 4.07
CA LEU F 71 -53.12 -39.65 4.95
C LEU F 71 -53.08 -39.28 6.43
N CYS F 72 -52.38 -38.20 6.79
CA CYS F 72 -52.16 -37.83 8.18
C CYS F 72 -53.07 -36.72 8.66
N ARG F 73 -54.12 -36.40 7.90
CA ARG F 73 -55.12 -35.41 8.30
C ARG F 73 -56.46 -36.10 8.48
N LYS F 74 -57.16 -35.75 9.56
CA LYS F 74 -58.42 -36.42 9.86
C LYS F 74 -59.43 -36.25 8.73
N ALA F 75 -59.53 -35.03 8.19
CA ALA F 75 -60.45 -34.80 7.09
C ALA F 75 -59.97 -35.50 5.81
N SER F 76 -58.69 -35.37 5.50
CA SER F 76 -58.15 -35.98 4.28
C SER F 76 -58.25 -37.49 4.33
N LEU F 77 -57.93 -38.09 5.49
CA LEU F 77 -57.93 -39.54 5.61
C LEU F 77 -59.29 -40.12 5.28
N VAL F 78 -60.36 -39.54 5.84
CA VAL F 78 -61.70 -40.06 5.59
C VAL F 78 -62.03 -39.95 4.11
N LYS F 79 -61.71 -38.81 3.49
CA LYS F 79 -61.95 -38.66 2.06
C LYS F 79 -61.08 -39.61 1.24
N LEU F 80 -59.83 -39.80 1.67
CA LEU F 80 -58.94 -40.70 0.95
C LEU F 80 -59.43 -42.13 0.97
N ILE F 81 -59.98 -42.56 2.12
CA ILE F 81 -60.44 -43.95 2.25
C ILE F 81 -61.73 -44.15 1.46
N LYS F 82 -62.63 -43.17 1.49
CA LYS F 82 -63.93 -43.36 0.84
C LYS F 82 -63.84 -43.26 -0.68
N THR F 83 -62.86 -42.51 -1.19
CA THR F 83 -62.75 -42.28 -2.63
C THR F 83 -61.69 -43.15 -3.31
N SER F 84 -60.92 -43.92 -2.55
CA SER F 84 -59.92 -44.79 -3.14
C SER F 84 -60.49 -46.19 -3.32
N PRO F 85 -60.54 -46.73 -4.55
CA PRO F 85 -60.97 -48.12 -4.70
C PRO F 85 -60.19 -49.09 -3.84
N GLU F 86 -58.88 -48.86 -3.65
CA GLU F 86 -58.08 -49.76 -2.82
C GLU F 86 -58.69 -49.91 -1.43
N LEU F 87 -59.18 -48.83 -0.85
CA LEU F 87 -59.75 -48.83 0.48
C LEU F 87 -61.27 -48.81 0.45
N SER F 88 -61.85 -47.86 -0.30
CA SER F 88 -63.28 -47.86 -0.57
C SER F 88 -64.09 -47.35 0.62
N GLU F 89 -65.32 -46.92 0.36
CA GLU F 89 -66.19 -46.42 1.42
C GLU F 89 -66.64 -47.54 2.36
N SER F 90 -66.68 -48.78 1.89
CA SER F 90 -67.06 -49.93 2.70
C SER F 90 -65.85 -50.55 3.41
N CYS F 91 -64.75 -49.82 3.53
CA CYS F 91 -63.57 -50.33 4.22
C CYS F 91 -63.95 -50.83 5.61
N THR F 92 -63.38 -51.97 6.00
CA THR F 92 -63.79 -52.68 7.21
C THR F 92 -62.95 -52.34 8.42
N TRP F 93 -61.67 -52.03 8.24
CA TRP F 93 -60.77 -51.72 9.35
C TRP F 93 -60.80 -50.25 9.74
N PHE F 94 -61.60 -49.43 9.08
CA PHE F 94 -61.73 -48.02 9.43
C PHE F 94 -63.14 -47.75 9.94
N PRO F 95 -63.29 -47.16 11.13
CA PRO F 95 -64.65 -46.91 11.66
C PRO F 95 -65.45 -46.01 10.73
N GLU F 96 -66.76 -46.25 10.70
CA GLU F 96 -67.66 -45.41 9.93
C GLU F 96 -67.45 -43.95 10.28
N SER F 97 -67.13 -43.14 9.28
CA SER F 97 -66.77 -41.74 9.50
C SER F 97 -67.46 -40.86 8.46
N TYR F 98 -67.64 -39.58 8.84
CA TYR F 98 -68.22 -38.58 7.95
C TYR F 98 -67.56 -37.25 8.26
N VAL F 99 -67.19 -36.51 7.21
CA VAL F 99 -66.58 -35.19 7.36
C VAL F 99 -67.68 -34.15 7.49
N ILE F 100 -67.55 -33.26 8.47
CA ILE F 100 -68.54 -32.25 8.79
C ILE F 100 -67.88 -30.88 8.76
N TYR F 101 -68.46 -29.95 8.00
CA TYR F 101 -67.99 -28.58 7.93
C TYR F 101 -68.89 -27.70 8.77
N PRO F 102 -68.39 -26.97 9.77
CA PRO F 102 -69.25 -26.05 10.52
C PRO F 102 -69.55 -24.79 9.73
N THR F 103 -70.67 -24.16 10.10
CA THR F 103 -71.13 -22.92 9.48
C THR F 103 -70.93 -22.93 7.96
N THR F 125 -69.23 -30.19 -0.12
CA THR F 125 -68.39 -31.33 0.23
C THR F 125 -68.55 -31.69 1.71
N ASP F 126 -69.78 -31.54 2.22
CA ASP F 126 -70.10 -31.85 3.60
C ASP F 126 -71.09 -33.01 3.65
N GLU F 127 -70.96 -33.86 4.66
CA GLU F 127 -71.75 -35.07 4.81
C GLU F 127 -72.59 -35.04 6.09
N ARG F 128 -73.17 -33.89 6.42
CA ARG F 128 -74.05 -33.83 7.58
C ARG F 128 -75.24 -34.75 7.40
N GLU F 129 -75.99 -34.58 6.30
CA GLU F 129 -77.18 -35.38 6.09
C GLU F 129 -76.88 -36.85 5.88
N VAL F 130 -75.65 -37.20 5.49
CA VAL F 130 -75.28 -38.61 5.35
C VAL F 130 -75.21 -39.27 6.72
N PHE F 131 -74.48 -38.65 7.65
CA PHE F 131 -74.42 -39.15 9.01
C PHE F 131 -75.78 -39.11 9.69
N LEU F 132 -76.64 -38.16 9.30
CA LEU F 132 -77.97 -38.10 9.88
C LEU F 132 -78.82 -39.26 9.41
N ALA F 133 -78.57 -39.79 8.21
CA ALA F 133 -79.27 -40.98 7.76
C ALA F 133 -78.78 -42.23 8.50
N ALA F 134 -77.54 -42.21 8.98
CA ALA F 134 -76.99 -43.35 9.70
C ALA F 134 -77.53 -43.43 11.12
N TYR F 135 -77.49 -42.33 11.85
CA TYR F 135 -77.97 -42.33 13.23
C TYR F 135 -79.44 -42.74 13.29
N ASN F 136 -80.26 -42.22 12.38
CA ASN F 136 -81.68 -42.57 12.38
C ASN F 136 -81.87 -44.05 12.06
N ARG F 137 -81.05 -44.60 11.16
CA ARG F 137 -81.14 -46.02 10.86
C ARG F 137 -80.89 -46.86 12.10
N ARG F 138 -79.88 -46.48 12.89
CA ARG F 138 -79.59 -47.20 14.14
C ARG F 138 -80.61 -46.90 15.23
N ARG F 139 -81.37 -45.81 15.10
CA ARG F 139 -82.44 -45.54 16.07
C ARG F 139 -83.59 -46.52 15.89
N GLU F 140 -83.94 -46.85 14.65
CA GLU F 140 -85.01 -47.81 14.40
C GLU F 140 -84.66 -49.17 14.99
N GLY F 141 -83.44 -49.64 14.77
CA GLY F 141 -83.01 -50.94 15.24
C GLY F 141 -82.48 -50.98 16.66
N ARG F 142 -82.53 -49.85 17.38
CA ARG F 142 -82.05 -49.78 18.75
C ARG F 142 -80.58 -50.19 18.86
N GLU F 143 -79.83 -50.00 17.78
CA GLU F 143 -78.41 -50.33 17.79
C GLU F 143 -77.62 -49.23 18.51
N GLY F 144 -76.36 -49.53 18.80
CA GLY F 144 -75.49 -48.55 19.42
C GLY F 144 -75.45 -47.27 18.60
N ASN F 145 -75.49 -46.11 19.27
CA ASN F 145 -75.53 -44.83 18.57
C ASN F 145 -74.51 -43.85 19.15
N VAL F 146 -73.46 -44.35 19.80
CA VAL F 146 -72.43 -43.47 20.36
C VAL F 146 -71.47 -43.08 19.23
N TRP F 147 -71.31 -41.79 19.02
CA TRP F 147 -70.39 -41.25 18.04
C TRP F 147 -69.40 -40.31 18.72
N ILE F 148 -68.30 -40.04 18.06
CA ILE F 148 -67.27 -39.13 18.55
C ILE F 148 -66.91 -38.17 17.44
N ALA F 149 -66.80 -36.89 17.79
CA ALA F 149 -66.42 -35.83 16.85
C ALA F 149 -64.99 -35.38 17.19
N LYS F 150 -64.14 -35.31 16.17
CA LYS F 150 -62.75 -34.93 16.36
C LYS F 150 -62.29 -34.13 15.14
N SER F 151 -61.10 -33.55 15.27
CA SER F 151 -60.53 -32.76 14.19
C SER F 151 -59.05 -32.58 14.43
N SER F 152 -58.32 -32.27 13.35
CA SER F 152 -56.89 -31.99 13.47
C SER F 152 -56.64 -30.69 14.23
N ALA F 153 -57.61 -29.80 14.29
CA ALA F 153 -57.44 -28.57 15.06
C ALA F 153 -57.29 -28.85 16.54
N GLY F 154 -58.01 -29.86 17.04
CA GLY F 154 -57.90 -30.25 18.43
C GLY F 154 -56.48 -30.57 18.83
N ALA F 155 -56.03 -30.02 19.96
CA ALA F 155 -54.66 -30.18 20.41
C ALA F 155 -54.64 -30.39 21.92
N LYS F 156 -53.56 -31.02 22.39
CA LYS F 156 -53.34 -31.22 23.83
C LYS F 156 -54.45 -32.05 24.46
N GLY F 157 -55.04 -32.98 23.69
CA GLY F 157 -56.08 -33.84 24.23
C GLY F 157 -57.42 -33.16 24.41
N GLU F 158 -57.68 -32.07 23.71
CA GLU F 158 -58.92 -31.32 23.85
C GLU F 158 -59.52 -31.07 22.48
N GLY F 159 -60.81 -30.79 22.46
CA GLY F 159 -61.55 -30.58 21.23
C GLY F 159 -62.27 -31.80 20.70
N ILE F 160 -62.52 -32.80 21.54
CA ILE F 160 -63.11 -34.06 21.12
C ILE F 160 -64.18 -34.43 22.13
N LEU F 161 -65.42 -34.64 21.65
CA LEU F 161 -66.56 -34.92 22.52
C LEU F 161 -67.26 -36.17 22.03
N ILE F 162 -67.63 -37.03 22.98
CA ILE F 162 -68.31 -38.29 22.70
C ILE F 162 -69.75 -38.17 23.16
N SER F 163 -70.68 -38.59 22.32
CA SER F 163 -72.10 -38.52 22.64
C SER F 163 -72.86 -39.50 21.77
N SER F 164 -74.03 -39.90 22.27
CA SER F 164 -74.96 -40.72 21.51
C SER F 164 -76.16 -39.90 21.01
N GLU F 165 -76.02 -38.58 20.98
CA GLU F 165 -77.05 -37.67 20.51
C GLU F 165 -76.46 -36.84 19.38
N ALA F 166 -76.93 -37.09 18.15
CA ALA F 166 -76.40 -36.35 17.01
C ALA F 166 -76.52 -34.85 17.21
N SER F 167 -77.59 -34.41 17.88
CA SER F 167 -77.78 -32.98 18.10
C SER F 167 -76.62 -32.39 18.91
N GLU F 168 -76.18 -33.10 19.95
CA GLU F 168 -75.09 -32.58 20.77
C GLU F 168 -73.80 -32.47 19.96
N LEU F 169 -73.53 -33.44 19.09
CA LEU F 169 -72.28 -33.44 18.34
C LEU F 169 -72.18 -32.26 17.39
N LEU F 170 -73.18 -32.11 16.51
CA LEU F 170 -73.14 -31.00 15.55
C LEU F 170 -73.03 -29.65 16.26
N ASP F 171 -73.77 -29.46 17.35
CA ASP F 171 -73.69 -28.20 18.09
C ASP F 171 -72.27 -27.93 18.56
N PHE F 172 -71.61 -28.94 19.13
CA PHE F 172 -70.23 -28.75 19.58
C PHE F 172 -69.31 -28.42 18.41
N ILE F 173 -69.60 -28.97 17.22
CA ILE F 173 -68.76 -28.71 16.06
C ILE F 173 -68.95 -27.30 15.52
N ASP F 174 -70.09 -26.66 15.82
CA ASP F 174 -70.31 -25.31 15.33
C ASP F 174 -69.54 -24.28 16.16
N GLU F 175 -69.41 -24.51 17.47
CA GLU F 175 -68.58 -23.63 18.28
C GLU F 175 -67.13 -23.66 17.79
N GLN F 176 -66.66 -24.83 17.36
CA GLN F 176 -65.35 -24.94 16.75
C GLN F 176 -65.38 -24.43 15.32
N GLY F 177 -64.20 -24.08 14.82
CA GLY F 177 -64.10 -23.47 13.51
C GLY F 177 -63.58 -24.40 12.42
N GLN F 178 -62.49 -25.10 12.69
CA GLN F 178 -61.85 -25.93 11.68
C GLN F 178 -62.73 -27.12 11.32
N VAL F 179 -62.45 -27.69 10.13
CA VAL F 179 -63.21 -28.83 9.65
C VAL F 179 -63.21 -29.94 10.69
N HIS F 180 -64.35 -30.60 10.84
CA HIS F 180 -64.52 -31.66 11.83
C HIS F 180 -65.04 -32.92 11.16
N VAL F 181 -64.81 -34.05 11.82
CA VAL F 181 -65.23 -35.37 11.32
C VAL F 181 -65.90 -36.12 12.46
N ILE F 182 -66.98 -36.82 12.13
CA ILE F 182 -67.75 -37.61 13.09
C ILE F 182 -67.48 -39.08 12.81
N GLN F 183 -67.03 -39.81 13.84
CA GLN F 183 -66.58 -41.19 13.70
C GLN F 183 -67.35 -42.08 14.66
N LYS F 184 -67.79 -43.24 14.17
CA LYS F 184 -68.48 -44.20 15.01
C LYS F 184 -67.59 -44.61 16.18
N TYR F 185 -68.04 -44.32 17.39
CA TYR F 185 -67.26 -44.60 18.59
C TYR F 185 -67.25 -46.09 18.87
N LEU F 186 -66.07 -46.64 19.12
CA LEU F 186 -65.94 -48.04 19.50
C LEU F 186 -66.48 -48.24 20.92
N GLU F 187 -67.78 -48.52 21.01
CA GLU F 187 -68.41 -48.75 22.30
C GLU F 187 -67.91 -50.02 22.99
N LYS F 188 -67.22 -50.91 22.27
CA LYS F 188 -66.83 -52.22 22.78
C LYS F 188 -65.33 -52.43 22.60
N PRO F 189 -64.50 -51.67 23.31
CA PRO F 189 -63.06 -51.87 23.19
C PRO F 189 -62.56 -53.03 24.04
N LEU F 190 -61.49 -53.65 23.56
CA LEU F 190 -60.80 -54.65 24.37
C LEU F 190 -60.30 -53.97 25.65
N LEU F 191 -60.62 -54.57 26.79
CA LEU F 191 -60.31 -54.00 28.09
C LEU F 191 -59.26 -54.84 28.78
N LEU F 192 -58.18 -54.20 29.21
CA LEU F 192 -57.10 -54.88 29.91
C LEU F 192 -57.50 -55.20 31.35
N GLU F 193 -56.97 -56.30 31.87
CA GLU F 193 -57.19 -56.71 33.25
C GLU F 193 -55.86 -57.02 33.90
N PRO F 194 -55.64 -56.58 35.15
CA PRO F 194 -56.58 -55.83 36.01
C PRO F 194 -56.75 -54.37 35.58
N GLY F 195 -57.95 -53.84 35.73
CA GLY F 195 -58.21 -52.44 35.41
C GLY F 195 -59.52 -52.20 34.69
N HIS F 196 -59.93 -53.14 33.83
CA HIS F 196 -61.12 -52.96 32.99
C HIS F 196 -61.03 -51.64 32.23
N ARG F 197 -59.88 -51.42 31.59
CA ARG F 197 -59.50 -50.11 31.08
C ARG F 197 -59.25 -50.16 29.57
N LYS F 198 -59.27 -48.97 28.96
CA LYS F 198 -59.14 -48.79 27.53
C LYS F 198 -57.66 -48.62 27.16
N PHE F 199 -57.39 -48.59 25.85
CA PHE F 199 -56.05 -48.38 25.35
C PHE F 199 -56.09 -48.18 23.85
N ASP F 200 -54.99 -47.67 23.29
CA ASP F 200 -54.76 -47.63 21.86
C ASP F 200 -53.34 -48.12 21.60
N ILE F 201 -53.08 -48.53 20.36
CA ILE F 201 -51.79 -49.07 19.96
C ILE F 201 -51.12 -48.08 19.02
N ARG F 202 -49.83 -47.83 19.24
CA ARG F 202 -49.03 -46.97 18.39
C ARG F 202 -47.96 -47.82 17.71
N SER F 203 -47.95 -47.76 16.38
CA SER F 203 -46.92 -48.43 15.57
C SER F 203 -46.14 -47.36 14.82
N TRP F 204 -44.82 -47.48 14.84
CA TRP F 204 -43.94 -46.58 14.10
C TRP F 204 -43.51 -47.26 12.81
N VAL F 205 -43.69 -46.55 11.70
CA VAL F 205 -43.43 -47.09 10.37
C VAL F 205 -42.50 -46.14 9.63
N LEU F 206 -41.42 -46.70 9.06
CA LEU F 206 -40.45 -45.95 8.28
C LEU F 206 -40.56 -46.34 6.81
N VAL F 207 -40.60 -45.35 5.93
CA VAL F 207 -40.64 -45.56 4.49
C VAL F 207 -39.41 -44.89 3.89
N ASP F 208 -38.53 -45.68 3.28
CA ASP F 208 -37.27 -45.17 2.76
C ASP F 208 -37.47 -44.62 1.35
N HIS F 209 -36.36 -44.18 0.73
CA HIS F 209 -36.44 -43.60 -0.60
C HIS F 209 -36.86 -44.62 -1.65
N LEU F 210 -36.54 -45.90 -1.43
CA LEU F 210 -37.01 -46.96 -2.32
C LEU F 210 -38.47 -47.32 -2.08
N TYR F 211 -39.11 -46.72 -1.07
CA TYR F 211 -40.48 -46.99 -0.70
C TYR F 211 -40.66 -48.38 -0.09
N ASN F 212 -39.62 -48.89 0.55
CA ASN F 212 -39.77 -50.04 1.43
C ASN F 212 -40.51 -49.62 2.69
N ILE F 213 -41.45 -50.45 3.13
CA ILE F 213 -42.28 -50.16 4.30
C ILE F 213 -41.68 -50.93 5.48
N TYR F 214 -41.13 -50.20 6.44
CA TYR F 214 -40.43 -50.78 7.58
C TYR F 214 -41.25 -50.53 8.85
N LEU F 215 -41.74 -51.60 9.45
CA LEU F 215 -42.50 -51.52 10.70
C LEU F 215 -41.56 -51.79 11.86
N TYR F 216 -41.44 -50.81 12.77
CA TYR F 216 -40.61 -50.97 13.95
C TYR F 216 -41.12 -52.15 14.79
N ARG F 217 -40.19 -53.02 15.20
CA ARG F 217 -40.59 -54.21 15.94
C ARG F 217 -41.27 -53.84 17.26
N GLU F 218 -40.84 -52.77 17.90
CA GLU F 218 -41.35 -52.38 19.21
C GLU F 218 -42.48 -51.38 19.02
N GLY F 219 -43.69 -51.78 19.41
CA GLY F 219 -44.79 -50.86 19.57
C GLY F 219 -45.05 -50.56 21.03
N VAL F 220 -46.12 -49.81 21.28
CA VAL F 220 -46.50 -49.44 22.64
C VAL F 220 -48.01 -49.36 22.73
N LEU F 221 -48.55 -49.90 23.82
CA LEU F 221 -49.94 -49.64 24.21
C LEU F 221 -49.99 -48.42 25.09
N ARG F 222 -50.85 -47.47 24.75
CA ARG F 222 -51.03 -46.24 25.50
C ARG F 222 -52.34 -46.37 26.27
N THR F 223 -52.24 -46.49 27.59
CA THR F 223 -53.30 -47.02 28.42
C THR F 223 -54.04 -45.92 29.18
N SER F 224 -55.35 -46.10 29.32
CA SER F 224 -56.12 -45.31 30.26
C SER F 224 -56.02 -45.94 31.65
N SER F 225 -55.73 -45.12 32.66
CA SER F 225 -55.64 -45.60 34.03
C SER F 225 -56.97 -45.50 34.78
N GLU F 226 -58.08 -45.36 34.06
CA GLU F 226 -59.41 -45.28 34.66
C GLU F 226 -60.28 -46.35 34.02
N PRO F 227 -60.90 -47.24 34.80
CA PRO F 227 -61.78 -48.25 34.20
C PRO F 227 -62.76 -47.64 33.20
N TYR F 228 -62.88 -48.30 32.05
CA TYR F 228 -63.80 -47.84 31.00
C TYR F 228 -65.23 -47.81 31.54
N ASN F 229 -65.82 -46.61 31.55
CA ASN F 229 -67.16 -46.40 32.09
C ASN F 229 -68.12 -46.19 30.93
N SER F 230 -68.94 -47.20 30.64
CA SER F 230 -69.93 -47.08 29.57
C SER F 230 -71.01 -46.06 29.91
N ALA F 231 -71.30 -45.87 31.19
CA ALA F 231 -72.41 -45.01 31.61
C ALA F 231 -72.27 -43.58 31.11
N ASN F 232 -71.30 -42.84 31.63
CA ASN F 232 -71.11 -41.43 31.32
C ASN F 232 -69.82 -41.24 30.55
N PHE F 233 -69.91 -40.53 29.42
CA PHE F 233 -68.74 -40.14 28.64
C PHE F 233 -68.17 -38.80 29.07
N GLN F 234 -68.78 -38.14 30.06
CA GLN F 234 -68.25 -36.88 30.55
C GLN F 234 -66.80 -37.02 31.00
N ASP F 235 -66.53 -37.99 31.88
CA ASP F 235 -65.16 -38.24 32.31
C ASP F 235 -64.36 -38.84 31.16
N LYS F 236 -63.70 -37.98 30.38
CA LYS F 236 -62.93 -38.40 29.22
C LYS F 236 -61.55 -38.92 29.59
N THR F 237 -61.23 -39.07 30.88
CA THR F 237 -59.96 -39.67 31.26
C THR F 237 -59.98 -41.18 31.04
N CYS F 238 -61.14 -41.82 31.16
CA CYS F 238 -61.27 -43.25 30.95
C CYS F 238 -61.58 -43.61 29.50
N HIS F 239 -61.89 -42.63 28.66
CA HIS F 239 -62.20 -42.87 27.25
C HIS F 239 -61.10 -42.41 26.31
N LEU F 240 -60.34 -41.37 26.67
CA LEU F 240 -59.24 -40.88 25.85
C LEU F 240 -57.93 -41.35 26.46
N THR F 241 -57.11 -42.03 25.65
CA THR F 241 -55.90 -42.67 26.13
C THR F 241 -54.63 -41.93 25.73
N ASN F 242 -54.76 -40.67 25.31
CA ASN F 242 -53.58 -39.85 25.06
C ASN F 242 -52.77 -39.70 26.34
N HIS F 243 -51.50 -40.10 26.29
CA HIS F 243 -50.60 -39.84 27.41
C HIS F 243 -50.69 -38.39 27.85
N CYS F 244 -50.89 -37.48 26.90
CA CYS F 244 -50.98 -36.06 27.22
C CYS F 244 -52.06 -35.80 28.26
N ILE F 245 -53.27 -36.32 28.03
CA ILE F 245 -54.38 -36.05 28.95
C ILE F 245 -54.20 -36.85 30.25
N GLN F 246 -53.66 -38.06 30.16
CA GLN F 246 -53.58 -38.92 31.34
C GLN F 246 -52.84 -38.22 32.47
N LYS F 247 -51.71 -37.58 32.18
CA LYS F 247 -50.98 -36.86 33.21
C LYS F 247 -51.78 -35.69 33.75
N GLU F 248 -52.65 -35.10 32.93
CA GLU F 248 -53.37 -33.90 33.34
C GLU F 248 -54.37 -34.20 34.45
N TYR F 249 -55.38 -35.03 34.16
CA TYR F 249 -56.49 -35.25 35.08
C TYR F 249 -56.80 -36.75 35.21
N SER F 250 -55.81 -37.51 35.66
CA SER F 250 -55.99 -38.94 35.95
C SER F 250 -55.34 -39.24 37.29
N LYS F 251 -56.15 -39.66 38.26
CA LYS F 251 -55.61 -39.97 39.59
C LYS F 251 -54.69 -41.18 39.54
N ASN F 252 -55.17 -42.29 38.98
CA ASN F 252 -54.46 -43.57 39.01
C ASN F 252 -53.25 -43.62 38.08
N TYR F 253 -52.83 -42.50 37.50
CA TYR F 253 -51.73 -42.47 36.54
C TYR F 253 -50.57 -43.36 36.99
N GLY F 254 -50.13 -44.24 36.09
CA GLY F 254 -48.94 -45.02 36.32
C GLY F 254 -49.06 -46.13 37.34
N ARG F 255 -50.29 -46.51 37.72
CA ARG F 255 -50.46 -47.52 38.75
C ARG F 255 -49.99 -48.89 38.27
N TYR F 256 -50.30 -49.24 37.02
CA TYR F 256 -50.04 -50.58 36.50
C TYR F 256 -48.71 -50.64 35.75
N GLU F 257 -48.56 -49.82 34.72
CA GLU F 257 -47.34 -49.74 33.94
C GLU F 257 -46.77 -48.33 34.04
N GLU F 258 -45.44 -48.24 33.97
CA GLU F 258 -44.76 -46.96 34.12
C GLU F 258 -45.21 -45.96 33.07
N GLY F 259 -45.95 -44.94 33.50
CA GLY F 259 -46.39 -43.89 32.59
C GLY F 259 -47.48 -44.32 31.63
N ASN F 260 -48.29 -45.31 32.01
CA ASN F 260 -49.37 -45.79 31.15
C ASN F 260 -48.84 -46.24 29.79
N GLU F 261 -47.67 -46.87 29.78
CA GLU F 261 -47.04 -47.35 28.57
C GLU F 261 -46.74 -48.84 28.74
N MET F 262 -47.64 -49.69 28.25
CA MET F 262 -47.39 -51.12 28.19
C MET F 262 -46.76 -51.47 26.85
N PHE F 263 -45.75 -52.33 26.89
CA PHE F 263 -44.98 -52.68 25.70
C PHE F 263 -45.34 -54.08 25.22
N PHE F 264 -44.79 -54.44 24.06
CA PHE F 264 -45.26 -55.64 23.37
C PHE F 264 -44.96 -56.91 24.17
N GLU F 265 -43.79 -56.99 24.80
CA GLU F 265 -43.46 -58.20 25.53
C GLU F 265 -44.49 -58.50 26.61
N GLU F 266 -44.90 -57.48 27.36
CA GLU F 266 -45.90 -57.70 28.41
C GLU F 266 -47.27 -57.98 27.80
N PHE F 267 -47.66 -57.22 26.78
CA PHE F 267 -48.98 -57.40 26.18
C PHE F 267 -49.09 -58.77 25.51
N ASN F 268 -48.02 -59.23 24.88
CA ASN F 268 -48.02 -60.58 24.32
C ASN F 268 -48.23 -61.62 25.41
N GLN F 269 -47.57 -61.44 26.56
CA GLN F 269 -47.77 -62.36 27.68
C GLN F 269 -49.20 -62.30 28.18
N TYR F 270 -49.79 -61.10 28.22
CA TYR F 270 -51.18 -60.98 28.66
C TYR F 270 -52.12 -61.69 27.71
N LEU F 271 -51.89 -61.55 26.39
CA LEU F 271 -52.74 -62.23 25.43
C LEU F 271 -52.64 -63.74 25.58
N MET F 272 -51.43 -64.26 25.77
CA MET F 272 -51.26 -65.69 26.01
C MET F 272 -51.95 -66.11 27.30
N ASP F 273 -51.64 -65.43 28.41
CA ASP F 273 -52.17 -65.85 29.71
C ASP F 273 -53.68 -65.69 29.79
N ALA F 274 -54.23 -64.62 29.21
CA ALA F 274 -55.63 -64.28 29.40
C ALA F 274 -56.53 -64.73 28.26
N LEU F 275 -56.00 -64.95 27.06
CA LEU F 275 -56.85 -65.30 25.92
C LEU F 275 -56.28 -66.39 25.04
N ASN F 276 -55.21 -67.07 25.46
CA ASN F 276 -54.67 -68.22 24.73
C ASN F 276 -54.42 -67.87 23.27
N THR F 277 -53.85 -66.69 23.04
CA THR F 277 -53.49 -66.22 21.70
C THR F 277 -52.18 -65.45 21.82
N THR F 278 -51.73 -64.89 20.69
CA THR F 278 -50.47 -64.16 20.63
C THR F 278 -50.72 -62.81 19.99
N LEU F 279 -49.79 -61.88 20.25
CA LEU F 279 -49.89 -60.54 19.67
C LEU F 279 -49.75 -60.59 18.16
N GLU F 280 -48.90 -61.49 17.64
CA GLU F 280 -48.68 -61.57 16.20
C GLU F 280 -49.96 -61.97 15.48
N ASN F 281 -50.63 -63.02 15.96
CA ASN F 281 -51.78 -63.56 15.25
C ASN F 281 -53.03 -62.71 15.44
N SER F 282 -53.33 -62.35 16.69
CA SER F 282 -54.62 -61.71 16.98
C SER F 282 -54.68 -60.27 16.49
N ILE F 283 -53.55 -59.57 16.46
CA ILE F 283 -53.57 -58.12 16.27
C ILE F 283 -52.55 -57.67 15.24
N LEU F 284 -51.30 -58.12 15.39
CA LEU F 284 -50.23 -57.56 14.58
C LEU F 284 -50.42 -57.89 13.10
N LEU F 285 -51.01 -59.05 12.79
CA LEU F 285 -51.26 -59.39 11.39
C LEU F 285 -52.22 -58.40 10.75
N GLN F 286 -53.25 -57.97 11.49
CA GLN F 286 -54.15 -56.94 10.96
C GLN F 286 -53.46 -55.58 10.87
N ILE F 287 -52.55 -55.29 11.80
CA ILE F 287 -51.83 -54.01 11.76
C ILE F 287 -51.00 -53.90 10.49
N LYS F 288 -50.24 -54.96 10.17
CA LYS F 288 -49.40 -54.92 8.99
C LYS F 288 -50.23 -54.74 7.72
N HIS F 289 -51.40 -55.38 7.67
CA HIS F 289 -52.25 -55.27 6.49
C HIS F 289 -52.77 -53.84 6.32
N ILE F 290 -53.09 -53.17 7.43
CA ILE F 290 -53.58 -51.80 7.34
C ILE F 290 -52.47 -50.87 6.90
N ILE F 291 -51.27 -51.06 7.42
CA ILE F 291 -50.14 -50.19 7.07
C ILE F 291 -49.86 -50.28 5.57
N ARG F 292 -49.76 -51.51 5.06
CA ARG F 292 -49.51 -51.68 3.63
C ARG F 292 -50.61 -51.06 2.79
N SER F 293 -51.87 -51.35 3.12
CA SER F 293 -52.99 -50.86 2.33
C SER F 293 -52.98 -49.34 2.24
N CYS F 294 -52.77 -48.67 3.38
CA CYS F 294 -52.72 -47.21 3.38
C CYS F 294 -51.58 -46.70 2.54
N LEU F 295 -50.37 -47.21 2.78
CA LEU F 295 -49.19 -46.67 2.12
C LEU F 295 -49.17 -47.03 0.64
N MET F 296 -49.59 -48.24 0.28
CA MET F 296 -49.64 -48.60 -1.13
C MET F 296 -50.72 -47.81 -1.85
N CYS F 297 -51.78 -47.41 -1.16
CA CYS F 297 -52.82 -46.61 -1.79
C CYS F 297 -52.27 -45.29 -2.32
N ILE F 298 -51.28 -44.72 -1.64
CA ILE F 298 -50.76 -43.40 -1.98
C ILE F 298 -49.40 -43.46 -2.67
N GLU F 299 -48.83 -44.65 -2.83
CA GLU F 299 -47.51 -44.75 -3.47
C GLU F 299 -47.45 -44.06 -4.82
N PRO F 300 -48.41 -44.23 -5.72
CA PRO F 300 -48.30 -43.55 -7.03
C PRO F 300 -48.23 -42.03 -6.91
N ALA F 301 -48.79 -41.46 -5.85
CA ALA F 301 -48.85 -40.01 -5.69
C ALA F 301 -47.59 -39.43 -5.06
N ILE F 302 -46.95 -40.15 -4.15
CA ILE F 302 -45.86 -39.61 -3.36
C ILE F 302 -44.52 -40.25 -3.67
N SER F 303 -44.49 -41.37 -4.39
CA SER F 303 -43.23 -42.05 -4.66
C SER F 303 -42.25 -41.08 -5.31
N THR F 304 -40.99 -41.15 -4.88
CA THR F 304 -39.92 -40.32 -5.44
C THR F 304 -38.89 -41.16 -6.20
N LYS F 305 -39.27 -42.36 -6.64
CA LYS F 305 -38.32 -43.25 -7.30
C LYS F 305 -37.76 -42.65 -8.59
N HIS F 306 -38.43 -41.66 -9.17
CA HIS F 306 -37.99 -41.05 -10.42
C HIS F 306 -37.90 -39.54 -10.31
N LEU F 307 -37.70 -39.03 -9.10
CA LEU F 307 -37.68 -37.59 -8.85
C LEU F 307 -36.25 -37.08 -8.70
N HIS F 308 -36.09 -35.78 -8.99
CA HIS F 308 -34.79 -35.13 -8.86
C HIS F 308 -34.31 -35.10 -7.42
N TYR F 309 -35.19 -35.29 -6.44
CA TYR F 309 -34.81 -35.45 -5.05
C TYR F 309 -35.50 -36.69 -4.48
N GLN F 310 -34.92 -37.24 -3.43
CA GLN F 310 -35.46 -38.42 -2.76
C GLN F 310 -36.15 -38.03 -1.46
N SER F 311 -37.01 -38.92 -0.98
CA SER F 311 -37.78 -38.68 0.23
C SER F 311 -37.84 -39.94 1.08
N PHE F 312 -37.82 -39.74 2.39
CA PHE F 312 -38.21 -40.75 3.37
C PHE F 312 -39.12 -40.08 4.38
N GLN F 313 -39.76 -40.88 5.23
CA GLN F 313 -40.61 -40.31 6.27
C GLN F 313 -40.99 -41.39 7.27
N LEU F 314 -41.08 -41.00 8.53
CA LEU F 314 -41.50 -41.89 9.61
C LEU F 314 -42.93 -41.54 10.00
N PHE F 315 -43.79 -42.56 10.04
CA PHE F 315 -45.19 -42.38 10.40
C PHE F 315 -45.48 -43.05 11.74
N GLY F 316 -46.58 -42.62 12.34
CA GLY F 316 -47.07 -43.24 13.56
C GLY F 316 -48.53 -43.61 13.43
N PHE F 317 -48.81 -44.92 13.31
CA PHE F 317 -50.17 -45.40 13.13
C PHE F 317 -50.80 -45.68 14.49
N ASP F 318 -52.02 -45.18 14.68
CA ASP F 318 -52.78 -45.39 15.92
C ASP F 318 -53.91 -46.37 15.65
N PHE F 319 -54.04 -47.39 16.51
CA PHE F 319 -55.01 -48.46 16.32
C PHE F 319 -55.85 -48.63 17.59
N MET F 320 -57.07 -49.15 17.39
CA MET F 320 -57.97 -49.52 18.46
C MET F 320 -58.39 -50.98 18.27
N VAL F 321 -58.34 -51.75 19.35
CA VAL F 321 -58.71 -53.17 19.33
C VAL F 321 -60.04 -53.32 20.06
N ASP F 322 -61.00 -53.96 19.42
CA ASP F 322 -62.29 -54.21 20.04
C ASP F 322 -62.26 -55.56 20.76
N GLU F 323 -63.36 -55.86 21.47
CA GLU F 323 -63.39 -57.05 22.30
C GLU F 323 -63.25 -58.32 21.47
N GLU F 324 -63.68 -58.29 20.21
CA GLU F 324 -63.52 -59.43 19.30
C GLU F 324 -62.12 -59.53 18.72
N LEU F 325 -61.17 -58.76 19.24
CA LEU F 325 -59.79 -58.75 18.74
C LEU F 325 -59.75 -58.40 17.25
N LYS F 326 -60.60 -57.47 16.84
CA LYS F 326 -60.51 -56.84 15.53
C LYS F 326 -59.77 -55.51 15.68
N VAL F 327 -58.90 -55.22 14.73
CA VAL F 327 -58.07 -54.03 14.77
C VAL F 327 -58.72 -52.94 13.91
N TRP F 328 -58.82 -51.74 14.46
CA TRP F 328 -59.33 -50.58 13.75
C TRP F 328 -58.24 -49.51 13.71
N LEU F 329 -58.23 -48.74 12.63
CA LEU F 329 -57.36 -47.59 12.49
C LEU F 329 -58.12 -46.32 12.84
N ILE F 330 -57.47 -45.42 13.58
CA ILE F 330 -58.11 -44.21 14.08
C ILE F 330 -57.41 -42.95 13.57
N GLU F 331 -56.08 -42.91 13.61
CA GLU F 331 -55.34 -41.74 13.18
C GLU F 331 -53.97 -42.15 12.66
N VAL F 332 -53.36 -41.26 11.89
CA VAL F 332 -52.02 -41.45 11.35
C VAL F 332 -51.23 -40.17 11.58
N ASN F 333 -49.98 -40.30 12.01
CA ASN F 333 -49.14 -39.17 12.37
C ASN F 333 -47.91 -39.15 11.48
N GLY F 334 -47.74 -38.06 10.72
CA GLY F 334 -46.55 -37.85 9.91
C GLY F 334 -45.40 -37.18 10.63
N ALA F 335 -45.66 -36.63 11.83
CA ALA F 335 -44.60 -36.06 12.67
C ALA F 335 -44.70 -36.64 14.08
N PRO F 336 -44.69 -37.97 14.21
CA PRO F 336 -44.97 -38.58 15.51
C PRO F 336 -43.79 -38.43 16.47
N ALA F 337 -44.10 -38.62 17.75
CA ALA F 337 -43.09 -38.67 18.81
C ALA F 337 -42.94 -40.13 19.27
N CYS F 338 -41.69 -40.53 19.48
CA CYS F 338 -41.39 -41.89 19.91
C CYS F 338 -41.59 -42.02 21.43
N ALA F 339 -41.39 -43.23 21.94
CA ALA F 339 -41.41 -43.48 23.38
C ALA F 339 -40.01 -43.30 23.95
N GLN F 340 -39.94 -42.75 25.16
CA GLN F 340 -38.64 -42.37 25.73
C GLN F 340 -37.68 -43.56 25.74
N LYS F 341 -38.18 -44.75 26.08
CA LYS F 341 -37.34 -45.93 26.12
C LYS F 341 -36.85 -46.34 24.73
N LEU F 342 -37.55 -45.95 23.67
CA LEU F 342 -37.30 -46.45 22.33
C LEU F 342 -36.66 -45.41 21.40
N TYR F 343 -36.43 -44.18 21.87
CA TYR F 343 -35.81 -43.18 21.01
C TYR F 343 -34.44 -43.64 20.53
N ALA F 344 -33.64 -44.22 21.42
CA ALA F 344 -32.28 -44.59 21.06
C ALA F 344 -32.27 -45.58 19.91
N GLU F 345 -33.10 -46.62 20.00
CA GLU F 345 -33.07 -47.69 19.00
C GLU F 345 -33.71 -47.25 17.69
N LEU F 346 -34.90 -46.66 17.75
CA LEU F 346 -35.61 -46.27 16.53
C LEU F 346 -34.82 -45.21 15.77
N CYS F 347 -34.35 -44.16 16.45
CA CYS F 347 -33.61 -43.11 15.77
C CYS F 347 -32.37 -43.67 15.09
N GLN F 348 -31.69 -44.61 15.74
CA GLN F 348 -30.53 -45.24 15.10
C GLN F 348 -30.94 -46.01 13.85
N GLY F 349 -32.14 -46.58 13.85
CA GLY F 349 -32.59 -47.29 12.67
C GLY F 349 -32.85 -46.37 11.50
N ILE F 350 -33.36 -45.17 11.78
CA ILE F 350 -33.61 -44.20 10.71
C ILE F 350 -32.32 -43.90 9.97
N VAL F 351 -31.21 -43.79 10.69
CA VAL F 351 -29.92 -43.50 10.06
C VAL F 351 -29.49 -44.65 9.18
N ASP F 352 -29.61 -45.88 9.70
CA ASP F 352 -29.08 -47.03 8.97
C ASP F 352 -29.90 -47.30 7.71
N VAL F 353 -31.22 -47.14 7.78
CA VAL F 353 -32.12 -47.56 6.72
C VAL F 353 -32.47 -46.41 5.79
N ALA F 354 -32.75 -45.23 6.34
CA ALA F 354 -33.27 -44.12 5.55
C ALA F 354 -32.22 -43.11 5.12
N ILE F 355 -31.05 -43.10 5.75
CA ILE F 355 -30.05 -42.06 5.48
C ILE F 355 -28.77 -42.70 4.97
N SER F 356 -28.15 -43.56 5.77
CA SER F 356 -26.92 -44.23 5.36
C SER F 356 -27.11 -45.04 4.08
N SER F 357 -28.35 -45.42 3.76
CA SER F 357 -28.60 -46.11 2.50
C SER F 357 -28.30 -45.20 1.31
N VAL F 358 -28.64 -43.91 1.43
CA VAL F 358 -28.38 -42.96 0.35
C VAL F 358 -26.96 -42.42 0.44
N PHE F 359 -26.42 -42.31 1.66
CA PHE F 359 -25.11 -41.70 1.90
C PHE F 359 -24.27 -42.69 2.71
N PRO F 360 -23.66 -43.68 2.04
CA PRO F 360 -22.89 -44.69 2.77
C PRO F 360 -21.73 -44.07 3.54
N LEU F 361 -21.43 -44.66 4.70
CA LEU F 361 -20.29 -44.27 5.50
C LEU F 361 -19.08 -45.10 5.08
N ALA F 362 -18.02 -45.05 5.88
CA ALA F 362 -16.76 -45.72 5.53
C ALA F 362 -16.76 -47.16 6.02
N ASP F 363 -16.01 -48.00 5.32
CA ASP F 363 -15.91 -49.41 5.66
C ASP F 363 -14.80 -49.65 6.68
N THR F 372 -27.98 -57.43 13.02
CA THR F 372 -29.39 -57.82 13.09
C THR F 372 -30.28 -56.62 12.80
N SER F 373 -31.48 -56.88 12.29
CA SER F 373 -32.41 -55.84 11.90
C SER F 373 -33.52 -55.68 12.93
N ILE F 374 -34.03 -54.46 13.06
CA ILE F 374 -35.09 -54.14 14.01
C ILE F 374 -36.43 -53.93 13.34
N PHE F 375 -36.48 -53.77 12.02
CA PHE F 375 -37.71 -53.48 11.32
C PHE F 375 -38.30 -54.75 10.73
N ILE F 376 -39.61 -54.69 10.45
CA ILE F 376 -40.32 -55.75 9.75
C ILE F 376 -40.69 -55.19 8.38
N LYS F 377 -40.09 -55.75 7.34
CA LYS F 377 -40.34 -55.29 5.97
C LYS F 377 -41.68 -55.82 5.49
N LEU F 378 -42.56 -54.91 5.10
CA LEU F 378 -43.89 -55.26 4.60
C LEU F 378 -43.85 -55.32 3.08
N HIS F 379 -44.08 -56.52 2.53
CA HIS F 379 -43.73 -56.81 1.14
C HIS F 379 -44.76 -56.26 0.15
N HIS F 380 -44.26 -55.90 -1.02
CA HIS F 380 -45.07 -55.32 -2.09
C HIS F 380 -45.87 -56.38 -2.84
PG GTP G . -26.25 -9.73 -22.59
O1G GTP G . -26.26 -8.31 -23.11
O2G GTP G . -25.10 -10.48 -23.21
O3G GTP G . -26.11 -9.72 -21.09
O3B GTP G . -27.66 -10.40 -22.99
PB GTP G . -27.74 -11.83 -23.73
O1B GTP G . -26.87 -11.80 -24.96
O2B GTP G . -29.18 -12.13 -24.05
O3A GTP G . -27.13 -12.84 -22.65
PA GTP G . -27.57 -14.39 -22.56
O1A GTP G . -26.51 -15.23 -23.22
O2A GTP G . -28.92 -14.63 -23.18
O5' GTP G . -27.60 -14.63 -20.97
C5' GTP G . -26.98 -15.73 -20.33
C4' GTP G . -28.04 -16.75 -20.00
O4' GTP G . -28.56 -17.26 -21.21
C3' GTP G . -27.50 -17.91 -19.21
O3' GTP G . -28.33 -18.14 -18.09
C2' GTP G . -27.54 -19.11 -20.13
O2' GTP G . -28.02 -20.22 -19.44
C1' GTP G . -28.47 -18.66 -21.26
N9 GTP G . -27.93 -19.01 -22.58
C8 GTP G . -27.01 -18.28 -23.28
N7 GTP G . -26.78 -18.90 -24.47
C5 GTP G . -27.57 -20.00 -24.54
C6 GTP G . -27.74 -20.97 -25.51
O6 GTP G . -27.09 -20.92 -26.56
N1 GTP G . -28.63 -22.00 -25.30
C2 GTP G . -29.35 -22.06 -24.12
N2 GTP G . -30.21 -23.05 -23.92
N3 GTP G . -29.18 -21.09 -23.16
C4 GTP G . -28.30 -20.07 -23.35
H4' GTP G . -28.82 -16.27 -19.41
H3' GTP G . -26.48 -17.73 -18.84
HO3' GTP G . -28.86 -18.95 -18.25
H2' GTP G . -26.56 -19.40 -20.53
HO2' GTP G . -28.98 -20.32 -19.58
H1' GTP G . -29.42 -19.18 -21.11
H8 GTP G . -26.52 -17.37 -22.95
HN1 GTP G . -28.76 -22.74 -26.03
HN21 GTP G . -30.74 -23.10 -23.07
HN22 GTP G . -30.33 -23.77 -24.64
MG MG H . -24.79 -11.46 -24.88
CA CA I . -44.50 -21.60 -52.51
CA CA J . -51.63 -8.12 -25.19
O1 MES K . -14.90 4.27 -11.24
C2 MES K . -14.46 3.92 -12.55
C3 MES K . -15.53 4.18 -13.58
N4 MES K . -16.76 3.50 -13.16
C5 MES K . -17.20 3.71 -11.79
C6 MES K . -16.02 3.48 -10.86
C7 MES K . -17.81 3.45 -14.18
C8 MES K . -18.56 2.14 -14.07
S MES K . -19.74 2.07 -15.26
O1S MES K . -20.37 3.40 -15.38
O2S MES K . -19.13 1.68 -16.55
O3S MES K . -20.77 1.07 -14.90
H21 MES K . -14.18 2.86 -12.56
H22 MES K . -13.56 4.50 -12.79
H31 MES K . -15.22 3.81 -14.56
H32 MES K . -15.71 5.25 -13.66
H51 MES K . -18.01 3.02 -11.55
H52 MES K . -17.58 4.72 -11.67
H61 MES K . -16.30 3.73 -9.83
H62 MES K . -15.73 2.42 -10.88
H71 MES K . -17.37 3.55 -15.17
H72 MES K . -18.49 4.30 -14.05
H81 MES K . -19.03 2.06 -13.09
H82 MES K . -17.88 1.30 -14.19
CA CA L . -4.43 19.44 -23.61
CA CA M . 8.49 21.96 -12.46
N1 W4Q N . 13.51 -6.53 -2.49
C4 W4Q N . 12.62 -4.72 1.29
C5 W4Q N . 13.74 -5.41 1.13
C6 W4Q N . 14.04 -6.05 -0.21
C7 W4Q N . 12.90 -7.83 -2.86
C8 W4Q N . 13.19 -8.41 -4.08
C10 W4Q N . 14.73 -6.42 -4.64
C13 W4Q N . 11.95 -8.51 -1.89
C15 W4Q N . 14.90 -2.09 -2.52
C17 W4Q N . 17.08 -3.22 -2.48
C20 W4Q N . 9.61 -8.93 -1.25
C21 W4Q N . 10.15 -9.74 -0.08
C22 W4Q N . 11.46 -9.87 0.09
C24 W4Q N . 12.57 -9.74 -4.45
C26 W4Q N . 14.30 -5.09 3.44
C1 W4Q N . 13.20 -5.92 -1.22
C11 W4Q N . 14.44 -5.84 -3.42
C12 W4Q N . 15.05 -4.50 -3.03
C14 W4Q N . 14.29 -3.44 -2.89
C16 W4Q N . 16.19 -1.99 -2.33
C18 W4Q N . 16.56 -4.39 -2.81
C19 W4Q N . 10.45 -8.36 -2.09
C2 W4Q N . 11.92 -5.12 -1.05
C23 W4Q N . 12.42 -9.20 -0.88
C25 W4Q N . 9.38 -4.17 -0.52
C3 W4Q N . 11.65 -4.57 0.11
C9 W4Q N . 14.12 -7.72 -5.02
F1 W4Q N . 9.28 -10.34 0.79
O1 W4Q N . 14.42 -8.32 -6.25
O2 W4Q N . 10.47 -3.82 0.28
O3 W4Q N . 14.67 -5.59 2.17
CL1 W4Q N . 15.53 -7.00 -0.47
H2 W4Q N . 12.40 -4.26 2.23
H3 W4Q N . 15.41 -5.92 -5.33
H5 W4Q N . 14.26 -1.22 -2.40
H7 W4Q N . 18.15 -3.14 -2.33
H10 W4Q N . 8.54 -8.83 -1.39
H11 W4Q N . 11.84 -10.45 0.93
H13 W4Q N . 11.50 -9.61 -4.62
H14 W4Q N . 13.03 -10.13 -5.35
H15 W4Q N . 12.72 -10.45 -3.64
H20 W4Q N . 13.32 -5.49 3.71
H19 W4Q N . 14.25 -4.01 3.40
H21 W4Q N . 15.04 -5.39 4.17
H4 W4Q N . 13.22 -3.52 -3.05
H6 W4Q N . 16.63 -1.04 -2.06
H8 W4Q N . 17.20 -5.26 -2.91
H9 W4Q N . 10.06 -7.77 -2.92
H1 W4Q N . 11.24 -5.01 -1.88
H12 W4Q N . 13.48 -9.30 -0.74
H17 W4Q N . 9.54 -3.81 -1.53
H16 W4Q N . 8.47 -3.74 -0.12
H18 W4Q N . 9.28 -5.25 -0.55
O4 LOC O . -19.07 -17.60 -16.65
C12 LOC O . -20.16 -17.13 -16.67
C13 LOC O . -21.37 -17.99 -17.00
N1 LOC O . -20.34 -15.72 -16.39
C11 LOC O . -19.18 -14.88 -16.08
C14 LOC O . -19.00 -14.80 -14.55
C15 LOC O . -20.25 -14.34 -13.77
C10 LOC O . -19.41 -13.49 -16.66
C9 LOC O . -18.49 -12.44 -16.03
C8 LOC O . -17.03 -12.91 -16.16
C7 LOC O . -16.15 -12.52 -17.18
C5 LOC O . -14.86 -13.01 -17.23
C3 LOC O . -14.43 -13.91 -16.27
C1 LOC O . -15.29 -14.32 -15.27
O1 LOC O . -14.88 -15.24 -14.30
C2 LOC O . -15.13 -16.57 -14.66
O2 LOC O . -13.12 -14.41 -16.33
C4 LOC O . -12.28 -13.86 -15.35
O3 LOC O . -14.00 -12.58 -18.26
C6 LOC O . -12.88 -11.87 -17.82
C22 LOC O . -16.61 -13.84 -15.21
C21 LOC O . -17.64 -14.23 -14.11
C20 LOC O . -17.22 -14.24 -12.63
C19 LOC O . -18.21 -13.83 -11.55
C17 LOC O . -19.43 -14.70 -11.28
C16 LOC O . -20.52 -14.80 -12.34
O5 LOC O . -21.59 -15.23 -12.05
O6 LOC O . -19.38 -15.64 -10.24
C18 LOC O . -19.59 -15.09 -8.97
H13 LOC O . -21.15 -18.61 -17.87
H13A LOC O . -22.22 -17.36 -17.22
H13B LOC O . -21.60 -18.64 -16.15
HN1 LOC O . -21.26 -15.32 -16.41
H11 LOC O . -18.31 -15.35 -16.53
H15 LOC O . -20.95 -13.66 -14.24
H10 LOC O . -20.44 -13.20 -16.45
H10A LOC O . -19.20 -13.52 -17.72
H9 LOC O . -18.61 -11.50 -16.56
H9A LOC O . -18.74 -12.33 -14.98
H7 LOC O . -16.50 -11.82 -17.92
H2 LOC O . -14.21 -17.13 -14.58
H2A LOC O . -15.50 -16.61 -15.68
H2B LOC O . -15.88 -16.98 -14.00
H4 LOC O . -12.37 -12.78 -15.36
H4A LOC O . -11.25 -14.14 -15.54
H4B LOC O . -12.58 -14.22 -14.37
H6 LOC O . -13.11 -11.39 -16.87
H6A LOC O . -12.05 -12.55 -17.68
H6B LOC O . -12.62 -11.12 -18.56
H20 LOC O . -16.22 -14.54 -12.36
H19 LOC O . -18.06 -12.92 -10.98
H18 LOC O . -19.86 -14.04 -9.07
H18A LOC O . -18.67 -15.16 -8.39
H18B LOC O . -20.38 -15.63 -8.47
PB GDP P . 7.27 4.83 -7.80
O1B GDP P . 8.19 4.47 -8.95
O2B GDP P . 5.93 5.29 -8.30
O3B GDP P . 7.87 5.91 -6.95
O3A GDP P . 6.96 3.54 -6.91
PA GDP P . 8.05 2.42 -6.56
O1A GDP P . 9.46 2.97 -6.60
O2A GDP P . 7.89 1.24 -7.48
O5' GDP P . 7.56 2.03 -5.08
C5' GDP P . 8.32 1.18 -4.23
C4' GDP P . 7.40 0.08 -3.76
O4' GDP P . 6.87 -0.52 -4.94
C3' GDP P . 8.09 -0.98 -2.94
O3' GDP P . 7.58 -0.98 -1.61
C2' GDP P . 7.80 -2.30 -3.65
O2' GDP P . 6.88 -3.08 -2.86
C1' GDP P . 7.15 -1.93 -4.97
N9 GDP P . 8.05 -2.21 -6.11
C8 GDP P . 9.03 -1.39 -6.56
N7 GDP P . 9.66 -1.94 -7.64
C5 GDP P . 9.08 -3.12 -7.89
C6 GDP P . 9.27 -4.20 -8.88
O6 GDP P . 10.15 -4.14 -9.77
N1 GDP P . 8.47 -5.26 -8.81
C2 GDP P . 7.50 -5.37 -7.86
N2 GDP P . 6.72 -6.47 -7.85
N3 GDP P . 7.27 -4.42 -6.93
C4 GDP P . 8.03 -3.29 -6.89
H4' GDP P . 6.62 0.52 -3.11
H3' GDP P . 9.17 -0.82 -2.86
HO3' GDP P . 8.08 -1.62 -1.06
H2' GDP P . 8.71 -2.90 -3.79
HO2' GDP P . 7.34 -3.43 -2.08
H1' GDP P . 6.24 -2.53 -5.08
H8 GDP P . 9.28 -0.43 -6.13
HN1 GDP P . 8.58 -6.03 -9.50
HN21 GDP P . 6.86 -7.21 -8.52
HN22 GDP P . 6.00 -6.57 -7.16
MG MG Q . 14.41 4.14 -5.94
PG GTP R . 39.36 29.78 9.05
O1G GTP R . 40.72 29.15 8.90
O2G GTP R . 39.29 31.10 8.31
O3G GTP R . 39.09 30.10 10.51
O3B GTP R . 38.21 28.79 8.47
PB GTP R . 38.47 27.28 7.95
O1B GTP R . 39.53 27.22 6.88
O2B GTP R . 37.17 26.70 7.43
O3A GTP R . 38.99 26.48 9.25
PA GTP R . 38.91 24.88 9.41
O1A GTP R . 40.27 24.27 9.14
O2A GTP R . 37.87 24.23 8.52
O5' GTP R . 38.53 24.73 10.97
C5' GTP R . 39.26 23.93 11.87
C4' GTP R . 38.44 22.69 12.23
O4' GTP R . 38.18 21.96 11.05
C3' GTP R . 39.17 21.77 13.19
O3' GTP R . 38.38 21.66 14.36
C2' GTP R . 39.27 20.42 12.52
O2' GTP R . 38.71 19.43 13.35
C1' GTP R . 38.52 20.59 11.19
N9 GTP R . 39.31 20.25 10.01
C8 GTP R . 40.17 21.08 9.34
N7 GTP R . 40.68 20.41 8.27
C5 GTP R . 40.13 19.18 8.24
C6 GTP R . 40.28 18.11 7.37
O6 GTP R . 41.04 18.18 6.41
N1 GTP R . 39.56 16.94 7.60
C2 GTP R . 38.71 16.86 8.67
N2 GTP R . 38.02 15.74 8.90
N3 GTP R . 38.56 17.92 9.54
C4 GTP R . 39.26 19.06 9.31
H4' GTP R . 37.53 23.03 12.70
H3' GTP R . 40.15 22.14 13.45
HO3' GTP R . 37.98 20.77 14.40
H2' GTP R . 40.29 20.10 12.33
HO2' GTP R . 37.83 19.16 13.00
H1' GTP R . 37.66 19.92 11.26
H8 GTP R . 40.41 22.10 9.63
HN1 GTP R . 39.67 16.14 6.95
HN21 GTP R . 37.40 15.67 9.69
HN22 GTP R . 38.13 14.95 8.27
MG MG S . 41.79 28.32 7.02
CA CA T . 33.85 13.27 -23.16
CA CA U . 28.70 11.02 -20.80
MG MG V . 68.73 55.21 24.13
CA CA W . 73.85 44.12 33.26
PG GTP X . 66.78 55.82 26.39
O1G GTP X . 66.05 56.67 27.42
O2G GTP X . 68.02 55.27 27.04
O3G GTP X . 67.16 56.67 25.20
O3B GTP X . 65.76 54.66 25.91
PB GTP X . 66.22 53.16 25.57
O1B GTP X . 65.03 52.36 25.07
O2B GTP X . 67.35 53.11 24.56
O3A GTP X . 66.67 52.60 27.00
PA GTP X . 66.97 51.04 27.24
O1A GTP X . 66.39 50.23 26.10
O2A GTP X . 68.45 50.78 27.37
O5' GTP X . 66.20 50.73 28.63
C5' GTP X . 66.88 50.41 29.82
C4' GTP X . 66.48 49.01 30.29
O4' GTP X . 66.61 48.10 29.22
C3' GTP X . 67.33 48.51 31.43
O3' GTP X . 66.49 48.18 32.51
C2' GTP X . 68.04 47.28 30.91
O2' GTP X . 68.04 46.25 31.86
C1' GTP X . 67.27 46.92 29.65
N9 GTP X . 68.15 46.47 28.55
C8 GTP X . 69.00 47.24 27.81
N7 GTP X . 69.61 46.45 26.89
C5 GTP X . 69.15 45.19 27.04
C6 GTP X . 69.44 43.99 26.38
O6 GTP X . 70.25 43.95 25.45
N1 GTP X . 68.79 42.83 26.77
C2 GTP X . 67.89 42.86 27.81
N2 GTP X . 67.28 41.75 28.17
N3 GTP X . 67.61 44.04 28.46
C4 GTP X . 68.24 45.19 28.08
H4' GTP X . 65.44 49.08 30.62
H3' GTP X . 68.05 49.26 31.79
HO3' GTP X . 66.56 47.22 32.69
H2' GTP X . 69.10 47.46 30.70
HO2' GTP X . 67.65 45.45 31.48
H1' GTP X . 66.59 46.11 29.90
H8 GTP X . 69.16 48.31 27.93
HN1 GTP X . 69.00 41.94 26.29
HN21 GTP X . 66.61 41.75 28.94
HN22 GTP X . 67.48 40.87 27.70
O4 LOC Y . 46.55 24.42 17.24
C12 LOC Y . 45.54 24.72 16.70
C13 LOC Y . 44.53 23.65 16.28
N1 LOC Y . 45.23 26.12 16.46
C11 LOC Y . 46.18 27.15 16.86
C14 LOC Y . 46.04 27.43 18.37
C15 LOC Y . 44.65 27.85 18.87
C10 LOC Y . 45.88 28.43 16.07
C9 LOC Y . 46.48 29.67 16.73
C8 LOC Y . 47.99 29.43 16.95
C7 LOC Y . 48.99 29.91 16.09
C5 LOC Y . 50.33 29.67 16.34
C3 LOC Y . 50.70 28.94 17.45
C1 LOC Y . 49.72 28.45 18.30
O1 LOC Y . 50.10 27.71 19.42
C2 LOC Y . 50.06 26.32 19.21
O2 LOC Y . 52.05 28.69 17.72
C4 LOC Y . 52.76 29.83 18.11
O3 LOC Y . 51.30 30.18 15.46
C6 LOC Y . 51.57 31.54 15.68
C22 LOC Y . 48.37 28.68 18.06
C21 LOC Y . 47.22 28.16 19.00
C20 LOC Y . 47.07 28.79 20.40
C19 LOC Y . 46.38 28.01 21.52
C17 LOC Y . 44.87 27.80 21.52
C16 LOC Y . 44.13 27.42 20.24
O5 LOC Y . 43.13 26.79 20.31
O6 LOC Y . 44.24 27.49 22.73
C18 LOC Y . 44.79 28.12 23.86
H13 LOC Y . 43.55 24.09 16.17
H13A LOC Y . 44.84 23.22 15.33
H13B LOC Y . 44.50 22.87 17.03
HN1 LOC Y . 44.37 26.37 16.01
H11 LOC Y . 47.18 26.79 16.65
H15 LOC Y . 44.02 28.46 18.23
H10 LOC Y . 44.80 28.55 16.01
H10A LOC Y . 46.31 28.32 15.08
H9 LOC Y . 46.35 30.51 16.07
H9A LOC Y . 46.00 29.81 17.69
H7 LOC Y . 48.70 30.48 15.22
H2 LOC Y . 50.98 25.87 19.52
H2A LOC Y . 49.89 26.13 18.15
H2B LOC Y . 49.23 25.90 19.78
H4 LOC Y . 52.08 30.66 18.23
H4A LOC Y . 53.49 30.08 17.34
H4B LOC Y . 53.27 29.64 19.05
H6 LOC Y . 51.27 32.11 14.80
H6A LOC Y . 51.02 31.88 16.54
H6B LOC Y . 52.64 31.67 15.85
H20 LOC Y . 47.45 29.78 20.59
H19 LOC Y . 46.98 27.59 22.32
H18 LOC Y . 44.08 28.08 24.68
H18A LOC Y . 45.03 29.15 23.62
H18B LOC Y . 45.70 27.59 24.14
MG MG Z . -53.10 -36.10 15.49
PG ACP AA . -52.24 -38.28 18.22
O1G ACP AA . -51.78 -37.02 18.85
O2G ACP AA . -51.20 -39.47 18.56
O3G ACP AA . -52.35 -38.09 16.62
PB ACP AA . -55.06 -37.44 18.39
O1B ACP AA . -55.10 -37.32 16.92
O2B ACP AA . -54.64 -36.03 19.03
C3B ACP AA . -53.87 -38.71 18.88
PA ACP AA . -57.39 -38.98 18.17
O1A ACP AA . -56.43 -39.95 17.50
O2A ACP AA . -58.46 -38.30 17.36
O3A ACP AA . -56.51 -37.87 18.95
O5' ACP AA . -58.05 -39.73 19.42
C5' ACP AA . -57.34 -39.77 20.66
C4' ACP AA . -57.97 -40.78 21.59
O4' ACP AA . -59.37 -40.89 21.32
C3' ACP AA . -57.37 -42.16 21.40
O3' ACP AA . -56.41 -42.43 22.42
C2' ACP AA . -58.54 -43.12 21.43
O2' ACP AA . -58.53 -43.89 22.64
C1' ACP AA . -59.79 -42.26 21.38
N9 ACP AA . -60.59 -42.58 20.17
C8 ACP AA . -60.47 -41.98 18.97
N7 ACP AA . -61.34 -42.49 18.07
C5 ACP AA . -62.04 -43.45 18.69
C6 ACP AA . -63.13 -44.39 18.32
N6 ACP AA . -63.64 -44.41 17.06
N1 ACP AA . -63.59 -45.23 19.26
C2 ACP AA . -63.10 -45.24 20.51
N3 ACP AA . -62.11 -44.40 20.92
C4 ACP AA . -61.55 -43.51 20.07
H3B1 ACP AA . -53.82 -38.77 19.97
H3B2 ACP AA . -54.19 -39.69 18.51
H5'1 ACP AA . -57.35 -38.78 21.12
H5'2 ACP AA . -56.29 -40.03 20.47
H4' ACP AA . -57.80 -40.43 22.63
H3' ACP AA . -56.83 -42.24 20.44
HO3' ACP AA . -55.84 -43.16 22.14
H2' ACP AA . -58.49 -43.84 20.61
HO2' ACP AA . -57.75 -44.47 22.65
H1' ACP AA . -60.41 -42.46 22.27
H8 ACP AA . -59.76 -41.19 18.75
HN61 ACP AA . -64.38 -45.05 16.83
HN62 ACP AA . -63.28 -43.77 16.36
H2 ACP AA . -63.50 -45.93 21.23
#